data_5TKO
# 
_entry.id   5TKO 
# 
_audit_conform.dict_name       mmcif_pdbx.dic 
_audit_conform.dict_version    5.379 
_audit_conform.dict_location   http://mmcif.pdb.org/dictionaries/ascii/mmcif_pdbx.dic 
# 
loop_
_database_2.database_id 
_database_2.database_code 
_database_2.pdbx_database_accession 
_database_2.pdbx_DOI 
PDB   5TKO         pdb_00005tko 10.2210/pdb5tko/pdb 
WWPDB D_1000224414 ?            ?                   
# 
_pdbx_database_status.status_code                     REL 
_pdbx_database_status.status_code_sf                  REL 
_pdbx_database_status.status_code_mr                  ? 
_pdbx_database_status.entry_id                        5TKO 
_pdbx_database_status.recvd_initial_deposition_date   2016-10-07 
_pdbx_database_status.SG_entry                        N 
_pdbx_database_status.deposit_site                    RCSB 
_pdbx_database_status.process_site                    RCSB 
_pdbx_database_status.status_code_cs                  ? 
_pdbx_database_status.methods_development_category    ? 
_pdbx_database_status.pdb_format_compatible           Y 
_pdbx_database_status.status_code_nmr_data            ? 
# 
loop_
_audit_author.name 
_audit_author.pdbx_ordinal 
'Luo, Z.'   1 
'Sheng, J.' 2 
# 
_citation.abstract                  ? 
_citation.abstract_id_CAS           ? 
_citation.book_id_ISBN              ? 
_citation.book_publisher            ? 
_citation.book_publisher_city       ? 
_citation.book_title                ? 
_citation.coordinate_linkage        ? 
_citation.country                   ? 
_citation.database_id_Medline       ? 
_citation.details                   ? 
_citation.id                        primary 
_citation.journal_abbrev            'To Be Published' 
_citation.journal_id_ASTM           ? 
_citation.journal_id_CSD            0353 
_citation.journal_id_ISSN           ? 
_citation.journal_full              ? 
_citation.journal_issue             ? 
_citation.journal_volume            ? 
_citation.language                  ? 
_citation.page_first                ? 
_citation.page_last                 ? 
_citation.title                     
;RNA heptamer duplex with one 2'-5'-linkage
;
_citation.year                      ? 
_citation.database_id_CSD           ? 
_citation.pdbx_database_id_DOI      ? 
_citation.pdbx_database_id_PubMed   ? 
_citation.unpublished_flag          ? 
# 
loop_
_citation_author.citation_id 
_citation_author.name 
_citation_author.ordinal 
_citation_author.identifier_ORCID 
primary 'Luo, Z.'   1 ? 
primary 'Sheng, J.' 2 ? 
primary 'Wang, R.'  3 ? 
# 
_cell.angle_alpha                  90.00 
_cell.angle_alpha_esd              ? 
_cell.angle_beta                   95.95 
_cell.angle_beta_esd               ? 
_cell.angle_gamma                  90.00 
_cell.angle_gamma_esd              ? 
_cell.entry_id                     5TKO 
_cell.details                      ? 
_cell.formula_units_Z              ? 
_cell.length_a                     26.541 
_cell.length_a_esd                 ? 
_cell.length_b                     52.941 
_cell.length_b_esd                 ? 
_cell.length_c                     27.732 
_cell.length_c_esd                 ? 
_cell.volume                       ? 
_cell.volume_esd                   ? 
_cell.Z_PDB                        4 
_cell.reciprocal_angle_alpha       ? 
_cell.reciprocal_angle_beta        ? 
_cell.reciprocal_angle_gamma       ? 
_cell.reciprocal_angle_alpha_esd   ? 
_cell.reciprocal_angle_beta_esd    ? 
_cell.reciprocal_angle_gamma_esd   ? 
_cell.reciprocal_length_a          ? 
_cell.reciprocal_length_b          ? 
_cell.reciprocal_length_c          ? 
_cell.reciprocal_length_a_esd      ? 
_cell.reciprocal_length_b_esd      ? 
_cell.reciprocal_length_c_esd      ? 
_cell.pdbx_unique_axis             ? 
# 
_symmetry.entry_id                         5TKO 
_symmetry.cell_setting                     ? 
_symmetry.Int_Tables_number                4 
_symmetry.space_group_name_Hall            ? 
_symmetry.space_group_name_H-M             'P 1 21 1' 
_symmetry.pdbx_full_space_group_name_H-M   ? 
# 
loop_
_entity.id 
_entity.type 
_entity.src_method 
_entity.pdbx_description 
_entity.formula_weight 
_entity.pdbx_number_of_molecules 
_entity.pdbx_ec 
_entity.pdbx_mutation 
_entity.pdbx_fragment 
_entity.details 
1 polymer     syn 
;RNA (5'-R(*UP*AP*GP*CP*UP*CP*C)-3')
;
2157.331 2  ? ? ? ? 
2 polymer     syn 
;RNA (5'-R(*GP*GP*AP*GP*CP*UP*A)-3')
;
2260.419 2  ? ? ? ? 
3 non-polymer syn 'COBALT (II) ION'                     58.933   1  ? ? ? ? 
4 water       nat water                                 18.015   87 ? ? ? ? 
# 
loop_
_entity_poly.entity_id 
_entity_poly.type 
_entity_poly.nstd_linkage 
_entity_poly.nstd_monomer 
_entity_poly.pdbx_seq_one_letter_code 
_entity_poly.pdbx_seq_one_letter_code_can 
_entity_poly.pdbx_strand_id 
_entity_poly.pdbx_target_identifier 
1 polyribonucleotide no no UAGCUCC UAGCUCC A,C ? 
2 polyribonucleotide no no GGAGCUA GGAGCUA B,D ? 
# 
loop_
_entity_poly_seq.entity_id 
_entity_poly_seq.num 
_entity_poly_seq.mon_id 
_entity_poly_seq.hetero 
1 1 U n 
1 2 A n 
1 3 G n 
1 4 C n 
1 5 U n 
1 6 C n 
1 7 C n 
2 1 G n 
2 2 G n 
2 3 A n 
2 4 G n 
2 5 C n 
2 6 U n 
2 7 A n 
# 
loop_
_pdbx_entity_src_syn.entity_id 
_pdbx_entity_src_syn.pdbx_src_id 
_pdbx_entity_src_syn.pdbx_alt_source_flag 
_pdbx_entity_src_syn.pdbx_beg_seq_num 
_pdbx_entity_src_syn.pdbx_end_seq_num 
_pdbx_entity_src_syn.organism_scientific 
_pdbx_entity_src_syn.organism_common_name 
_pdbx_entity_src_syn.ncbi_taxonomy_id 
_pdbx_entity_src_syn.details 
1 1 sample 1 7 unidentified ? 32644 ? 
2 1 sample 1 7 unidentified ? 32644 ? 
# 
loop_
_struct_ref.id 
_struct_ref.db_name 
_struct_ref.db_code 
_struct_ref.pdbx_db_accession 
_struct_ref.pdbx_db_isoform 
_struct_ref.entity_id 
_struct_ref.pdbx_seq_one_letter_code 
_struct_ref.pdbx_align_begin 
1 PDB 5TKO 5TKO ? 1 ? 1 
2 PDB 5TKO 5TKO ? 2 ? 1 
# 
loop_
_struct_ref_seq.align_id 
_struct_ref_seq.ref_id 
_struct_ref_seq.pdbx_PDB_id_code 
_struct_ref_seq.pdbx_strand_id 
_struct_ref_seq.seq_align_beg 
_struct_ref_seq.pdbx_seq_align_beg_ins_code 
_struct_ref_seq.seq_align_end 
_struct_ref_seq.pdbx_seq_align_end_ins_code 
_struct_ref_seq.pdbx_db_accession 
_struct_ref_seq.db_align_beg 
_struct_ref_seq.pdbx_db_align_beg_ins_code 
_struct_ref_seq.db_align_end 
_struct_ref_seq.pdbx_db_align_end_ins_code 
_struct_ref_seq.pdbx_auth_seq_align_beg 
_struct_ref_seq.pdbx_auth_seq_align_end 
1 1 5TKO A 1 ? 7 ? 5TKO 1 ? 7  ? 1 7  
2 2 5TKO B 1 ? 7 ? 5TKO 8 ? 14 ? 8 14 
3 1 5TKO C 1 ? 7 ? 5TKO 1 ? 7  ? 1 7  
4 2 5TKO D 1 ? 7 ? 5TKO 8 ? 14 ? 8 14 
# 
loop_
_chem_comp.id 
_chem_comp.type 
_chem_comp.mon_nstd_flag 
_chem_comp.name 
_chem_comp.pdbx_synonyms 
_chem_comp.formula 
_chem_comp.formula_weight 
A   'RNA linking' y "ADENOSINE-5'-MONOPHOSPHATE" ? 'C10 H14 N5 O7 P' 347.221 
C   'RNA linking' y "CYTIDINE-5'-MONOPHOSPHATE"  ? 'C9 H14 N3 O8 P'  323.197 
CO  non-polymer   . 'COBALT (II) ION'            ? 'Co 2'            58.933  
G   'RNA linking' y "GUANOSINE-5'-MONOPHOSPHATE" ? 'C10 H14 N5 O8 P' 363.221 
HOH non-polymer   . WATER                        ? 'H2 O'            18.015  
U   'RNA linking' y "URIDINE-5'-MONOPHOSPHATE"   ? 'C9 H13 N2 O9 P'  324.181 
# 
_exptl.absorpt_coefficient_mu     ? 
_exptl.absorpt_correction_T_max   ? 
_exptl.absorpt_correction_T_min   ? 
_exptl.absorpt_correction_type    ? 
_exptl.absorpt_process_details    ? 
_exptl.entry_id                   5TKO 
_exptl.crystals_number            1 
_exptl.details                    ? 
_exptl.method                     'X-RAY DIFFRACTION' 
_exptl.method_details             ? 
# 
_exptl_crystal.colour                      ? 
_exptl_crystal.density_diffrn              ? 
_exptl_crystal.density_Matthews            2.19 
_exptl_crystal.density_method              ? 
_exptl_crystal.density_percent_sol         43.92 
_exptl_crystal.description                 ? 
_exptl_crystal.F_000                       ? 
_exptl_crystal.id                          1 
_exptl_crystal.preparation                 ? 
_exptl_crystal.size_max                    ? 
_exptl_crystal.size_mid                    ? 
_exptl_crystal.size_min                    ? 
_exptl_crystal.size_rad                    ? 
_exptl_crystal.colour_lustre               ? 
_exptl_crystal.colour_modifier             ? 
_exptl_crystal.colour_primary              ? 
_exptl_crystal.density_meas                ? 
_exptl_crystal.density_meas_esd            ? 
_exptl_crystal.density_meas_gt             ? 
_exptl_crystal.density_meas_lt             ? 
_exptl_crystal.density_meas_temp           ? 
_exptl_crystal.density_meas_temp_esd       ? 
_exptl_crystal.density_meas_temp_gt        ? 
_exptl_crystal.density_meas_temp_lt        ? 
_exptl_crystal.pdbx_crystal_image_url      ? 
_exptl_crystal.pdbx_crystal_image_format   ? 
_exptl_crystal.pdbx_mosaicity              ? 
_exptl_crystal.pdbx_mosaicity_esd          ? 
# 
_exptl_crystal_grow.apparatus       ? 
_exptl_crystal_grow.atmosphere      ? 
_exptl_crystal_grow.crystal_id      1 
_exptl_crystal_grow.details         ? 
_exptl_crystal_grow.method          'VAPOR DIFFUSION, SITTING DROP' 
_exptl_crystal_grow.method_ref      ? 
_exptl_crystal_grow.pH              5.5 
_exptl_crystal_grow.pressure        ? 
_exptl_crystal_grow.pressure_esd    ? 
_exptl_crystal_grow.seeding         ? 
_exptl_crystal_grow.seeding_ref     ? 
_exptl_crystal_grow.temp            293 
_exptl_crystal_grow.temp_details    ? 
_exptl_crystal_grow.temp_esd        ? 
_exptl_crystal_grow.time            ? 
_exptl_crystal_grow.pdbx_details    
;Precipitant: 40 mM sodium cacodylate pH5.5, 10% (v/v) MPD, 20 mM hexamine cobalt (III) chloride, 20mM MgCl2

Reservoir: 35% (v/v) MPD
;
_exptl_crystal_grow.pdbx_pH_range   ? 
# 
_diffrn.ambient_environment    ? 
_diffrn.ambient_temp           100 
_diffrn.ambient_temp_details   ? 
_diffrn.ambient_temp_esd       ? 
_diffrn.crystal_id             1 
_diffrn.crystal_support        ? 
_diffrn.crystal_treatment      ? 
_diffrn.details                ? 
_diffrn.id                     1 
_diffrn.ambient_pressure       ? 
_diffrn.ambient_pressure_esd   ? 
_diffrn.ambient_pressure_gt    ? 
_diffrn.ambient_pressure_lt    ? 
_diffrn.ambient_temp_gt        ? 
_diffrn.ambient_temp_lt        ? 
# 
_diffrn_detector.details                      ? 
_diffrn_detector.detector                     CCD 
_diffrn_detector.diffrn_id                    1 
_diffrn_detector.type                         'RAYONIX MX300-HS' 
_diffrn_detector.area_resol_mean              ? 
_diffrn_detector.dtime                        ? 
_diffrn_detector.pdbx_frames_total            ? 
_diffrn_detector.pdbx_collection_time_total   ? 
_diffrn_detector.pdbx_collection_date         2015-12-05 
# 
_diffrn_radiation.collimation                      ? 
_diffrn_radiation.diffrn_id                        1 
_diffrn_radiation.filter_edge                      ? 
_diffrn_radiation.inhomogeneity                    ? 
_diffrn_radiation.monochromator                    ? 
_diffrn_radiation.polarisn_norm                    ? 
_diffrn_radiation.polarisn_ratio                   ? 
_diffrn_radiation.probe                            ? 
_diffrn_radiation.type                             ? 
_diffrn_radiation.xray_symbol                      ? 
_diffrn_radiation.wavelength_id                    1 
_diffrn_radiation.pdbx_monochromatic_or_laue_m_l   M 
_diffrn_radiation.pdbx_wavelength_list             ? 
_diffrn_radiation.pdbx_wavelength                  ? 
_diffrn_radiation.pdbx_diffrn_protocol             'SINGLE WAVELENGTH' 
_diffrn_radiation.pdbx_analyzer                    ? 
_diffrn_radiation.pdbx_scattering_type             x-ray 
# 
_diffrn_radiation_wavelength.id           1 
_diffrn_radiation_wavelength.wavelength   1.0 
_diffrn_radiation_wavelength.wt           1.0 
# 
_diffrn_source.current                     ? 
_diffrn_source.details                     ? 
_diffrn_source.diffrn_id                   1 
_diffrn_source.power                       ? 
_diffrn_source.size                        ? 
_diffrn_source.source                      SYNCHROTRON 
_diffrn_source.target                      ? 
_diffrn_source.type                        'APS BEAMLINE 22-ID' 
_diffrn_source.voltage                     ? 
_diffrn_source.take-off_angle              ? 
_diffrn_source.pdbx_wavelength_list        1.0 
_diffrn_source.pdbx_wavelength             ? 
_diffrn_source.pdbx_synchrotron_beamline   22-ID 
_diffrn_source.pdbx_synchrotron_site       APS 
# 
_reflns.B_iso_Wilson_estimate            ? 
_reflns.entry_id                         5TKO 
_reflns.data_reduction_details           ? 
_reflns.data_reduction_method            ? 
_reflns.d_resolution_high                1.52 
_reflns.d_resolution_low                 30 
_reflns.details                          ? 
_reflns.limit_h_max                      ? 
_reflns.limit_h_min                      ? 
_reflns.limit_k_max                      ? 
_reflns.limit_k_min                      ? 
_reflns.limit_l_max                      ? 
_reflns.limit_l_min                      ? 
_reflns.number_all                       ? 
_reflns.number_obs                       11869 
_reflns.observed_criterion               ? 
_reflns.observed_criterion_F_max         ? 
_reflns.observed_criterion_F_min         ? 
_reflns.observed_criterion_I_max         ? 
_reflns.observed_criterion_I_min         ? 
_reflns.observed_criterion_sigma_F       ? 
_reflns.observed_criterion_sigma_I       ? 
_reflns.percent_possible_obs             99.8 
_reflns.R_free_details                   ? 
_reflns.Rmerge_F_all                     ? 
_reflns.Rmerge_F_obs                     ? 
_reflns.Friedel_coverage                 ? 
_reflns.number_gt                        ? 
_reflns.threshold_expression             ? 
_reflns.pdbx_redundancy                  6.1 
_reflns.pdbx_Rmerge_I_obs                0.083 
_reflns.pdbx_Rmerge_I_all                ? 
_reflns.pdbx_Rsym_value                  ? 
_reflns.pdbx_netI_over_av_sigmaI         ? 
_reflns.pdbx_netI_over_sigmaI            17.8 
_reflns.pdbx_res_netI_over_av_sigmaI_2   ? 
_reflns.pdbx_res_netI_over_sigmaI_2      ? 
_reflns.pdbx_chi_squared                 ? 
_reflns.pdbx_scaling_rejects             ? 
_reflns.pdbx_d_res_high_opt              ? 
_reflns.pdbx_d_res_low_opt               ? 
_reflns.pdbx_d_res_opt_method            ? 
_reflns.phase_calculation_details        ? 
_reflns.pdbx_Rrim_I_all                  ? 
_reflns.pdbx_Rpim_I_all                  ? 
_reflns.pdbx_d_opt                       ? 
_reflns.pdbx_number_measured_all         ? 
_reflns.pdbx_diffrn_id                   1 
_reflns.pdbx_ordinal                     1 
_reflns.pdbx_CC_half                     ? 
_reflns.pdbx_R_split                     ? 
# 
_reflns_shell.d_res_high                  1.52 
_reflns_shell.d_res_low                   1.57 
_reflns_shell.meanI_over_sigI_all         ? 
_reflns_shell.meanI_over_sigI_obs         1.95 
_reflns_shell.number_measured_all         ? 
_reflns_shell.number_measured_obs         ? 
_reflns_shell.number_possible             ? 
_reflns_shell.number_unique_all           ? 
_reflns_shell.number_unique_obs           ? 
_reflns_shell.percent_possible_all        100.0 
_reflns_shell.percent_possible_obs        ? 
_reflns_shell.Rmerge_F_all                ? 
_reflns_shell.Rmerge_F_obs                ? 
_reflns_shell.Rmerge_I_all                ? 
_reflns_shell.Rmerge_I_obs                ? 
_reflns_shell.meanI_over_sigI_gt          ? 
_reflns_shell.meanI_over_uI_all           ? 
_reflns_shell.meanI_over_uI_gt            ? 
_reflns_shell.number_measured_gt          ? 
_reflns_shell.number_unique_gt            ? 
_reflns_shell.percent_possible_gt         ? 
_reflns_shell.Rmerge_F_gt                 ? 
_reflns_shell.Rmerge_I_gt                 ? 
_reflns_shell.pdbx_redundancy             5.7 
_reflns_shell.pdbx_Rsym_value             ? 
_reflns_shell.pdbx_chi_squared            ? 
_reflns_shell.pdbx_netI_over_sigmaI_all   ? 
_reflns_shell.pdbx_netI_over_sigmaI_obs   ? 
_reflns_shell.pdbx_Rrim_I_all             ? 
_reflns_shell.pdbx_Rpim_I_all             ? 
_reflns_shell.pdbx_rejects                ? 
_reflns_shell.pdbx_ordinal                1 
_reflns_shell.pdbx_diffrn_id              1 
_reflns_shell.pdbx_CC_half                ? 
_reflns_shell.pdbx_R_split                ? 
# 
_refine.aniso_B[1][1]                            1.46 
_refine.aniso_B[1][2]                            -0.00 
_refine.aniso_B[1][3]                            0.07 
_refine.aniso_B[2][2]                            -1.05 
_refine.aniso_B[2][3]                            -0.00 
_refine.aniso_B[3][3]                            -0.41 
_refine.B_iso_max                                ? 
_refine.B_iso_mean                               16.635 
_refine.B_iso_min                                ? 
_refine.correlation_coeff_Fo_to_Fc               0.972 
_refine.correlation_coeff_Fo_to_Fc_free          0.962 
_refine.details                                  'HYDROGENS HAVE BEEN ADDED IN THE RIDING POSITIONS' 
_refine.diff_density_max                         ? 
_refine.diff_density_max_esd                     ? 
_refine.diff_density_min                         ? 
_refine.diff_density_min_esd                     ? 
_refine.diff_density_rms                         ? 
_refine.diff_density_rms_esd                     ? 
_refine.entry_id                                 5TKO 
_refine.pdbx_refine_id                           'X-RAY DIFFRACTION' 
_refine.ls_abs_structure_details                 ? 
_refine.ls_abs_structure_Flack                   ? 
_refine.ls_abs_structure_Flack_esd               ? 
_refine.ls_abs_structure_Rogers                  ? 
_refine.ls_abs_structure_Rogers_esd              ? 
_refine.ls_d_res_high                            1.52 
_refine.ls_d_res_low                             27.58 
_refine.ls_extinction_coef                       ? 
_refine.ls_extinction_coef_esd                   ? 
_refine.ls_extinction_expression                 ? 
_refine.ls_extinction_method                     ? 
_refine.ls_goodness_of_fit_all                   ? 
_refine.ls_goodness_of_fit_all_esd               ? 
_refine.ls_goodness_of_fit_obs                   ? 
_refine.ls_goodness_of_fit_obs_esd               ? 
_refine.ls_hydrogen_treatment                    ? 
_refine.ls_matrix_type                           ? 
_refine.ls_number_constraints                    ? 
_refine.ls_number_parameters                     ? 
_refine.ls_number_reflns_all                     ? 
_refine.ls_number_reflns_obs                     9775 
_refine.ls_number_reflns_R_free                  1115 
_refine.ls_number_reflns_R_work                  ? 
_refine.ls_number_restraints                     ? 
_refine.ls_percent_reflns_obs                    91.58 
_refine.ls_percent_reflns_R_free                 10.2 
_refine.ls_R_factor_all                          ? 
_refine.ls_R_factor_obs                          0.14744 
_refine.ls_R_factor_R_free                       0.17727 
_refine.ls_R_factor_R_free_error                 ? 
_refine.ls_R_factor_R_free_error_details         ? 
_refine.ls_R_factor_R_work                       0.14412 
_refine.ls_R_Fsqd_factor_obs                     ? 
_refine.ls_R_I_factor_obs                        ? 
_refine.ls_redundancy_reflns_all                 ? 
_refine.ls_redundancy_reflns_obs                 ? 
_refine.ls_restrained_S_all                      ? 
_refine.ls_restrained_S_obs                      ? 
_refine.ls_shift_over_esd_max                    ? 
_refine.ls_shift_over_esd_mean                   ? 
_refine.ls_structure_factor_coef                 ? 
_refine.ls_weighting_details                     ? 
_refine.ls_weighting_scheme                      ? 
_refine.ls_wR_factor_all                         ? 
_refine.ls_wR_factor_obs                         ? 
_refine.ls_wR_factor_R_free                      ? 
_refine.ls_wR_factor_R_work                      ? 
_refine.occupancy_max                            ? 
_refine.occupancy_min                            ? 
_refine.solvent_model_details                    ? 
_refine.solvent_model_param_bsol                 ? 
_refine.solvent_model_param_ksol                 ? 
_refine.ls_R_factor_gt                           ? 
_refine.ls_goodness_of_fit_gt                    ? 
_refine.ls_goodness_of_fit_ref                   ? 
_refine.ls_shift_over_su_max                     ? 
_refine.ls_shift_over_su_max_lt                  ? 
_refine.ls_shift_over_su_mean                    ? 
_refine.ls_shift_over_su_mean_lt                 ? 
_refine.pdbx_ls_sigma_I                          ? 
_refine.pdbx_ls_sigma_F                          ? 
_refine.pdbx_ls_sigma_Fsqd                       ? 
_refine.pdbx_data_cutoff_high_absF               ? 
_refine.pdbx_data_cutoff_high_rms_absF           ? 
_refine.pdbx_data_cutoff_low_absF                ? 
_refine.pdbx_isotropic_thermal_model             ? 
_refine.pdbx_ls_cross_valid_method               THROUGHOUT 
_refine.pdbx_method_to_determine_struct          'MOLECULAR REPLACEMENT' 
_refine.pdbx_starting_model                      4U37 
_refine.pdbx_stereochemistry_target_values       ? 
_refine.pdbx_R_Free_selection_details            RANDOM 
_refine.pdbx_stereochem_target_val_spec_case     ? 
_refine.pdbx_overall_ESU_R                       0.099 
_refine.pdbx_overall_ESU_R_Free                  0.075 
_refine.pdbx_solvent_vdw_probe_radii             1.20 
_refine.pdbx_solvent_ion_probe_radii             0.80 
_refine.pdbx_solvent_shrinkage_radii             0.80 
_refine.pdbx_real_space_R                        ? 
_refine.pdbx_density_correlation                 ? 
_refine.pdbx_pd_number_of_powder_patterns        ? 
_refine.pdbx_pd_number_of_points                 ? 
_refine.pdbx_pd_meas_number_of_points            ? 
_refine.pdbx_pd_proc_ls_prof_R_factor            ? 
_refine.pdbx_pd_proc_ls_prof_wR_factor           ? 
_refine.pdbx_pd_Marquardt_correlation_coeff      ? 
_refine.pdbx_pd_Fsqrd_R_factor                   ? 
_refine.pdbx_pd_ls_matrix_band_width             ? 
_refine.pdbx_overall_phase_error                 ? 
_refine.pdbx_overall_SU_R_free_Cruickshank_DPI   ? 
_refine.pdbx_overall_SU_R_free_Blow_DPI          ? 
_refine.pdbx_overall_SU_R_Blow_DPI               ? 
_refine.pdbx_TLS_residual_ADP_flag               ? 
_refine.pdbx_diffrn_id                           1 
_refine.overall_SU_B                             2.904 
_refine.overall_SU_ML                            0.046 
_refine.overall_SU_R_Cruickshank_DPI             ? 
_refine.overall_SU_R_free                        ? 
_refine.overall_FOM_free_R_set                   ? 
_refine.overall_FOM_work_R_set                   ? 
_refine.pdbx_average_fsc_overall                 ? 
_refine.pdbx_average_fsc_work                    ? 
_refine.pdbx_average_fsc_free                    ? 
# 
_refine_hist.pdbx_refine_id                   'X-RAY DIFFRACTION' 
_refine_hist.cycle_id                         1 
_refine_hist.pdbx_number_atoms_protein        0 
_refine_hist.pdbx_number_atoms_nucleic_acid   584 
_refine_hist.pdbx_number_atoms_ligand         1 
_refine_hist.number_atoms_solvent             87 
_refine_hist.number_atoms_total               672 
_refine_hist.d_res_high                       1.52 
_refine_hist.d_res_low                        27.58 
# 
loop_
_refine_ls_restr.pdbx_refine_id 
_refine_ls_restr.criterion 
_refine_ls_restr.dev_ideal 
_refine_ls_restr.dev_ideal_target 
_refine_ls_restr.number 
_refine_ls_restr.rejects 
_refine_ls_restr.type 
_refine_ls_restr.weight 
_refine_ls_restr.pdbx_restraint_function 
'X-RAY DIFFRACTION' ? 0.010  0.011  648 ? r_bond_refined_d             ? ? 
'X-RAY DIFFRACTION' ? 0.006  0.020  278 ? r_bond_other_d               ? ? 
'X-RAY DIFFRACTION' ? 1.708  1.270  998 ? r_angle_refined_deg          ? ? 
'X-RAY DIFFRACTION' ? 3.841  3.000  670 ? r_angle_other_deg            ? ? 
'X-RAY DIFFRACTION' ? ?      ?      ?   ? r_dihedral_angle_1_deg       ? ? 
'X-RAY DIFFRACTION' ? ?      ?      ?   ? r_dihedral_angle_2_deg       ? ? 
'X-RAY DIFFRACTION' ? ?      ?      ?   ? r_dihedral_angle_3_deg       ? ? 
'X-RAY DIFFRACTION' ? ?      ?      ?   ? r_dihedral_angle_4_deg       ? ? 
'X-RAY DIFFRACTION' ? 0.091  0.200  112 ? r_chiral_restr               ? ? 
'X-RAY DIFFRACTION' ? 0.020  0.020  328 ? r_gen_planes_refined         ? ? 
'X-RAY DIFFRACTION' ? 0.003  0.020  146 ? r_gen_planes_other           ? ? 
'X-RAY DIFFRACTION' ? ?      ?      ?   ? r_nbd_refined                ? ? 
'X-RAY DIFFRACTION' ? ?      ?      ?   ? r_nbd_other                  ? ? 
'X-RAY DIFFRACTION' ? ?      ?      ?   ? r_nbtor_refined              ? ? 
'X-RAY DIFFRACTION' ? ?      ?      ?   ? r_nbtor_other                ? ? 
'X-RAY DIFFRACTION' ? ?      ?      ?   ? r_xyhbond_nbd_refined        ? ? 
'X-RAY DIFFRACTION' ? ?      ?      ?   ? r_xyhbond_nbd_other          ? ? 
'X-RAY DIFFRACTION' ? ?      ?      ?   ? r_metal_ion_refined          ? ? 
'X-RAY DIFFRACTION' ? ?      ?      ?   ? r_metal_ion_other            ? ? 
'X-RAY DIFFRACTION' ? ?      ?      ?   ? r_symmetry_vdw_refined       ? ? 
'X-RAY DIFFRACTION' ? ?      ?      ?   ? r_symmetry_vdw_other         ? ? 
'X-RAY DIFFRACTION' ? ?      ?      ?   ? r_symmetry_hbond_refined     ? ? 
'X-RAY DIFFRACTION' ? ?      ?      ?   ? r_symmetry_hbond_other       ? ? 
'X-RAY DIFFRACTION' ? ?      ?      ?   ? r_symmetry_metal_ion_refined ? ? 
'X-RAY DIFFRACTION' ? ?      ?      ?   ? r_symmetry_metal_ion_other   ? ? 
'X-RAY DIFFRACTION' ? ?      ?      ?   ? r_mcbond_it                  ? ? 
'X-RAY DIFFRACTION' ? ?      ?      ?   ? r_mcbond_other               ? ? 
'X-RAY DIFFRACTION' ? ?      ?      ?   ? r_mcangle_it                 ? ? 
'X-RAY DIFFRACTION' ? ?      ?      ?   ? r_mcangle_other              ? ? 
'X-RAY DIFFRACTION' ? 3.274  3.198  648 ? r_scbond_it                  ? ? 
'X-RAY DIFFRACTION' ? 3.275  3.199  649 ? r_scbond_other               ? ? 
'X-RAY DIFFRACTION' ? ?      ?      ?   ? r_scangle_it                 ? ? 
'X-RAY DIFFRACTION' ? 3.843  6.075  999 ? r_scangle_other              ? ? 
'X-RAY DIFFRACTION' ? 4.337  14.444 953 ? r_long_range_B_refined       ? ? 
'X-RAY DIFFRACTION' ? 4.303  14.408 951 ? r_long_range_B_other         ? ? 
'X-RAY DIFFRACTION' ? 4.438  3.000  926 ? r_rigid_bond_restr           ? ? 
'X-RAY DIFFRACTION' ? 26.713 5.000  36  ? r_sphericity_free            ? ? 
'X-RAY DIFFRACTION' ? 11.988 5.000  914 ? r_sphericity_bonded          ? ? 
# 
_refine_ls_shell.pdbx_refine_id                   'X-RAY DIFFRACTION' 
_refine_ls_shell.d_res_high                       1.516 
_refine_ls_shell.d_res_low                        1.598 
_refine_ls_shell.number_reflns_all                ? 
_refine_ls_shell.number_reflns_obs                ? 
_refine_ls_shell.number_reflns_R_free             105 
_refine_ls_shell.number_reflns_R_work             820 
_refine_ls_shell.percent_reflns_obs               53.97 
_refine_ls_shell.percent_reflns_R_free            ? 
_refine_ls_shell.R_factor_all                     ? 
_refine_ls_shell.R_factor_obs                     ? 
_refine_ls_shell.R_factor_R_free                  0.172 
_refine_ls_shell.R_factor_R_free_error            ? 
_refine_ls_shell.R_factor_R_work                  0.163 
_refine_ls_shell.redundancy_reflns_all            ? 
_refine_ls_shell.redundancy_reflns_obs            ? 
_refine_ls_shell.wR_factor_all                    ? 
_refine_ls_shell.wR_factor_obs                    ? 
_refine_ls_shell.wR_factor_R_free                 ? 
_refine_ls_shell.wR_factor_R_work                 ? 
_refine_ls_shell.pdbx_total_number_of_bins_used   10 
_refine_ls_shell.pdbx_phase_error                 ? 
_refine_ls_shell.pdbx_fsc_work                    ? 
_refine_ls_shell.pdbx_fsc_free                    ? 
# 
_struct.entry_id                     5TKO 
_struct.title                        
;RNA heptamer duplex with one 2'-5'-linkage
;
_struct.pdbx_model_details           ? 
_struct.pdbx_formula_weight          ? 
_struct.pdbx_formula_weight_method   ? 
_struct.pdbx_model_type_details      ? 
_struct.pdbx_CASP_flag               N 
# 
_struct_keywords.entry_id        5TKO 
_struct_keywords.text            
;2'-5'-LINKAGE, RNA
;
_struct_keywords.pdbx_keywords   RNA 
# 
loop_
_struct_asym.id 
_struct_asym.pdbx_blank_PDB_chainid_flag 
_struct_asym.pdbx_modified 
_struct_asym.entity_id 
_struct_asym.details 
A N N 1 ? 
B N N 2 ? 
C N N 1 ? 
D N N 2 ? 
E N N 3 ? 
F N N 4 ? 
G N N 4 ? 
H N N 4 ? 
I N N 4 ? 
# 
loop_
_struct_conn.id 
_struct_conn.conn_type_id 
_struct_conn.pdbx_leaving_atom_flag 
_struct_conn.pdbx_PDB_id 
_struct_conn.ptnr1_label_asym_id 
_struct_conn.ptnr1_label_comp_id 
_struct_conn.ptnr1_label_seq_id 
_struct_conn.ptnr1_label_atom_id 
_struct_conn.pdbx_ptnr1_label_alt_id 
_struct_conn.pdbx_ptnr1_PDB_ins_code 
_struct_conn.pdbx_ptnr1_standard_comp_id 
_struct_conn.ptnr1_symmetry 
_struct_conn.ptnr2_label_asym_id 
_struct_conn.ptnr2_label_comp_id 
_struct_conn.ptnr2_label_seq_id 
_struct_conn.ptnr2_label_atom_id 
_struct_conn.pdbx_ptnr2_label_alt_id 
_struct_conn.pdbx_ptnr2_PDB_ins_code 
_struct_conn.ptnr1_auth_asym_id 
_struct_conn.ptnr1_auth_comp_id 
_struct_conn.ptnr1_auth_seq_id 
_struct_conn.ptnr2_auth_asym_id 
_struct_conn.ptnr2_auth_comp_id 
_struct_conn.ptnr2_auth_seq_id 
_struct_conn.ptnr2_symmetry 
_struct_conn.pdbx_ptnr3_label_atom_id 
_struct_conn.pdbx_ptnr3_label_seq_id 
_struct_conn.pdbx_ptnr3_label_comp_id 
_struct_conn.pdbx_ptnr3_label_asym_id 
_struct_conn.pdbx_ptnr3_label_alt_id 
_struct_conn.pdbx_ptnr3_PDB_ins_code 
_struct_conn.details 
_struct_conn.pdbx_dist_value 
_struct_conn.pdbx_value_order 
_struct_conn.pdbx_role 
covale1  covale one ? A A  2 "O2'" ? ? ? 1_555 A G   3 P  ? ? A A  2   A G   3   1_555 ? ? ? ? ? ? ?            1.707 ? ? 
covale2  covale one ? C A  2 "O2'" ? ? ? 1_555 C G   3 P  ? ? C A  2   C G   3   1_555 ? ? ? ? ? ? ?            1.680 ? ? 
metalc1  metalc ?   ? E CO . CO    ? ? ? 1_555 F HOH . O  ? ? A CO 101 A HOH 223 1_555 ? ? ? ? ? ? ?            1.813 ? ? 
metalc2  metalc ?   ? E CO . CO    ? ? ? 1_555 F HOH . O  ? ? A CO 101 A HOH 228 1_555 ? ? ? ? ? ? ?            2.328 ? ? 
metalc3  metalc ?   ? E CO . CO    ? ? ? 1_555 F HOH . O  ? ? A CO 101 A HOH 230 1_555 ? ? ? ? ? ? ?            1.821 ? ? 
metalc4  metalc ?   ? E CO . CO    ? ? ? 1_555 F HOH . O  ? ? A CO 101 A HOH 231 1_555 ? ? ? ? ? ? ?            2.190 ? ? 
hydrog1  hydrog ?   ? A A  2 N6    ? ? ? 1_555 B U   6 O2 ? ? A A  2   B U   13  1_555 ? ? ? ? ? ? 'A-U PAIR'   ?     ? ? 
hydrog2  hydrog ?   ? A G  3 N1    ? ? ? 1_555 B C   5 N3 ? ? A G  3   B C   12  1_555 ? ? ? ? ? ? WATSON-CRICK ?     ? ? 
hydrog3  hydrog ?   ? A G  3 N2    ? ? ? 1_555 B C   5 O2 ? ? A G  3   B C   12  1_555 ? ? ? ? ? ? WATSON-CRICK ?     ? ? 
hydrog4  hydrog ?   ? A G  3 O6    ? ? ? 1_555 B C   5 N4 ? ? A G  3   B C   12  1_555 ? ? ? ? ? ? WATSON-CRICK ?     ? ? 
hydrog5  hydrog ?   ? A C  4 N3    ? ? ? 1_555 B G   4 N1 ? ? A C  4   B G   11  1_555 ? ? ? ? ? ? WATSON-CRICK ?     ? ? 
hydrog6  hydrog ?   ? A C  4 N4    ? ? ? 1_555 B G   4 O6 ? ? A C  4   B G   11  1_555 ? ? ? ? ? ? WATSON-CRICK ?     ? ? 
hydrog7  hydrog ?   ? A C  4 O2    ? ? ? 1_555 B G   4 N2 ? ? A C  4   B G   11  1_555 ? ? ? ? ? ? WATSON-CRICK ?     ? ? 
hydrog8  hydrog ?   ? A U  5 N3    ? ? ? 1_555 B A   3 N1 ? ? A U  5   B A   10  1_555 ? ? ? ? ? ? WATSON-CRICK ?     ? ? 
hydrog9  hydrog ?   ? A U  5 O4    ? ? ? 1_555 B A   3 N6 ? ? A U  5   B A   10  1_555 ? ? ? ? ? ? WATSON-CRICK ?     ? ? 
hydrog10 hydrog ?   ? A C  6 N3    ? ? ? 1_555 B G   2 N1 ? ? A C  6   B G   9   1_555 ? ? ? ? ? ? WATSON-CRICK ?     ? ? 
hydrog11 hydrog ?   ? A C  6 N4    ? ? ? 1_555 B G   2 O6 ? ? A C  6   B G   9   1_555 ? ? ? ? ? ? WATSON-CRICK ?     ? ? 
hydrog12 hydrog ?   ? A C  6 O2    ? ? ? 1_555 B G   2 N2 ? ? A C  6   B G   9   1_555 ? ? ? ? ? ? WATSON-CRICK ?     ? ? 
hydrog13 hydrog ?   ? A C  7 N3    ? ? ? 1_555 B G   1 N1 ? ? A C  7   B G   8   1_555 ? ? ? ? ? ? WATSON-CRICK ?     ? ? 
hydrog14 hydrog ?   ? A C  7 N4    ? ? ? 1_555 B G   1 O6 ? ? A C  7   B G   8   1_555 ? ? ? ? ? ? WATSON-CRICK ?     ? ? 
hydrog15 hydrog ?   ? A C  7 O2    ? ? ? 1_555 B G   1 N2 ? ? A C  7   B G   8   1_555 ? ? ? ? ? ? WATSON-CRICK ?     ? ? 
hydrog16 hydrog ?   ? C A  2 N6    ? ? ? 1_555 D U   6 O2 ? ? C A  2   D U   13  1_555 ? ? ? ? ? ? 'A-U PAIR'   ?     ? ? 
hydrog17 hydrog ?   ? C G  3 N1    ? ? ? 1_555 D C   5 N3 ? ? C G  3   D C   12  1_555 ? ? ? ? ? ? WATSON-CRICK ?     ? ? 
hydrog18 hydrog ?   ? C G  3 N2    ? ? ? 1_555 D C   5 O2 ? ? C G  3   D C   12  1_555 ? ? ? ? ? ? WATSON-CRICK ?     ? ? 
hydrog19 hydrog ?   ? C G  3 O6    ? ? ? 1_555 D C   5 N4 ? ? C G  3   D C   12  1_555 ? ? ? ? ? ? WATSON-CRICK ?     ? ? 
hydrog20 hydrog ?   ? C C  4 N3    ? ? ? 1_555 D G   4 N1 ? ? C C  4   D G   11  1_555 ? ? ? ? ? ? WATSON-CRICK ?     ? ? 
hydrog21 hydrog ?   ? C C  4 N4    ? ? ? 1_555 D G   4 O6 ? ? C C  4   D G   11  1_555 ? ? ? ? ? ? WATSON-CRICK ?     ? ? 
hydrog22 hydrog ?   ? C C  4 O2    ? ? ? 1_555 D G   4 N2 ? ? C C  4   D G   11  1_555 ? ? ? ? ? ? WATSON-CRICK ?     ? ? 
hydrog23 hydrog ?   ? C U  5 N3    ? ? ? 1_555 D A   3 N1 ? ? C U  5   D A   10  1_555 ? ? ? ? ? ? WATSON-CRICK ?     ? ? 
hydrog24 hydrog ?   ? C U  5 O4    ? ? ? 1_555 D A   3 N6 ? ? C U  5   D A   10  1_555 ? ? ? ? ? ? WATSON-CRICK ?     ? ? 
hydrog25 hydrog ?   ? C C  6 N3    ? ? ? 1_555 D G   2 N1 ? ? C C  6   D G   9   1_555 ? ? ? ? ? ? WATSON-CRICK ?     ? ? 
hydrog26 hydrog ?   ? C C  6 N4    ? ? ? 1_555 D G   2 O6 ? ? C C  6   D G   9   1_555 ? ? ? ? ? ? WATSON-CRICK ?     ? ? 
hydrog27 hydrog ?   ? C C  6 O2    ? ? ? 1_555 D G   2 N2 ? ? C C  6   D G   9   1_555 ? ? ? ? ? ? WATSON-CRICK ?     ? ? 
hydrog28 hydrog ?   ? C C  7 N3    ? ? ? 1_555 D G   1 N1 ? ? C C  7   D G   8   1_555 ? ? ? ? ? ? WATSON-CRICK ?     ? ? 
hydrog29 hydrog ?   ? C C  7 N4    ? ? ? 1_555 D G   1 O6 ? ? C C  7   D G   8   1_555 ? ? ? ? ? ? WATSON-CRICK ?     ? ? 
hydrog30 hydrog ?   ? C C  7 O2    ? ? ? 1_555 D G   1 N2 ? ? C C  7   D G   8   1_555 ? ? ? ? ? ? WATSON-CRICK ?     ? ? 
# 
loop_
_struct_conn_type.id 
_struct_conn_type.criteria 
_struct_conn_type.reference 
covale ? ? 
metalc ? ? 
hydrog ? ? 
# 
loop_
_struct_site.id 
_struct_site.pdbx_evidence_code 
_struct_site.pdbx_auth_asym_id 
_struct_site.pdbx_auth_comp_id 
_struct_site.pdbx_auth_seq_id 
_struct_site.pdbx_auth_ins_code 
_struct_site.pdbx_num_residues 
_struct_site.details 
AC1 Software A CO 101 ? 4  'binding site for residue CO A 101'              
AC2 Software C A  2   ? 18 'binding site for Di-nucleotide A C 2 and G C 3' 
# 
loop_
_struct_site_gen.id 
_struct_site_gen.site_id 
_struct_site_gen.pdbx_num_res 
_struct_site_gen.label_comp_id 
_struct_site_gen.label_asym_id 
_struct_site_gen.label_seq_id 
_struct_site_gen.pdbx_auth_ins_code 
_struct_site_gen.auth_comp_id 
_struct_site_gen.auth_asym_id 
_struct_site_gen.auth_seq_id 
_struct_site_gen.label_atom_id 
_struct_site_gen.label_alt_id 
_struct_site_gen.symmetry 
_struct_site_gen.details 
1  AC1 4  HOH F . ? HOH A 223 . ? 1_555 ? 
2  AC1 4  HOH F . ? HOH A 228 . ? 1_555 ? 
3  AC1 4  HOH F . ? HOH A 230 . ? 1_555 ? 
4  AC1 4  HOH F . ? HOH A 231 . ? 1_555 ? 
5  AC2 18 HOH F . ? HOH A 203 . ? 1_454 ? 
6  AC2 18 HOH F . ? HOH A 219 . ? 1_455 ? 
7  AC2 18 HOH F . ? HOH A 225 . ? 1_455 ? 
8  AC2 18 A   B 3 ? A   B 10  . ? 1_454 ? 
9  AC2 18 G   B 4 ? G   B 11  . ? 1_454 ? 
10 AC2 18 C   B 5 ? C   B 12  . ? 1_454 ? 
11 AC2 18 HOH G . ? HOH B 108 . ? 1_454 ? 
12 AC2 18 U   C 1 ? U   C 1   . ? 1_555 ? 
13 AC2 18 C   C 4 ? C   C 4   . ? 1_555 ? 
14 AC2 18 HOH H . ? HOH C 102 . ? 1_555 ? 
15 AC2 18 HOH H . ? HOH C 105 . ? 1_555 ? 
16 AC2 18 HOH H . ? HOH C 106 . ? 1_555 ? 
17 AC2 18 HOH H . ? HOH C 107 . ? 1_555 ? 
18 AC2 18 HOH H . ? HOH C 108 . ? 1_555 ? 
19 AC2 18 HOH H . ? HOH C 111 . ? 1_555 ? 
20 AC2 18 HOH H . ? HOH C 114 . ? 1_555 ? 
21 AC2 18 C   D 5 ? C   D 12  . ? 1_555 ? 
22 AC2 18 U   D 6 ? U   D 13  . ? 1_555 ? 
# 
_atom_sites.entry_id                    5TKO 
_atom_sites.fract_transf_matrix[1][1]   -0.03762545 
_atom_sites.fract_transf_matrix[1][2]   -0.00434514 
_atom_sites.fract_transf_matrix[1][3]   -0.00071155 
_atom_sites.fract_transf_matrix[2][1]   -0.00215647 
_atom_sites.fract_transf_matrix[2][2]   0.01761289 
_atom_sites.fract_transf_matrix[2][3]   0.00647536 
_atom_sites.fract_transf_matrix[3][1]   -0.00452013 
_atom_sites.fract_transf_matrix[3][2]   0.01192397 
_atom_sites.fract_transf_matrix[3][3]   -0.03393836 
_atom_sites.fract_transf_vector[1]      0.354307 
_atom_sites.fract_transf_vector[2]      0.558616 
_atom_sites.fract_transf_vector[3]      0.653977 
# 
loop_
_atom_type.symbol 
C  
CO 
N  
O  
P  
# 
loop_
_atom_site.group_PDB 
_atom_site.id 
_atom_site.type_symbol 
_atom_site.label_atom_id 
_atom_site.label_alt_id 
_atom_site.label_comp_id 
_atom_site.label_asym_id 
_atom_site.label_entity_id 
_atom_site.label_seq_id 
_atom_site.pdbx_PDB_ins_code 
_atom_site.Cartn_x 
_atom_site.Cartn_y 
_atom_site.Cartn_z 
_atom_site.occupancy 
_atom_site.B_iso_or_equiv 
_atom_site.pdbx_formal_charge 
_atom_site.auth_seq_id 
_atom_site.auth_comp_id 
_atom_site.auth_asym_id 
_atom_site.auth_atom_id 
_atom_site.pdbx_PDB_model_num 
ATOM   1   O  "O5'" . U   A 1 1 ? -13.566 -16.681 0.160   1.00 11.65 ? 1   U   A "O5'" 1 
ATOM   2   C  "C5'" . U   A 1 1 ? -12.460 -16.325 1.007   1.00 10.67 ? 1   U   A "C5'" 1 
ATOM   3   C  "C4'" . U   A 1 1 ? -12.758 -14.996 1.694   1.00 10.16 ? 1   U   A "C4'" 1 
ATOM   4   O  "O4'" . U   A 1 1 ? -12.777 -13.842 0.791   1.00 10.81 ? 1   U   A "O4'" 1 
ATOM   5   C  "C3'" . U   A 1 1 ? -14.031 -14.919 2.498   1.00 10.97 ? 1   U   A "C3'" 1 
ATOM   6   O  "O3'" . U   A 1 1 ? -13.920 -14.126 3.670   1.00 12.18 ? 1   U   A "O3'" 1 
ATOM   7   C  "C2'" . U   A 1 1 ? -14.986 -14.221 1.520   1.00 11.23 ? 1   U   A "C2'" 1 
ATOM   8   O  "O2'" . U   A 1 1 ? -16.090 -13.583 2.138   1.00 16.84 ? 1   U   A "O2'" 1 
ATOM   9   C  "C1'" . U   A 1 1 ? -14.050 -13.250 0.786   1.00 13.66 ? 1   U   A "C1'" 1 
ATOM   10  N  N1    . U   A 1 1 ? -14.414 -12.993 -0.624  1.00 10.77 ? 1   U   A N1    1 
ATOM   11  C  C2    . U   A 1 1 ? -15.090 -11.826 -0.919  1.00 10.60 ? 1   U   A C2    1 
ATOM   12  O  O2    . U   A 1 1 ? -15.436 -11.021 -0.062  1.00 17.08 ? 1   U   A O2    1 
ATOM   13  N  N3    . U   A 1 1 ? -15.390 -11.656 -2.250  1.00 13.20 ? 1   U   A N3    1 
ATOM   14  C  C4    . U   A 1 1 ? -15.023 -12.471 -3.300  1.00 13.75 ? 1   U   A C4    1 
ATOM   15  O  O4    . U   A 1 1 ? -15.354 -12.170 -4.449  1.00 16.90 ? 1   U   A O4    1 
ATOM   16  C  C5    . U   A 1 1 ? -14.285 -13.636 -2.915  1.00 12.04 ? 1   U   A C5    1 
ATOM   17  C  C6    . U   A 1 1 ? -14.008 -13.846 -1.623  1.00 12.64 ? 1   U   A C6    1 
ATOM   18  P  P     . A   A 1 2 ? -13.107 -14.681 4.972   1.00 13.47 ? 2   A   A P     1 
ATOM   19  O  OP1   . A   A 1 2 ? -13.084 -16.179 4.981   1.00 14.34 ? 2   A   A OP1   1 
ATOM   20  O  OP2   . A   A 1 2 ? -13.645 -13.971 6.117   1.00 16.62 ? 2   A   A OP2   1 
ATOM   21  O  "O5'" . A   A 1 2 ? -11.614 -14.206 4.708   1.00 11.72 ? 2   A   A "O5'" 1 
ATOM   22  C  "C5'" . A   A 1 2 ? -11.281 -12.836 4.552   1.00 12.08 ? 2   A   A "C5'" 1 
ATOM   23  C  "C4'" . A   A 1 2 ? -10.037 -12.749 3.727   1.00 11.07 ? 2   A   A "C4'" 1 
ATOM   24  O  "O4'" . A   A 1 2 ? -10.290 -13.392 2.453   1.00 11.14 ? 2   A   A "O4'" 1 
ATOM   25  C  "C3'" . A   A 1 2 ? -9.587  -11.348 3.335   1.00 14.46 ? 2   A   A "C3'" 1 
ATOM   26  O  "O3'" . A   A 1 2 ? -8.818  -10.768 4.402   1.00 17.49 ? 2   A   A "O3'" 1 
ATOM   27  C  "C2'" . A   A 1 2 ? -8.760  -11.617 2.079   1.00 14.15 ? 2   A   A "C2'" 1 
ATOM   28  O  "O2'" . A   A 1 2 ? -7.383  -11.884 2.368   1.00 13.91 ? 2   A   A "O2'" 1 
ATOM   29  C  "C1'" . A   A 1 2 ? -9.359  -12.924 1.536   1.00 11.07 ? 2   A   A "C1'" 1 
ATOM   30  N  N9    . A   A 1 2 ? -9.969  -12.836 0.208   1.00 10.19 ? 2   A   A N9    1 
ATOM   31  C  C8    . A   A 1 2 ? -9.844  -13.746 -0.818  1.00 9.18  ? 2   A   A C8    1 
ATOM   32  N  N7    . A   A 1 2 ? -10.488 -13.400 -1.914  1.00 9.68  ? 2   A   A N7    1 
ATOM   33  C  C5    . A   A 1 2 ? -11.029 -12.161 -1.602  1.00 10.68 ? 2   A   A C5    1 
ATOM   34  C  C6    . A   A 1 2 ? -11.797 -11.255 -2.348  1.00 9.20  ? 2   A   A C6    1 
ATOM   35  N  N6    . A   A 1 2 ? -12.122 -11.448 -3.627  1.00 10.62 ? 2   A   A N6    1 
ATOM   36  N  N1    . A   A 1 2 ? -12.234 -10.142 -1.724  1.00 10.49 ? 2   A   A N1    1 
ATOM   37  C  C2    . A   A 1 2 ? -11.896 -9.949  -0.441  1.00 10.35 ? 2   A   A C2    1 
ATOM   38  N  N3    . A   A 1 2 ? -11.157 -10.716 0.360   1.00 12.33 ? 2   A   A N3    1 
ATOM   39  C  C4    . A   A 1 2 ? -10.727 -11.807 -0.295  1.00 10.55 ? 2   A   A C4    1 
ATOM   40  P  P     . G   A 1 3 ? -6.137  -10.917 1.716   1.00 14.71 ? 3   G   A P     1 
ATOM   41  O  OP1   . G   A 1 3 ? -4.996  -11.336 2.582   1.00 19.09 ? 3   G   A OP1   1 
ATOM   42  O  OP2   . G   A 1 3 ? -6.557  -9.486  1.655   1.00 17.14 ? 3   G   A OP2   1 
ATOM   43  O  "O5'" . G   A 1 3 ? -5.973  -11.323 0.174   1.00 14.05 ? 3   G   A "O5'" 1 
ATOM   44  C  "C5'" . G   A 1 3 ? -5.623  -12.663 -0.185  1.00 15.39 ? 3   G   A "C5'" 1 
ATOM   45  C  "C4'" . G   A 1 3 ? -5.834  -12.832 -1.663  1.00 12.57 ? 3   G   A "C4'" 1 
ATOM   46  O  "O4'" . G   A 1 3 ? -7.270  -12.791 -1.918  1.00 12.28 ? 3   G   A "O4'" 1 
ATOM   47  C  "C3'" . G   A 1 3 ? -5.305  -11.731 -2.564  1.00 11.26 ? 3   G   A "C3'" 1 
ATOM   48  O  "O3'" . G   A 1 3 ? -3.939  -11.936 -2.843  1.00 16.41 ? 3   G   A "O3'" 1 
ATOM   49  C  "C2'" . G   A 1 3 ? -6.138  -11.984 -3.814  1.00 12.89 ? 3   G   A "C2'" 1 
ATOM   50  O  "O2'" . G   A 1 3 ? -5.818  -13.221 -4.423  1.00 11.90 ? 3   G   A "O2'" 1 
ATOM   51  C  "C1'" . G   A 1 3 ? -7.512  -12.181 -3.191  1.00 12.50 ? 3   G   A "C1'" 1 
ATOM   52  N  N9    . G   A 1 3 ? -8.190  -10.913 -2.971  1.00 12.09 ? 3   G   A N9    1 
ATOM   53  C  C8    . G   A 1 3 ? -8.292  -10.198 -1.805  1.00 11.82 ? 3   G   A C8    1 
ATOM   54  N  N7    . G   A 1 3 ? -8.947  -9.078  -1.949  1.00 11.80 ? 3   G   A N7    1 
ATOM   55  C  C5    . G   A 1 3 ? -9.274  -9.040  -3.292  1.00 9.36  ? 3   G   A C5    1 
ATOM   56  C  C6    . G   A 1 3 ? -10.015 -8.075  -4.034  1.00 11.71 ? 3   G   A C6    1 
ATOM   57  O  O6    . G   A 1 3 ? -10.549 -7.027  -3.627  1.00 13.35 ? 3   G   A O6    1 
ATOM   58  N  N1    . G   A 1 3 ? -10.139 -8.447  -5.371  1.00 12.18 ? 3   G   A N1    1 
ATOM   59  C  C2    . G   A 1 3 ? -9.608  -9.600  -5.919  1.00 13.31 ? 3   G   A C2    1 
ATOM   60  N  N2    . G   A 1 3 ? -9.778  -9.774  -7.227  1.00 11.16 ? 3   G   A N2    1 
ATOM   61  N  N3    . G   A 1 3 ? -8.955  -10.518 -5.226  1.00 10.55 ? 3   G   A N3    1 
ATOM   62  C  C4    . G   A 1 3 ? -8.827  -10.176 -3.934  1.00 9.49  ? 3   G   A C4    1 
ATOM   63  P  P     . C   A 1 4 ? -3.005  -10.709 -3.232  1.00 20.58 ? 4   C   A P     1 
ATOM   64  O  OP1   . C   A 1 4 ? -1.627  -11.235 -3.199  1.00 22.37 ? 4   C   A OP1   1 
ATOM   65  O  OP2   . C   A 1 4 ? -3.368  -9.510  -2.438  1.00 23.56 ? 4   C   A OP2   1 
ATOM   66  O  "O5'" . C   A 1 4 ? -3.403  -10.337 -4.722  1.00 16.70 ? 4   C   A "O5'" 1 
ATOM   67  C  "C5'" . C   A 1 4 ? -3.287  -11.299 -5.768  1.00 21.45 ? 4   C   A "C5'" 1 
ATOM   68  C  "C4'" . C   A 1 4 ? -4.000  -10.803 -6.993  1.00 22.53 ? 4   C   A "C4'" 1 
ATOM   69  O  "O4'" . C   A 1 4 ? -5.425  -10.606 -6.746  1.00 19.68 ? 4   C   A "O4'" 1 
ATOM   70  C  "C3'" . C   A 1 4 ? -3.552  -9.453  -7.532  1.00 22.26 ? 4   C   A "C3'" 1 
ATOM   71  O  "O3'" . C   A 1 4 ? -2.368  -9.668  -8.258  1.00 26.22 ? 4   C   A "O3'" 1 
ATOM   72  C  "C2'" . C   A 1 4 ? -4.728  -9.089  -8.417  1.00 19.15 ? 4   C   A "C2'" 1 
ATOM   73  O  "O2'" . C   A 1 4 ? -4.902  -9.823  -9.620  1.00 22.16 ? 4   C   A "O2'" 1 
ATOM   74  C  "C1'" . C   A 1 4 ? -5.880  -9.480  -7.502  1.00 19.85 ? 4   C   A "C1'" 1 
ATOM   75  N  N1    . C   A 1 4 ? -6.300  -8.418  -6.573  1.00 15.04 ? 4   C   A N1    1 
ATOM   76  C  C2    . C   A 1 4 ? -7.079  -7.376  -7.077  1.00 16.02 ? 4   C   A C2    1 
ATOM   77  O  O2    . C   A 1 4 ? -7.375  -7.378  -8.290  1.00 16.60 ? 4   C   A O2    1 
ATOM   78  N  N3    . C   A 1 4 ? -7.510  -6.407  -6.232  1.00 13.97 ? 4   C   A N3    1 
ATOM   79  C  C4    . C   A 1 4 ? -7.179  -6.455  -4.935  1.00 14.52 ? 4   C   A C4    1 
ATOM   80  N  N4    . C   A 1 4 ? -7.608  -5.475  -4.142  1.00 15.50 ? 4   C   A N4    1 
ATOM   81  C  C5    . C   A 1 4 ? -6.349  -7.488  -4.406  1.00 16.82 ? 4   C   A C5    1 
ATOM   82  C  C6    . C   A 1 4 ? -5.921  -8.426  -5.258  1.00 16.52 ? 4   C   A C6    1 
ATOM   83  P  P     . U   A 1 5 ? -1.313  -8.497  -8.497  1.00 23.40 ? 5   U   A P     1 
ATOM   84  O  OP1   . U   A 1 5 ? -0.139  -9.074  -9.154  1.00 27.19 ? 5   U   A OP1   1 
ATOM   85  O  OP2   . U   A 1 5 ? -1.117  -7.680  -7.268  1.00 22.11 ? 5   U   A OP2   1 
ATOM   86  O  "O5'" . U   A 1 5 ? -2.068  -7.538  -9.504  1.00 26.66 ? 5   U   A "O5'" 1 
ATOM   87  C  "C5'" . U   A 1 5 ? -2.357  -7.987  -10.834 1.00 22.31 ? 5   U   A "C5'" 1 
ATOM   88  C  "C4'" . U   A 1 5 ? -3.068  -6.896  -11.586 1.00 24.75 ? 5   U   A "C4'" 1 
ATOM   89  O  "O4'" . U   A 1 5 ? -4.393  -6.703  -11.018 1.00 26.08 ? 5   U   A "O4'" 1 
ATOM   90  C  "C3'" . U   A 1 5 ? -2.459  -5.495  -11.563 1.00 24.37 ? 5   U   A "C3'" 1 
ATOM   91  O  "O3'" . U   A 1 5 ? -1.374  -5.342  -12.477 1.00 24.79 ? 5   U   A "O3'" 1 
ATOM   92  C  "C2'" . U   A 1 5 ? -3.662  -4.671  -11.981 1.00 19.99 ? 5   U   A "C2'" 1 
ATOM   93  O  "O2'" . U   A 1 5 ? -3.967  -4.923  -13.335 1.00 21.61 ? 5   U   A "O2'" 1 
ATOM   94  C  "C1'" . U   A 1 5 ? -4.748  -5.327  -11.137 1.00 19.04 ? 5   U   A "C1'" 1 
ATOM   95  N  N1    . U   A 1 5 ? -4.929  -4.770  -9.792  1.00 17.13 ? 5   U   A N1    1 
ATOM   96  C  C2    . U   A 1 5 ? -5.646  -3.597  -9.706  1.00 16.03 ? 5   U   A C2    1 
ATOM   97  O  O2    . U   A 1 5 ? -6.100  -3.028  -10.686 1.00 16.37 ? 5   U   A O2    1 
ATOM   98  N  N3    . U   A 1 5 ? -5.820  -3.115  -8.428  1.00 12.09 ? 5   U   A N3    1 
ATOM   99  C  C4    . U   A 1 5 ? -5.400  -3.701  -7.252  1.00 15.28 ? 5   U   A C4    1 
ATOM   100 O  O4    . U   A 1 5 ? -5.669  -3.166  -6.173  1.00 16.96 ? 5   U   A O4    1 
ATOM   101 C  C5    . U   A 1 5 ? -4.622  -4.884  -7.431  1.00 14.82 ? 5   U   A C5    1 
ATOM   102 C  C6    . U   A 1 5 ? -4.400  -5.357  -8.665  1.00 16.22 ? 5   U   A C6    1 
ATOM   103 P  P     . C   A 1 6 ? -0.211  -4.304  -12.197 1.00 23.42 ? 6   C   A P     1 
ATOM   104 O  OP1   . C   A 1 6 ? 0.738   -4.404  -13.324 1.00 27.17 ? 6   C   A OP1   1 
ATOM   105 O  OP2   . C   A 1 6 ? 0.220   -4.390  -10.786 1.00 36.45 ? 6   C   A OP2   1 
ATOM   106 O  "O5'" . C   A 1 6 ? -0.867  -2.859  -12.331 1.00 23.31 ? 6   C   A "O5'" 1 
ATOM   107 C  "C5'" . C   A 1 6 ? -1.354  -2.393  -13.575 1.00 18.32 ? 6   C   A "C5'" 1 
ATOM   108 C  "C4'" . C   A 1 6 ? -2.181  -1.146  -13.358 1.00 20.13 ? 6   C   A "C4'" 1 
ATOM   109 O  "O4'" . C   A 1 6 ? -3.263  -1.423  -12.427 1.00 19.90 ? 6   C   A "O4'" 1 
ATOM   110 C  "C3'" . C   A 1 6 ? -1.478  0.030   -12.694 1.00 18.50 ? 6   C   A "C3'" 1 
ATOM   111 O  "O3'" . C   A 1 6 ? -0.671  0.696   -13.643 1.00 19.00 ? 6   C   A "O3'" 1 
ATOM   112 C  "C2'" . C   A 1 6 ? -2.672  0.861   -12.252 1.00 15.52 ? 6   C   A "C2'" 1 
ATOM   113 O  "O2'" . C   A 1 6 ? -3.307  1.480   -13.349 1.00 15.15 ? 6   C   A "O2'" 1 
ATOM   114 C  "C1'" . C   A 1 6 ? -3.554  -0.245  -11.686 1.00 13.79 ? 6   C   A "C1'" 1 
ATOM   115 N  N1    . C   A 1 6 ? -3.357  -0.510  -10.250 1.00 13.63 ? 6   C   A N1    1 
ATOM   116 C  C2    . C   A 1 6 ? -3.916  0.401   -9.351  1.00 10.76 ? 6   C   A C2    1 
ATOM   117 O  O2    . C   A 1 6 ? -4.502  1.402   -9.797  1.00 11.56 ? 6   C   A O2    1 
ATOM   118 N  N3    . C   A 1 6 ? -3.841  0.158   -8.027  1.00 12.82 ? 6   C   A N3    1 
ATOM   119 C  C4    . C   A 1 6 ? -3.194  -0.921  -7.580  1.00 15.13 ? 6   C   A C4    1 
ATOM   120 N  N4    . C   A 1 6 ? -3.132  -1.102  -6.259  1.00 16.09 ? 6   C   A N4    1 
ATOM   121 C  C5    . C   A 1 6 ? -2.582  -1.857  -8.469  1.00 14.03 ? 6   C   A C5    1 
ATOM   122 C  C6    . C   A 1 6 ? -2.702  -1.623  -9.790  1.00 15.46 ? 6   C   A C6    1 
ATOM   123 P  P     . C   A 1 7 ? 0.697   1.362   -13.215 1.00 22.41 ? 7   C   A P     1 
ATOM   124 O  OP1   . C   A 1 7 ? 1.396   1.806   -14.425 1.00 24.07 ? 7   C   A OP1   1 
ATOM   125 O  OP2   . C   A 1 7 ? 1.359   0.488   -12.222 1.00 23.51 ? 7   C   A OP2   1 
ATOM   126 O  "O5'" . C   A 1 7 ? 0.268   2.696   -12.465 1.00 21.02 ? 7   C   A "O5'" 1 
ATOM   127 C  "C5'" . C   A 1 7 ? -0.408  3.740   -13.179 1.00 28.73 ? 7   C   A "C5'" 1 
ATOM   128 C  "C4'" . C   A 1 7 ? -0.771  4.857   -12.233 1.00 26.57 ? 7   C   A "C4'" 1 
ATOM   129 O  "O4'" . C   A 1 7 ? -1.793  4.406   -11.306 1.00 20.86 ? 7   C   A "O4'" 1 
ATOM   130 C  "C3'" . C   A 1 7 ? 0.330   5.354   -11.307 1.00 20.22 ? 7   C   A "C3'" 1 
ATOM   131 O  "O3'" . C   A 1 7 ? 1.140   6.257   -11.998 1.00 29.15 ? 7   C   A "O3'" 1 
ATOM   132 C  "C2'" . C   A 1 7 ? -0.475  6.064   -10.231 1.00 23.93 ? 7   C   A "C2'" 1 
ATOM   133 O  "O2'" . C   A 1 7 ? -0.974  7.342   -10.603 1.00 28.95 ? 7   C   A "O2'" 1 
ATOM   134 C  "C1'" . C   A 1 7 ? -1.645  5.095   -10.071 1.00 17.43 ? 7   C   A "C1'" 1 
ATOM   135 N  N1    . C   A 1 7 ? -1.476  4.115   -8.989  1.00 14.64 ? 7   C   A N1    1 
ATOM   136 C  C2    . C   A 1 7 ? -1.843  4.513   -7.694  1.00 16.57 ? 7   C   A C2    1 
ATOM   137 O  O2    . C   A 1 7 ? -2.247  5.678   -7.512  1.00 18.65 ? 7   C   A O2    1 
ATOM   138 N  N3    . C   A 1 7 ? -1.700  3.638   -6.669  1.00 16.10 ? 7   C   A N3    1 
ATOM   139 C  C4    . C   A 1 7 ? -1.244  2.406   -6.900  1.00 15.03 ? 7   C   A C4    1 
ATOM   140 N  N4    . C   A 1 7 ? -1.128  1.584   -5.858  1.00 15.85 ? 7   C   A N4    1 
ATOM   141 C  C5    . C   A 1 7 ? -0.871  1.972   -8.208  1.00 16.20 ? 7   C   A C5    1 
ATOM   142 C  C6    . C   A 1 7 ? -1.012  2.848   -9.217  1.00 16.73 ? 7   C   A C6    1 
ATOM   143 O  "O5'" . G   B 2 1 ? -4.349  5.171   3.237   1.00 36.52 ? 8   G   B "O5'" 1 
ATOM   144 C  "C5'" . G   B 2 1 ? -4.627  6.557   3.468   1.00 28.67 ? 8   G   B "C5'" 1 
ATOM   145 C  "C4'" . G   B 2 1 ? -4.630  7.302   2.161   1.00 24.33 ? 8   G   B "C4'" 1 
ATOM   146 O  "O4'" . G   B 2 1 ? -3.302  7.315   1.557   1.00 24.32 ? 8   G   B "O4'" 1 
ATOM   147 C  "C3'" . G   B 2 1 ? -5.515  6.776   1.035   1.00 24.33 ? 8   G   B "C3'" 1 
ATOM   148 O  "O3'" . G   B 2 1 ? -6.876  7.110   1.270   1.00 31.49 ? 8   G   B "O3'" 1 
ATOM   149 C  "C2'" . G   B 2 1 ? -4.912  7.517   -0.134  1.00 19.00 ? 8   G   B "C2'" 1 
ATOM   150 O  "O2'" . G   B 2 1 ? -5.230  8.877   -0.073  1.00 19.62 ? 8   G   B "O2'" 1 
ATOM   151 C  "C1'" . G   B 2 1 ? -3.421  7.331   0.158   1.00 15.25 ? 8   G   B "C1'" 1 
ATOM   152 N  N9    . G   B 2 1 ? -2.962  6.054   -0.365  1.00 18.92 ? 8   G   B N9    1 
ATOM   153 C  C8    . G   B 2 1 ? -2.765  4.877   0.318   1.00 19.36 ? 8   G   B C8    1 
ATOM   154 N  N7    . G   B 2 1 ? -2.400  3.893   -0.455  1.00 17.94 ? 8   G   B N7    1 
ATOM   155 C  C5    . G   B 2 1 ? -2.440  4.429   -1.739  1.00 17.32 ? 8   G   B C5    1 
ATOM   156 C  C6    . G   B 2 1 ? -2.205  3.823   -2.998  1.00 14.39 ? 8   G   B C6    1 
ATOM   157 O  O6    . G   B 2 1 ? -1.904  2.644   -3.251  1.00 17.01 ? 8   G   B O6    1 
ATOM   158 N  N1    . G   B 2 1 ? -2.351  4.736   -4.039  1.00 15.82 ? 8   G   B N1    1 
ATOM   159 C  C2    . G   B 2 1 ? -2.722  6.046   -3.901  1.00 15.35 ? 8   G   B C2    1 
ATOM   160 N  N2    . G   B 2 1 ? -2.805  6.763   -5.041  1.00 15.75 ? 8   G   B N2    1 
ATOM   161 N  N3    . G   B 2 1 ? -2.926  6.632   -2.728  1.00 16.69 ? 8   G   B N3    1 
ATOM   162 C  C4    . G   B 2 1 ? -2.796  5.761   -1.701  1.00 16.09 ? 8   G   B C4    1 
ATOM   163 P  P     . G   B 2 2 ? -8.128  6.267   0.636   1.00 24.79 ? 9   G   B P     1 
ATOM   164 O  OP1   . G   B 2 2 ? -9.366  6.923   1.098   1.00 34.35 ? 9   G   B OP1   1 
ATOM   165 O  OP2   . G   B 2 2 ? -7.931  4.791   0.786   1.00 21.72 ? 9   G   B OP2   1 
ATOM   166 O  "O5'" . G   B 2 2 ? -8.101  6.531   -0.929  1.00 21.99 ? 9   G   B "O5'" 1 
ATOM   167 C  "C5'" . G   B 2 2 ? -8.246  7.844   -1.469  1.00 22.08 ? 9   G   B "C5'" 1 
ATOM   168 C  "C4'" . G   B 2 2 ? -7.827  7.803   -2.906  1.00 20.63 ? 9   G   B "C4'" 1 
ATOM   169 O  "O4'" . G   B 2 2 ? -6.464  7.333   -2.971  1.00 18.67 ? 9   G   B "O4'" 1 
ATOM   170 C  "C3'" . G   B 2 2 ? -8.548  6.829   -3.833  1.00 22.86 ? 9   G   B "C3'" 1 
ATOM   171 O  "O3'" . G   B 2 2 ? -9.765  7.373   -4.280  1.00 22.34 ? 9   G   B "O3'" 1 
ATOM   172 C  "C2'" . G   B 2 2 ? -7.559  6.764   -4.979  1.00 16.29 ? 9   G   B "C2'" 1 
ATOM   173 O  "O2'" . G   B 2 2 ? -7.452  7.932   -5.775  1.00 20.88 ? 9   G   B "O2'" 1 
ATOM   174 C  "C1'" . G   B 2 2 ? -6.255  6.662   -4.197  1.00 14.77 ? 9   G   B "C1'" 1 
ATOM   175 N  N9    . G   B 2 2 ? -5.906  5.274   -3.932  1.00 13.31 ? 9   G   B N9    1 
ATOM   176 C  C8    . G   B 2 2 ? -5.860  4.609   -2.732  1.00 12.77 ? 9   G   B C8    1 
ATOM   177 N  N7    . G   B 2 2 ? -5.505  3.361   -2.855  1.00 13.29 ? 9   G   B N7    1 
ATOM   178 C  C5    . G   B 2 2 ? -5.286  3.196   -4.216  1.00 13.57 ? 9   G   B C5    1 
ATOM   179 C  C6    . G   B 2 2 ? -4.837  2.069   -4.946  1.00 13.69 ? 9   G   B C6    1 
ATOM   180 O  O6    . G   B 2 2 ? -4.556  0.950   -4.528  1.00 14.75 ? 9   G   B O6    1 
ATOM   181 N  N1    . G   B 2 2 ? -4.766  2.333   -6.311  1.00 12.11 ? 9   G   B N1    1 
ATOM   182 C  C2    . G   B 2 2 ? -5.060  3.545   -6.896  1.00 14.85 ? 9   G   B C2    1 
ATOM   183 N  N2    . G   B 2 2 ? -4.932  3.619   -8.232  1.00 16.17 ? 9   G   B N2    1 
ATOM   184 N  N3    . G   B 2 2 ? -5.453  4.612   -6.216  1.00 16.07 ? 9   G   B N3    1 
ATOM   185 C  C4    . G   B 2 2 ? -5.511  4.374   -4.891  1.00 12.36 ? 9   G   B C4    1 
ATOM   186 P  P     . A   B 2 3 ? -10.901 6.461   -4.958  1.00 18.75 ? 10  A   B P     1 
ATOM   187 O  OP1   . A   B 2 3 ? -12.115 7.294   -5.112  1.00 23.09 ? 10  A   B OP1   1 
ATOM   188 O  OP2   . A   B 2 3 ? -10.990 5.148   -4.225  1.00 19.92 ? 10  A   B OP2   1 
ATOM   189 O  "O5'" . A   B 2 3 ? -10.307 6.010   -6.369  1.00 13.79 ? 10  A   B "O5'" 1 
ATOM   190 C  "C5'" . A   B 2 3 ? -10.209 6.887   -7.493  1.00 12.22 ? 10  A   B "C5'" 1 
ATOM   191 C  "C4'" . A   B 2 3 ? -9.976  6.055   -8.727  1.00 12.79 ? 10  A   B "C4'" 1 
ATOM   192 O  "O4'" . A   B 2 3 ? -8.657  5.444   -8.684  1.00 13.87 ? 10  A   B "O4'" 1 
ATOM   193 C  "C3'" . A   B 2 3 ? -10.891 4.866   -8.943  1.00 11.78 ? 10  A   B "C3'" 1 
ATOM   194 O  "O3'" . A   B 2 3 ? -12.132 5.346   -9.452  1.00 11.22 ? 10  A   B "O3'" 1 
ATOM   195 C  "C2'" . A   B 2 3 ? -10.070 4.066   -9.945  1.00 10.36 ? 10  A   B "C2'" 1 
ATOM   196 O  "O2'" . A   B 2 3 ? -10.055 4.682   -11.226 1.00 12.14 ? 10  A   B "O2'" 1 
ATOM   197 C  "C1'" . A   B 2 3 ? -8.693  4.162   -9.307  1.00 11.59 ? 10  A   B "C1'" 1 
ATOM   198 N  N9    . A   B 2 3 ? -8.458  3.161   -8.284  1.00 12.71 ? 10  A   B N9    1 
ATOM   199 C  C8    . A   B 2 3 ? -8.556  3.327   -6.924  1.00 11.13 ? 10  A   B C8    1 
ATOM   200 N  N7    . A   B 2 3 ? -8.196  2.270   -6.235  1.00 12.48 ? 10  A   B N7    1 
ATOM   201 C  C5    . A   B 2 3 ? -7.807  1.356   -7.204  1.00 10.44 ? 10  A   B C5    1 
ATOM   202 C  C6    . A   B 2 3 ? -7.317  0.050   -7.127  1.00 11.76 ? 10  A   B C6    1 
ATOM   203 N  N6    . A   B 2 3 ? -7.120  -0.610  -5.971  1.00 12.13 ? 10  A   B N6    1 
ATOM   204 N  N1    . A   B 2 3 ? -7.068  -0.598  -8.290  1.00 11.90 ? 10  A   B N1    1 
ATOM   205 C  C2    . A   B 2 3 ? -7.308  0.035   -9.439  1.00 9.85  ? 10  A   B C2    1 
ATOM   206 N  N3    . A   B 2 3 ? -7.729  1.273   -9.644  1.00 12.51 ? 10  A   B N3    1 
ATOM   207 C  C4    . A   B 2 3 ? -7.981  1.887   -8.474  1.00 12.41 ? 10  A   B C4    1 
ATOM   208 P  P     . G   B 2 4 ? -13.469 4.497   -9.191  1.00 11.59 ? 11  G   B P     1 
ATOM   209 O  OP1   . G   B 2 4 ? -14.600 5.209   -9.884  1.00 12.85 ? 11  G   B OP1   1 
ATOM   210 O  OP2   . G   B 2 4 ? -13.571 4.123   -7.744  1.00 12.98 ? 11  G   B OP2   1 
ATOM   211 O  "O5'" . G   B 2 4 ? -13.114 3.170   -9.995  1.00 10.74 ? 11  G   B "O5'" 1 
ATOM   212 C  "C5'" . G   B 2 4 ? -13.556 1.866   -9.588  1.00 9.85  ? 11  G   B "C5'" 1 
ATOM   213 C  "C4'" . G   B 2 4 ? -12.870 0.883   -10.485 1.00 9.05  ? 11  G   B "C4'" 1 
ATOM   214 O  "O4'" . G   B 2 4 ? -11.438 0.889   -10.194 1.00 10.78 ? 11  G   B "O4'" 1 
ATOM   215 C  "C3'" . G   B 2 4 ? -13.246 -0.576  -10.354 1.00 10.75 ? 11  G   B "C3'" 1 
ATOM   216 O  "O3'" . G   B 2 4 ? -14.419 -0.835  -11.126 1.00 13.87 ? 11  G   B "O3'" 1 
ATOM   217 C  "C2'" . G   B 2 4 ? -12.016 -1.254  -10.937 1.00 11.73 ? 11  G   B "C2'" 1 
ATOM   218 O  "O2'" . G   B 2 4 ? -11.898 -1.128  -12.372 1.00 12.35 ? 11  G   B "O2'" 1 
ATOM   219 C  "C1'" . G   B 2 4 ? -10.932 -0.432  -10.252 1.00 9.12  ? 11  G   B "C1'" 1 
ATOM   220 N  N9    . G   B 2 4 ? -10.648 -0.871  -8.889  1.00 10.29 ? 11  G   B N9    1 
ATOM   221 C  C8    . G   B 2 4 ? -10.952 -0.234  -7.708  1.00 12.66 ? 11  G   B C8    1 
ATOM   222 N  N7    . G   B 2 4 ? -10.551 -0.894  -6.650  1.00 10.61 ? 11  G   B N7    1 
ATOM   223 C  C5    . G   B 2 4 ? -9.995  -2.056  -7.167  1.00 9.75  ? 11  G   B C5    1 
ATOM   224 C  C6    . G   B 2 4 ? -9.412  -3.160  -6.505  1.00 12.31 ? 11  G   B C6    1 
ATOM   225 O  O6    . G   B 2 4 ? -9.251  -3.330  -5.296  1.00 11.88 ? 11  G   B O6    1 
ATOM   226 N  N1    . G   B 2 4 ? -8.985  -4.130  -7.403  1.00 11.59 ? 11  G   B N1    1 
ATOM   227 C  C2    . G   B 2 4 ? -9.076  -4.035  -8.772  1.00 11.17 ? 11  G   B C2    1 
ATOM   228 N  N2    . G   B 2 4 ? -8.603  -5.070  -9.463  1.00 13.49 ? 11  G   B N2    1 
ATOM   229 N  N3    . G   B 2 4 ? -9.625  -3.008  -9.409  1.00 11.86 ? 11  G   B N3    1 
ATOM   230 C  C4    . G   B 2 4 ? -10.078 -2.069  -8.547  1.00 9.54  ? 11  G   B C4    1 
ATOM   231 P  P     . C   B 2 5 ? -15.474 -1.983  -10.696 1.00 14.66 ? 12  C   B P     1 
ATOM   232 O  OP1   . C   B 2 5 ? -16.592 -1.921  -11.663 1.00 16.78 ? 12  C   B OP1   1 
ATOM   233 O  OP2   . C   B 2 5 ? -15.654 -1.981  -9.221  1.00 14.61 ? 12  C   B OP2   1 
ATOM   234 O  "O5'" . C   B 2 5 ? -14.665 -3.322  -10.956 1.00 12.87 ? 12  C   B "O5'" 1 
ATOM   235 C  "C5'" . C   B 2 5 ? -14.301 -3.727  -12.292 1.00 14.41 ? 12  C   B "C5'" 1 
ATOM   236 C  "C4'" . C   B 2 5 ? -13.479 -4.986  -12.237 1.00 14.35 ? 12  C   B "C4'" 1 
ATOM   237 O  "O4'" . C   B 2 5 ? -12.284 -4.785  -11.421 1.00 14.75 ? 12  C   B "O4'" 1 
ATOM   238 C  "C3'" . C   B 2 5 ? -14.162 -6.152  -11.559 1.00 15.02 ? 12  C   B "C3'" 1 
ATOM   239 O  "O3'" . C   B 2 5 ? -15.047 -6.787  -12.467 1.00 19.57 ? 12  C   B "O3'" 1 
ATOM   240 C  "C2'" . C   B 2 5 ? -12.985 -7.037  -11.233 1.00 15.94 ? 12  C   B "C2'" 1 
ATOM   241 O  "O2'" . C   B 2 5 ? -12.487 -7.674  -12.405 1.00 19.03 ? 12  C   B "O2'" 1 
ATOM   242 C  "C1'" . C   B 2 5 ? -12.004 -5.993  -10.726 1.00 11.17 ? 12  C   B "C1'" 1 
ATOM   243 N  N1    . C   B 2 5 ? -12.058 -5.741  -9.271  1.00 11.29 ? 12  C   B N1    1 
ATOM   244 C  C2    . C   B 2 5 ? -11.481 -6.695  -8.442  1.00 13.40 ? 12  C   B C2    1 
ATOM   245 O  O2    . C   B 2 5 ? -10.995 -7.724  -8.960  1.00 14.42 ? 12  C   B O2    1 
ATOM   246 N  N3    . C   B 2 5 ? -11.482 -6.493  -7.104  1.00 11.82 ? 12  C   B N3    1 
ATOM   247 C  C4    . C   B 2 5 ? -12.045 -5.393  -6.594  1.00 11.35 ? 12  C   B C4    1 
ATOM   248 N  N4    . C   B 2 5 ? -12.019 -5.231  -5.266  1.00 12.36 ? 12  C   B N4    1 
ATOM   249 C  C5    . C   B 2 5 ? -12.669 -4.414  -7.420  1.00 11.34 ? 12  C   B C5    1 
ATOM   250 C  C6    . C   B 2 5 ? -12.676 -4.641  -8.739  1.00 12.26 ? 12  C   B C6    1 
ATOM   251 P  P     . U   B 2 6 ? -16.434 -7.381  -11.981 1.00 17.45 ? 13  U   B P     1 
ATOM   252 O  OP1   . U   B 2 6 ? -17.181 -7.800  -13.219 1.00 22.00 ? 13  U   B OP1   1 
ATOM   253 O  OP2   . U   B 2 6 ? -17.092 -6.442  -11.000 1.00 19.16 ? 13  U   B OP2   1 
ATOM   254 O  "O5'" . U   B 2 6 ? -15.932 -8.632  -11.124 1.00 17.04 ? 13  U   B "O5'" 1 
ATOM   255 C  "C5'" . U   B 2 6 ? -15.180 -9.699  -11.702 1.00 15.27 ? 13  U   B "C5'" 1 
ATOM   256 C  "C4'" . U   B 2 6 ? -14.629 -10.566 -10.599 1.00 19.74 ? 13  U   B "C4'" 1 
ATOM   257 O  "O4'" . U   B 2 6 ? -13.763 -9.766  -9.768  1.00 19.24 ? 13  U   B "O4'" 1 
ATOM   258 C  "C3'" . U   B 2 6 ? -15.664 -11.130 -9.638  1.00 23.22 ? 13  U   B "C3'" 1 
ATOM   259 O  "O3'" . U   B 2 6 ? -16.261 -12.331 -10.175 1.00 23.55 ? 13  U   B "O3'" 1 
ATOM   260 C  "C2'" . U   B 2 6 ? -14.818 -11.390 -8.395  1.00 17.33 ? 13  U   B "C2'" 1 
ATOM   261 O  "O2'" . U   B 2 6 ? -14.090 -12.591 -8.591  1.00 24.29 ? 13  U   B "O2'" 1 
ATOM   262 C  "C1'" . U   B 2 6 ? -13.857 -10.195 -8.417  1.00 19.01 ? 13  U   B "C1'" 1 
ATOM   263 N  N1    . U   B 2 6 ? -14.288 -9.052  -7.581  1.00 14.77 ? 13  U   B N1    1 
ATOM   264 C  C2    . U   B 2 6 ? -13.880 -9.040  -6.260  1.00 16.21 ? 13  U   B C2    1 
ATOM   265 O  O2    . U   B 2 6 ? -13.210 -9.936  -5.776  1.00 12.24 ? 13  U   B O2    1 
ATOM   266 N  N3    . U   B 2 6 ? -14.309 -7.953  -5.531  1.00 15.34 ? 13  U   B N3    1 
ATOM   267 C  C4    . U   B 2 6 ? -15.104 -6.914  -5.975  1.00 17.23 ? 13  U   B C4    1 
ATOM   268 O  O4    . U   B 2 6 ? -15.443 -6.020  -5.189  1.00 20.47 ? 13  U   B O4    1 
ATOM   269 C  C5    . U   B 2 6 ? -15.463 -6.991  -7.363  1.00 14.57 ? 13  U   B C5    1 
ATOM   270 C  C6    . U   B 2 6 ? -15.053 -8.034  -8.097  1.00 15.71 ? 13  U   B C6    1 
ATOM   271 P  P     . A   B 2 7 ? -17.594 -12.996 -9.561  1.00 23.59 ? 14  A   B P     1 
ATOM   272 O  OP1   . A   B 2 7 ? -18.368 -13.611 -10.724 1.00 28.01 ? 14  A   B OP1   1 
ATOM   273 O  OP2   . A   B 2 7 ? -18.220 -12.100 -8.563  1.00 22.28 ? 14  A   B OP2   1 
ATOM   274 O  "O5'" . A   B 2 7 ? -17.038 -14.260 -8.772  1.00 24.25 ? 14  A   B "O5'" 1 
ATOM   275 C  "C5'" . A   B 2 7 ? -16.082 -15.123 -9.359  1.00 19.49 ? 14  A   B "C5'" 1 
ATOM   276 C  "C4'" . A   B 2 7 ? -15.973 -16.351 -8.505  1.00 15.89 ? 14  A   B "C4'" 1 
ATOM   277 O  "O4'" . A   B 2 7 ? -15.401 -15.961 -7.229  1.00 15.22 ? 14  A   B "O4'" 1 
ATOM   278 C  "C3'" . A   B 2 7 ? -17.284 -17.027 -8.138  1.00 15.74 ? 14  A   B "C3'" 1 
ATOM   279 O  "O3'" . A   B 2 7 ? -17.748 -17.877 -9.181  1.00 19.03 ? 14  A   B "O3'" 1 
ATOM   280 C  "C2'" . A   B 2 7 ? -16.896 -17.753 -6.852  1.00 14.14 ? 14  A   B "C2'" 1 
ATOM   281 O  "O2'" . A   B 2 7 ? -16.236 -18.982 -7.125  1.00 15.30 ? 14  A   B "O2'" 1 
ATOM   282 C  "C1'" . A   B 2 7 ? -15.987 -16.712 -6.192  1.00 13.16 ? 14  A   B "C1'" 1 
ATOM   283 N  N9    . A   B 2 7 ? -16.636 -15.797 -5.248  1.00 10.58 ? 14  A   B N9    1 
ATOM   284 C  C8    . A   B 2 7 ? -17.467 -14.731 -5.483  1.00 12.68 ? 14  A   B C8    1 
ATOM   285 N  N7    . A   B 2 7 ? -17.943 -14.177 -4.390  1.00 14.37 ? 14  A   B N7    1 
ATOM   286 C  C5    . A   B 2 7 ? -17.351 -14.903 -3.369  1.00 11.59 ? 14  A   B C5    1 
ATOM   287 C  C6    . A   B 2 7 ? -17.470 -14.835 -1.981  1.00 10.84 ? 14  A   B C6    1 
ATOM   288 N  N6    . A   B 2 7 ? -18.178 -13.896 -1.354  1.00 16.48 ? 14  A   B N6    1 
ATOM   289 N  N1    . A   B 2 7 ? -16.799 -15.746 -1.247  1.00 12.92 ? 14  A   B N1    1 
ATOM   290 C  C2    . A   B 2 7 ? -16.046 -16.653 -1.881  1.00 10.11 ? 14  A   B C2    1 
ATOM   291 N  N3    . A   B 2 7 ? -15.906 -16.861 -3.189  1.00 10.59 ? 14  A   B N3    1 
ATOM   292 C  C4    . A   B 2 7 ? -16.582 -15.933 -3.885  1.00 10.01 ? 14  A   B C4    1 
ATOM   293 O  "O5'" . U   C 1 1 ? 19.660  -3.950  11.602  1.00 21.51 ? 1   U   C "O5'" 1 
ATOM   294 C  "C5'" . U   C 1 1 ? 18.926  -4.976  10.970  1.00 18.01 ? 1   U   C "C5'" 1 
ATOM   295 C  "C4'" . U   C 1 1 ? 18.951  -4.725  9.478   1.00 19.19 ? 1   U   C "C4'" 1 
ATOM   296 O  "O4'" . U   C 1 1 ? 18.313  -3.474  9.091   1.00 16.40 ? 1   U   C "O4'" 1 
ATOM   297 C  "C3'" . U   C 1 1 ? 20.262  -4.793  8.701   1.00 19.24 ? 1   U   C "C3'" 1 
ATOM   298 O  "O3'" . U   C 1 1 ? 20.086  -5.288  7.351   1.00 17.25 ? 1   U   C "O3'" 1 
ATOM   299 C  "C2'" . U   C 1 1 ? 20.625  -3.314  8.566   1.00 16.77 ? 1   U   C "C2'" 1 
ATOM   300 O  "O2'" . U   C 1 1 ? 21.531  -3.008  7.512   1.00 24.47 ? 1   U   C "O2'" 1 
ATOM   301 C  "C1'" . U   C 1 1 ? 19.234  -2.693  8.350   1.00 19.02 ? 1   U   C "C1'" 1 
ATOM   302 N  N1    . U   C 1 1 ? 19.165  -1.312  8.832   1.00 20.36 ? 1   U   C N1    1 
ATOM   303 C  C2    . U   C 1 1 ? 19.328  -0.297  7.905   1.00 21.26 ? 1   U   C C2    1 
ATOM   304 O  O2    . U   C 1 1 ? 19.472  -0.501  6.712   1.00 29.51 ? 1   U   C O2    1 
ATOM   305 N  N3    . U   C 1 1 ? 19.284  0.966   8.427   1.00 19.56 ? 1   U   C N3    1 
ATOM   306 C  C4    . U   C 1 1 ? 19.134  1.320   9.754   1.00 19.09 ? 1   U   C C4    1 
ATOM   307 O  O4    . U   C 1 1 ? 19.139  2.508   10.066  1.00 26.91 ? 1   U   C O4    1 
ATOM   308 C  C5    . U   C 1 1 ? 18.989  0.220   10.652  1.00 20.77 ? 1   U   C C5    1 
ATOM   309 C  C6    . U   C 1 1 ? 19.018  -1.030  10.172  1.00 18.10 ? 1   U   C C6    1 
ATOM   310 P  P     . A   C 1 2 ? 19.943  -6.836  7.057   1.00 21.14 ? 2   A   C P     1 
ATOM   311 O  OP1   . A   C 1 2 ? 20.503  -7.670  8.179   1.00 26.50 ? 2   A   C OP1   1 
ATOM   312 O  OP2   . A   C 1 2 ? 20.285  -7.041  5.619   1.00 22.55 ? 2   A   C OP2   1 
ATOM   313 O  "O5'" . A   C 1 2 ? 18.386  -7.096  7.238   1.00 19.54 ? 2   A   C "O5'" 1 
ATOM   314 C  "C5'" . A   C 1 2 ? 17.465  -6.417  6.363   1.00 18.86 ? 2   A   C "C5'" 1 
ATOM   315 C  "C4'" . A   C 1 2 ? 16.125  -6.430  7.019   1.00 17.00 ? 2   A   C "C4'" 1 
ATOM   316 O  "O4'" . A   C 1 2 ? 16.234  -5.758  8.301   1.00 15.72 ? 2   A   C "O4'" 1 
ATOM   317 C  "C3'" . A   C 1 2 ? 15.055  -5.649  6.257   1.00 12.41 ? 2   A   C "C3'" 1 
ATOM   318 O  "O3'" . A   C 1 2 ? 14.387  -6.521  5.374   1.00 20.35 ? 2   A   C "O3'" 1 
ATOM   319 C  "C2'" . A   C 1 2 ? 14.100  -5.214  7.364   1.00 13.97 ? 2   A   C "C2'" 1 
ATOM   320 O  "O2'" . A   C 1 2 ? 13.100  -6.173  7.653   1.00 15.88 ? 2   A   C "O2'" 1 
ATOM   321 C  "C1'" . A   C 1 2 ? 15.025  -5.098  8.586   1.00 12.21 ? 2   A   C "C1'" 1 
ATOM   322 N  N9    . A   C 1 2 ? 15.281  -3.707  8.997   1.00 12.63 ? 2   A   C N9    1 
ATOM   323 C  C8    . A   C 1 2 ? 15.371  -3.295  10.308  1.00 13.81 ? 2   A   C C8    1 
ATOM   324 N  N7    . A   C 1 2 ? 15.556  -2.004  10.447  1.00 11.75 ? 2   A   C N7    1 
ATOM   325 C  C5    . A   C 1 2 ? 15.610  -1.533  9.143   1.00 12.16 ? 2   A   C C5    1 
ATOM   326 C  C6    . A   C 1 2 ? 15.757  -0.236  8.608   1.00 12.00 ? 2   A   C C6    1 
ATOM   327 N  N6    . A   C 1 2 ? 15.900  0.862   9.352   1.00 13.25 ? 2   A   C N6    1 
ATOM   328 N  N1    . A   C 1 2 ? 15.828  -0.116  7.265   1.00 17.64 ? 2   A   C N1    1 
ATOM   329 C  C2    . A   C 1 2 ? 15.687  -1.220  6.510   1.00 15.47 ? 2   A   C C2    1 
ATOM   330 N  N3    . A   C 1 2 ? 15.499  -2.484  6.891   1.00 12.52 ? 2   A   C N3    1 
ATOM   331 C  C4    . A   C 1 2 ? 15.479  -2.578  8.237   1.00 11.50 ? 2   A   C C4    1 
ATOM   332 P  P     . G   C 1 3 ? 11.456  -5.895  7.450   1.00 15.77 ? 3   G   C P     1 
ATOM   333 O  OP1   . G   C 1 3 ? 10.821  -7.198  7.765   1.00 19.44 ? 3   G   C OP1   1 
ATOM   334 O  OP2   . G   C 1 3 ? 11.236  -5.174  6.162   1.00 17.46 ? 3   G   C OP2   1 
ATOM   335 O  "O5'" . G   C 1 3 ? 11.065  -4.811  8.567   1.00 14.36 ? 3   G   C "O5'" 1 
ATOM   336 C  "C5'" . G   C 1 3 ? 11.033  -5.231  9.951   1.00 11.61 ? 3   G   C "C5'" 1 
ATOM   337 C  "C4'" . G   C 1 3 ? 11.113  -4.009  10.828  1.00 12.48 ? 3   G   C "C4'" 1 
ATOM   338 O  "O4'" . G   C 1 3 ? 12.332  -3.272  10.542  1.00 10.67 ? 3   G   C "O4'" 1 
ATOM   339 C  "C3'" . G   C 1 3 ? 10.030  -2.957  10.628  1.00 13.97 ? 3   G   C "C3'" 1 
ATOM   340 O  "O3'" . G   C 1 3 ? 8.831   -3.363  11.240  1.00 16.01 ? 3   G   C "O3'" 1 
ATOM   341 C  "C2'" . G   C 1 3 ? 10.688  -1.762  11.323  1.00 10.40 ? 3   G   C "C2'" 1 
ATOM   342 O  "O2'" . G   C 1 3 ? 10.654  -1.931  12.733  1.00 11.82 ? 3   G   C "O2'" 1 
ATOM   343 C  "C1'" . G   C 1 3 ? 12.115  -1.872  10.768  1.00 11.64 ? 3   G   C "C1'" 1 
ATOM   344 N  N9    . G   C 1 3 ? 12.256  -1.149  9.501   1.00 12.26 ? 3   G   C N9    1 
ATOM   345 C  C8    . G   C 1 3 ? 12.211  -1.650  8.220   1.00 11.70 ? 3   G   C C8    1 
ATOM   346 N  N7    . G   C 1 3 ? 12.280  -0.719  7.304   1.00 13.33 ? 3   G   C N7    1 
ATOM   347 C  C5    . G   C 1 3 ? 12.320  0.468   8.022   1.00 11.06 ? 3   G   C C5    1 
ATOM   348 C  C6    . G   C 1 3 ? 12.394  1.821   7.577   1.00 10.80 ? 3   G   C C6    1 
ATOM   349 O  O6    . G   C 1 3 ? 12.429  2.256   6.418   1.00 14.58 ? 3   G   C O6    1 
ATOM   350 N  N1    . G   C 1 3 ? 12.412  2.707   8.648   1.00 11.18 ? 3   G   C N1    1 
ATOM   351 C  C2    . G   C 1 3 ? 12.445  2.344   9.975   1.00 9.80  ? 3   G   C C2    1 
ATOM   352 N  N2    . G   C 1 3 ? 12.456  3.338   10.860  1.00 10.02 ? 3   G   C N2    1 
ATOM   353 N  N3    . G   C 1 3 ? 12.348  1.101   10.397  1.00 10.15 ? 3   G   C N3    1 
ATOM   354 C  C4    . G   C 1 3 ? 12.361  0.217   9.379   1.00 9.91  ? 3   G   C C4    1 
ATOM   355 P  P     . C   C 1 4 ? 7.398   -2.744  10.791  1.00 17.32 ? 4   C   C P     1 
ATOM   356 O  OP1   . C   C 1 4 ? 6.362   -3.447  11.530  1.00 25.83 ? 4   C   C OP1   1 
ATOM   357 O  OP2   . C   C 1 4 ? 7.388   -2.746  9.346   1.00 19.24 ? 4   C   C OP2   1 
ATOM   358 O  "O5'" . C   C 1 4 ? 7.426   -1.171  11.146  1.00 17.10 ? 4   C   C "O5'" 1 
ATOM   359 C  "C5'" . C   C 1 4 ? 7.425   -0.675  12.480  1.00 15.96 ? 4   C   C "C5'" 1 
ATOM   360 C  "C4'" . C   C 1 4 ? 7.852   0.781   12.504  1.00 14.30 ? 4   C   C "C4'" 1 
ATOM   361 O  "O4'" . C   C 1 4 ? 9.028   1.004   11.682  1.00 13.57 ? 4   C   C "O4'" 1 
ATOM   362 C  "C3'" . C   C 1 4 ? 6.858   1.805   11.970  1.00 13.56 ? 4   C   C "C3'" 1 
ATOM   363 O  "O3'" . C   C 1 4 ? 5.908   2.028   12.990  1.00 15.49 ? 4   C   C "O3'" 1 
ATOM   364 C  "C2'" . C   C 1 4 ? 7.769   3.001   11.803  1.00 11.64 ? 4   C   C "C2'" 1 
ATOM   365 O  "O2'" . C   C 1 4 ? 8.107   3.571   13.058  1.00 16.12 ? 4   C   C "O2'" 1 
ATOM   366 C  "C1'" . C   C 1 4 ? 9.002   2.333   11.187  1.00 11.17 ? 4   C   C "C1'" 1 
ATOM   367 N  N1    . C   C 1 4 ? 8.993   2.351   9.705   1.00 12.42 ? 4   C   C N1    1 
ATOM   368 C  C2    . C   C 1 4 ? 9.195   3.589   9.079   1.00 11.06 ? 4   C   C C2    1 
ATOM   369 O  O2    . C   C 1 4 ? 9.384   4.591   9.780   1.00 11.62 ? 4   C   C O2    1 
ATOM   370 N  N3    . C   C 1 4 ? 9.189   3.662   7.729   1.00 11.81 ? 4   C   C N3    1 
ATOM   371 C  C4    . C   C 1 4 ? 9.031   2.556   7.007   1.00 12.47 ? 4   C   C C4    1 
ATOM   372 N  N4    . C   C 1 4 ? 9.066   2.677   5.681   1.00 14.60 ? 4   C   C N4    1 
ATOM   373 C  C5    . C   C 1 4 ? 8.776   1.289   7.612   1.00 13.39 ? 4   C   C C5    1 
ATOM   374 C  C6    . C   C 1 4 ? 8.764   1.234   8.954   1.00 13.34 ? 4   C   C C6    1 
ATOM   375 P  P     . U   C 1 5 ? 4.504   2.735   12.685  1.00 15.99 ? 5   U   C P     1 
ATOM   376 O  OP1   . U   C 1 5 ? 3.781   2.739   13.983  1.00 20.99 ? 5   U   C OP1   1 
ATOM   377 O  OP2   . U   C 1 5 ? 3.946   2.196   11.424  1.00 19.19 ? 5   U   C OP2   1 
ATOM   378 O  "O5'" . U   C 1 5 ? 4.847   4.258   12.358  1.00 14.29 ? 5   U   C "O5'" 1 
ATOM   379 C  "C5'" . U   C 1 5 ? 5.167   5.244   13.377  1.00 14.49 ? 5   U   C "C5'" 1 
ATOM   380 C  "C4'" . U   C 1 5 ? 5.126   6.602   12.728  1.00 13.15 ? 5   U   C "C4'" 1 
ATOM   381 O  "O4'" . U   C 1 5 ? 6.119   6.716   11.672  1.00 12.05 ? 5   U   C "O4'" 1 
ATOM   382 C  "C3'" . U   C 1 5 ? 3.841   6.901   11.992  1.00 13.53 ? 5   U   C "C3'" 1 
ATOM   383 O  "O3'" . U   C 1 5 ? 2.879   7.246   12.952  1.00 12.56 ? 5   U   C "O3'" 1 
ATOM   384 C  "C2'" . U   C 1 5 ? 4.261   8.063   11.108  1.00 11.24 ? 5   U   C "C2'" 1 
ATOM   385 O  "O2'" . U   C 1 5 ? 4.430   9.306   11.799  1.00 14.11 ? 5   U   C "O2'" 1 
ATOM   386 C  "C1'" . U   C 1 5 ? 5.614   7.547   10.621  1.00 9.81  ? 5   U   C "C1'" 1 
ATOM   387 N  N1    . U   C 1 5 ? 5.644   6.785   9.350   1.00 9.53  ? 5   U   C N1    1 
ATOM   388 C  C2    . U   C 1 5 ? 5.627   7.511   8.175   1.00 8.64  ? 5   U   C C2    1 
ATOM   389 O  O2    . U   C 1 5 ? 5.480   8.710   8.147   1.00 10.38 ? 5   U   C O2    1 
ATOM   390 N  N3    . U   C 1 5 ? 5.787   6.763   7.033   1.00 10.39 ? 5   U   C N3    1 
ATOM   391 C  C4    . U   C 1 5 ? 5.910   5.390   6.944   1.00 11.01 ? 5   U   C C4    1 
ATOM   392 O  O4    . U   C 1 5 ? 6.095   4.871   5.847   1.00 12.71 ? 5   U   C O4    1 
ATOM   393 C  C5    . U   C 1 5 ? 5.887   4.713   8.194   1.00 10.14 ? 5   U   C C5    1 
ATOM   394 C  C6    . U   C 1 5 ? 5.761   5.415   9.328   1.00 11.62 ? 5   U   C C6    1 
ATOM   395 P  P     . C   C 1 6 ? 1.342   7.049   12.620  1.00 13.72 ? 6   C   C P     1 
ATOM   396 O  OP1   . C   C 1 6 ? 0.622   7.504   13.855  1.00 17.33 ? 6   C   C OP1   1 
ATOM   397 O  OP2   . C   C 1 6 ? 1.109   5.692   12.083  1.00 18.18 ? 6   C   C OP2   1 
ATOM   398 O  "O5'" . C   C 1 6 ? 1.122   8.060   11.410  1.00 14.35 ? 6   C   C "O5'" 1 
ATOM   399 C  "C5'" . C   C 1 6 ? 0.233   7.761   10.333  1.00 12.63 ? 6   C   C "C5'" 1 
ATOM   400 C  "C4'" . C   C 1 6 ? 0.498   8.844   9.345   1.00 11.25 ? 6   C   C "C4'" 1 
ATOM   401 O  "O4'" . C   C 1 6 ? 1.864   8.739   8.828   1.00 12.42 ? 6   C   C "O4'" 1 
ATOM   402 C  "C3'" . C   C 1 6 ? -0.381  8.886   8.127   1.00 12.03 ? 6   C   C "C3'" 1 
ATOM   403 O  "O3'" . C   C 1 6 ? -1.605  9.509   8.460   1.00 12.05 ? 6   C   C "O3'" 1 
ATOM   404 C  "C2'" . C   C 1 6 ? 0.480   9.698   7.174   1.00 11.83 ? 6   C   C "C2'" 1 
ATOM   405 O  "O2'" . C   C 1 6 ? 0.476   11.080  7.464   1.00 12.18 ? 6   C   C "O2'" 1 
ATOM   406 C  "C1'" . C   C 1 6 ? 1.869   9.103   7.455   1.00 10.79 ? 6   C   C "C1'" 1 
ATOM   407 N  N1    . C   C 1 6 ? 2.181   7.923   6.633   1.00 10.42 ? 6   C   C N1    1 
ATOM   408 C  C2    . C   C 1 6 ? 2.414   8.130   5.280   1.00 10.09 ? 6   C   C C2    1 
ATOM   409 O  O2    . C   C 1 6 ? 2.374   9.288   4.842   1.00 11.44 ? 6   C   C O2    1 
ATOM   410 N  N3    . C   C 1 6 ? 2.715   7.072   4.490   1.00 13.37 ? 6   C   C N3    1 
ATOM   411 C  C4    . C   C 1 6 ? 2.812   5.850   5.017   1.00 12.59 ? 6   C   C C4    1 
ATOM   412 N  N4    . C   C 1 6 ? 3.095   4.840   4.204   1.00 16.61 ? 6   C   C N4    1 
ATOM   413 C  C5    . C   C 1 6 ? 2.555   5.604   6.396   1.00 12.14 ? 6   C   C C5    1 
ATOM   414 C  C6    . C   C 1 6 ? 2.271   6.664   7.165   1.00 12.78 ? 6   C   C C6    1 
ATOM   415 P  P     . C   C 1 7 ? -2.953  9.107   7.658   1.00 14.75 ? 7   C   C P     1 
ATOM   416 O  OP1   . C   C 1 7 ? -4.028  9.843   8.327   1.00 17.96 ? 7   C   C OP1   1 
ATOM   417 O  OP2   . C   C 1 7 ? -3.016  7.627   7.496   1.00 16.99 ? 7   C   C OP2   1 
ATOM   418 O  "O5'" . C   C 1 7 ? -2.720  9.732   6.220   1.00 15.88 ? 7   C   C "O5'" 1 
ATOM   419 C  "C5'" . C   C 1 7 ? -2.639  11.156  6.039   1.00 16.37 ? 7   C   C "C5'" 1 
ATOM   420 C  "C4'" . C   C 1 7 ? -2.466  11.432  4.571   1.00 17.85 ? 7   C   C "C4'" 1 
ATOM   421 O  "O4'" . C   C 1 7 ? -1.185  10.924  4.113   1.00 17.18 ? 7   C   C "O4'" 1 
ATOM   422 C  "C3'" . C   C 1 7 ? -3.462  10.729  3.659   1.00 17.97 ? 7   C   C "C3'" 1 
ATOM   423 O  "O3'" . C   C 1 7 ? -4.666  11.470  3.583   1.00 21.36 ? 7   C   C "O3'" 1 
ATOM   424 C  "C2'" . C   C 1 7 ? -2.748  10.784  2.323   1.00 15.70 ? 7   C   C "C2'" 1 
ATOM   425 O  "O2'" . C   C 1 7 ? -2.822  12.058  1.723   1.00 21.63 ? 7   C   C "O2'" 1 
ATOM   426 C  "C1'" . C   C 1 7 ? -1.304  10.540  2.749   1.00 13.78 ? 7   C   C "C1'" 1 
ATOM   427 N  N1    . C   C 1 7 ? -0.932  9.135   2.631   1.00 14.51 ? 7   C   C N1    1 
ATOM   428 C  C2    . C   C 1 7 ? -0.555  8.667   1.365   1.00 11.58 ? 7   C   C C2    1 
ATOM   429 O  O2    . C   C 1 7 ? -0.632  9.435   0.401   1.00 15.27 ? 7   C   C O2    1 
ATOM   430 N  N3    . C   C 1 7 ? -0.143  7.389   1.228   1.00 15.16 ? 7   C   C N3    1 
ATOM   431 C  C4    . C   C 1 7 ? -0.126  6.574   2.286   1.00 13.34 ? 7   C   C C4    1 
ATOM   432 N  N4    . C   C 1 7 ? 0.295   5.325   2.103   1.00 17.51 ? 7   C   C N4    1 
ATOM   433 C  C5    . C   C 1 7 ? -0.494  7.021   3.591   1.00 14.53 ? 7   C   C C5    1 
ATOM   434 C  C6    . C   C 1 7 ? -0.904  8.295   3.715   1.00 15.13 ? 7   C   C C6    1 
ATOM   435 O  "O5'" . G   D 2 1 ? 3.215   2.825   -7.352  1.00 30.10 ? 8   G   D "O5'" 1 
ATOM   436 C  "C5'" . G   D 2 1 ? 3.187   3.691   -8.495  1.00 30.53 ? 8   G   D "C5'" 1 
ATOM   437 C  "C4'" . G   D 2 1 ? 2.584   5.013   -8.109  1.00 27.09 ? 8   G   D "C4'" 1 
ATOM   438 O  "O4'" . G   D 2 1 ? 1.295   4.798   -7.454  1.00 29.07 ? 8   G   D "O4'" 1 
ATOM   439 C  "C3'" . G   D 2 1 ? 3.346   5.856   -7.090  1.00 22.00 ? 8   G   D "C3'" 1 
ATOM   440 O  "O3'" . G   D 2 1 ? 4.453   6.574   -7.623  1.00 26.50 ? 8   G   D "O3'" 1 
ATOM   441 C  "C2'" . G   D 2 1 ? 2.255   6.806   -6.635  1.00 24.01 ? 8   G   D "C2'" 1 
ATOM   442 O  "O2'" . G   D 2 1 ? 2.021   7.859   -7.562  1.00 31.05 ? 8   G   D "O2'" 1 
ATOM   443 C  "C1'" . G   D 2 1 ? 1.090   5.820   -6.475  1.00 22.45 ? 8   G   D "C1'" 1 
ATOM   444 N  N9    . G   D 2 1 ? 1.066   5.205   -5.151  1.00 21.25 ? 8   G   D N9    1 
ATOM   445 C  C8    . G   D 2 1 ? 1.380   3.908   -4.815  1.00 20.41 ? 8   G   D C8    1 
ATOM   446 N  N7    . G   D 2 1 ? 1.319   3.681   -3.529  1.00 21.71 ? 8   G   D N7    1 
ATOM   447 C  C5    . G   D 2 1 ? 0.987   4.914   -2.977  1.00 20.10 ? 8   G   D C5    1 
ATOM   448 C  C6    . G   D 2 1 ? 0.791   5.301   -1.615  1.00 15.29 ? 8   G   D C6    1 
ATOM   449 O  O6    . G   D 2 1 ? 0.869   4.604   -0.594  1.00 17.82 ? 8   G   D O6    1 
ATOM   450 N  N1    . G   D 2 1 ? 0.409   6.635   -1.514  1.00 15.33 ? 8   G   D N1    1 
ATOM   451 C  C2    . G   D 2 1 ? 0.311   7.510   -2.573  1.00 16.20 ? 8   G   D C2    1 
ATOM   452 N  N2    . G   D 2 1 ? -0.039  8.762   -2.276  1.00 16.54 ? 8   G   D N2    1 
ATOM   453 N  N3    . G   D 2 1 ? 0.509   7.169   -3.839  1.00 17.38 ? 8   G   D N3    1 
ATOM   454 C  C4    . G   D 2 1 ? 0.844   5.869   -3.965  1.00 18.07 ? 8   G   D C4    1 
ATOM   455 P  P     . G   D 2 2 ? 5.756   6.867   -6.712  1.00 25.33 ? 9   G   D P     1 
ATOM   456 O  OP1   . G   D 2 2 ? 6.833   7.433   -7.592  1.00 33.13 ? 9   G   D OP1   1 
ATOM   457 O  OP2   . G   D 2 2 ? 6.011   5.649   -5.874  1.00 24.01 ? 9   G   D OP2   1 
ATOM   458 O  "O5'" . G   D 2 2 ? 5.272   7.991   -5.696  1.00 26.50 ? 9   G   D "O5'" 1 
ATOM   459 C  "C5'" . G   D 2 2 ? 4.875   9.266   -6.184  1.00 30.19 ? 9   G   D "C5'" 1 
ATOM   460 C  "C4'" . G   D 2 2 ? 4.362   10.055  -5.036  1.00 29.65 ? 9   G   D "C4'" 1 
ATOM   461 O  "O4'" . G   D 2 2 ? 3.240   9.360   -4.417  1.00 23.04 ? 9   G   D "O4'" 1 
ATOM   462 C  "C3'" . G   D 2 2 ? 5.341   10.190  -3.886  1.00 26.95 ? 9   G   D "C3'" 1 
ATOM   463 O  "O3'" . G   D 2 2 ? 6.349   11.146  -4.207  1.00 21.69 ? 9   G   D "O3'" 1 
ATOM   464 C  "C2'" . G   D 2 2 ? 4.383   10.631  -2.795  1.00 20.07 ? 9   G   D "C2'" 1 
ATOM   465 O  "O2'" . G   D 2 2 ? 3.985   11.956  -3.049  1.00 22.58 ? 9   G   D "O2'" 1 
ATOM   466 C  "C1'" . G   D 2 2 ? 3.210   9.677   -3.035  1.00 15.27 ? 9   G   D "C1'" 1 
ATOM   467 N  N9    . G   D 2 2 ? 3.372   8.456   -2.263  1.00 16.10 ? 9   G   D N9    1 
ATOM   468 C  C8    . G   D 2 2 ? 3.819   7.221   -2.680  1.00 16.18 ? 9   G   D C8    1 
ATOM   469 N  N7    . G   D 2 2 ? 3.945   6.365   -1.701  1.00 15.11 ? 9   G   D N7    1 
ATOM   470 C  C5    . G   D 2 2 ? 3.578   7.085   -0.565  1.00 16.04 ? 9   G   D C5    1 
ATOM   471 C  C6    . G   D 2 2 ? 3.526   6.692   0.806   1.00 16.17 ? 9   G   D C6    1 
ATOM   472 O  O6    . G   D 2 2 ? 3.773   5.595   1.300   1.00 16.19 ? 9   G   D O6    1 
ATOM   473 N  N1    . G   D 2 2 ? 3.125   7.738   1.627   1.00 15.35 ? 9   G   D N1    1 
ATOM   474 C  C2    . G   D 2 2 ? 2.828   9.006   1.201   1.00 12.57 ? 9   G   D C2    1 
ATOM   475 N  N2    . G   D 2 2 ? 2.434   9.869   2.150   1.00 13.68 ? 9   G   D N2    1 
ATOM   476 N  N3    . G   D 2 2 ? 2.869   9.390   -0.074  1.00 15.55 ? 9   G   D N3    1 
ATOM   477 C  C4    . G   D 2 2 ? 3.273   8.390   -0.889  1.00 12.52 ? 9   G   D C4    1 
ATOM   478 P  P     . A   D 2 3 ? 7.772   11.118  -3.461  1.00 21.49 ? 10  A   D P     1 
ATOM   479 O  OP1   . A   D 2 3 ? 8.630   12.082  -4.147  1.00 28.99 ? 10  A   D OP1   1 
ATOM   480 O  OP2   . A   D 2 3 ? 8.199   9.722   -3.210  1.00 19.05 ? 10  A   D OP2   1 
ATOM   481 O  "O5'" . A   D 2 3 ? 7.404   11.690  -2.023  1.00 17.84 ? 10  A   D "O5'" 1 
ATOM   482 C  "C5'" . A   D 2 3 ? 6.974   13.058  -1.865  1.00 16.05 ? 10  A   D "C5'" 1 
ATOM   483 C  "C4'" . A   D 2 3 ? 6.654   13.343  -0.421  1.00 17.60 ? 10  A   D "C4'" 1 
ATOM   484 O  "O4'" . A   D 2 3 ? 5.538   12.519  0.036   1.00 15.63 ? 10  A   D "O4'" 1 
ATOM   485 C  "C3'" . A   D 2 3 ? 7.750   13.033  0.585   1.00 18.82 ? 10  A   D "C3'" 1 
ATOM   486 O  "O3'" . A   D 2 3 ? 8.754   14.038  0.509   1.00 19.98 ? 10  A   D "O3'" 1 
ATOM   487 C  "C2'" . A   D 2 3 ? 6.943   12.988  1.870   1.00 15.54 ? 10  A   D "C2'" 1 
ATOM   488 O  "O2'" . A   D 2 3 ? 6.547   14.289  2.282   1.00 16.48 ? 10  A   D "O2'" 1 
ATOM   489 C  "C1'" . A   D 2 3 ? 5.729   12.175  1.405   1.00 13.78 ? 10  A   D "C1'" 1 
ATOM   490 N  N9    . A   D 2 3 ? 5.959   10.734  1.507   1.00 11.40 ? 10  A   D N9    1 
ATOM   491 C  C8    . A   D 2 3 ? 6.336   9.829   0.545   1.00 11.40 ? 10  A   D C8    1 
ATOM   492 N  N7    . A   D 2 3 ? 6.468   8.601   0.996   1.00 11.46 ? 10  A   D N7    1 
ATOM   493 C  C5    . A   D 2 3 ? 6.199   8.717   2.355   1.00 9.65  ? 10  A   D C5    1 
ATOM   494 C  C6    . A   D 2 3 ? 6.188   7.779   3.411   1.00 10.18 ? 10  A   D C6    1 
ATOM   495 N  N6    . A   D 2 3 ? 6.449   6.475   3.258   1.00 10.89 ? 10  A   D N6    1 
ATOM   496 N  N1    . A   D 2 3 ? 5.839   8.224   4.643   1.00 9.59  ? 10  A   D N1    1 
ATOM   497 C  C2    . A   D 2 3 ? 5.527   9.516   4.794   1.00 10.04 ? 10  A   D C2    1 
ATOM   498 N  N3    . A   D 2 3 ? 5.533   10.496  3.893   1.00 10.40 ? 10  A   D N3    1 
ATOM   499 C  C4    . A   D 2 3 ? 5.865   10.023  2.676   1.00 10.32 ? 10  A   D C4    1 
ATOM   500 P  P     . G   D 2 4 ? 10.253  13.698  0.890   1.00 23.93 ? 11  G   D P     1 
ATOM   501 O  OP1   . G   D 2 4 ? 11.024  14.946  0.705   1.00 29.64 ? 11  G   D OP1   1 
ATOM   502 O  OP2   . G   D 2 4 ? 10.658  12.474  0.197   1.00 30.47 ? 11  G   D OP2   1 
ATOM   503 O  "O5'" . G   D 2 4 ? 10.206  13.062  2.357   1.00 24.34 ? 11  G   D "O5'" 1 
ATOM   504 C  "C5'" . G   D 2 4 ? 10.376  13.857  3.449   1.00 25.22 ? 11  G   D "C5'" 1 
ATOM   505 C  "C4'" . G   D 2 4 ? 10.017  13.179  4.728   1.00 16.60 ? 11  G   D "C4'" 1 
ATOM   506 O  "O4'" . G   D 2 4 ? 8.883   12.256  4.605   1.00 14.74 ? 11  G   D "O4'" 1 
ATOM   507 C  "C3'" . G   D 2 4 ? 11.047  12.349  5.451   1.00 13.35 ? 11  G   D "C3'" 1 
ATOM   508 O  "O3'" . G   D 2 4 ? 12.084  13.160  5.950   1.00 14.94 ? 11  G   D "O3'" 1 
ATOM   509 C  "C2'" . G   D 2 4 ? 10.140  11.714  6.503   1.00 11.56 ? 11  G   D "C2'" 1 
ATOM   510 O  "O2'" . G   D 2 4 ? 9.835   12.737  7.436   1.00 13.17 ? 11  G   D "O2'" 1 
ATOM   511 C  "C1'" . G   D 2 4 ? 8.962   11.292  5.621   1.00 11.18 ? 11  G   D "C1'" 1 
ATOM   512 N  N9    . G   D 2 4 ? 9.113   9.972   5.010   1.00 13.25 ? 11  G   D N9    1 
ATOM   513 C  C8    . G   D 2 4 ? 9.303   9.642   3.687   1.00 11.23 ? 11  G   D C8    1 
ATOM   514 N  N7    . G   D 2 4 ? 9.464   8.360   3.499   1.00 12.65 ? 11  G   D N7    1 
ATOM   515 C  C5    . G   D 2 4 ? 9.349   7.811   4.770   1.00 10.68 ? 11  G   D C5    1 
ATOM   516 C  C6    . G   D 2 4 ? 9.344   6.458   5.191   1.00 10.24 ? 11  G   D C6    1 
ATOM   517 O  O6    . G   D 2 4 ? 9.522   5.433   4.509   1.00 13.38 ? 11  G   D O6    1 
ATOM   518 N  N1    . G   D 2 4 ? 9.237   6.356   6.578   1.00 9.64  ? 11  G   D N1    1 
ATOM   519 C  C2    . G   D 2 4 ? 9.019   7.400   7.425   1.00 8.38  ? 11  G   D C2    1 
ATOM   520 N  N2    . G   D 2 4 ? 8.904   7.095   8.724   1.00 9.52  ? 11  G   D N2    1 
ATOM   521 N  N3    . G   D 2 4 ? 8.975   8.664   7.040   1.00 10.53 ? 11  G   D N3    1 
ATOM   522 C  C4    . G   D 2 4 ? 9.113   8.790   5.707   1.00 10.12 ? 11  G   D C4    1 
ATOM   523 P  P     . C   D 2 5 ? 13.589  12.604  6.257   1.00 14.94 ? 12  C   D P     1 
ATOM   524 O  OP1   . C   D 2 5 ? 14.352  13.757  6.748   1.00 19.66 ? 12  C   D OP1   1 
ATOM   525 O  OP2   . C   D 2 5 ? 14.063  11.802  5.107   1.00 16.41 ? 12  C   D OP2   1 
ATOM   526 O  "O5'" . C   D 2 5 ? 13.416  11.564  7.455   1.00 12.25 ? 12  C   D "O5'" 1 
ATOM   527 C  "C5'" . C   D 2 5 ? 13.041  12.106  8.746   1.00 10.60 ? 12  C   D "C5'" 1 
ATOM   528 C  "C4'" . C   D 2 5 ? 12.915  11.007  9.749   1.00 10.49 ? 12  C   D "C4'" 1 
ATOM   529 O  "O4'" . C   D 2 5 ? 11.902  10.075  9.269   1.00 11.65 ? 12  C   D "O4'" 1 
ATOM   530 C  "C3'" . C   D 2 5 ? 14.130  10.114  9.964   1.00 13.25 ? 12  C   D "C3'" 1 
ATOM   531 O  "O3'" . C   D 2 5 ? 15.075  10.780  10.814  1.00 16.77 ? 12  C   D "O3'" 1 
ATOM   532 C  "C2'" . C   D 2 5 ? 13.479  8.902   10.625  1.00 10.99 ? 12  C   D "C2'" 1 
ATOM   533 O  "O2'" . C   D 2 5 ? 13.052  9.090   11.971  1.00 16.27 ? 12  C   D "O2'" 1 
ATOM   534 C  "C1'" . C   D 2 5 ? 12.203  8.780   9.786   1.00 8.99  ? 12  C   D "C1'" 1 
ATOM   535 N  N1    . C   D 2 5 ? 12.338  7.827   8.662   1.00 10.41 ? 12  C   D N1    1 
ATOM   536 C  C2    . C   D 2 5 ? 12.301  6.456   8.954   1.00 9.96  ? 12  C   D C2    1 
ATOM   537 O  O2    . C   D 2 5 ? 12.252  6.095   10.147  1.00 9.84  ? 12  C   D O2    1 
ATOM   538 N  N3    . C   D 2 5 ? 12.377  5.559   7.941   1.00 10.60 ? 12  C   D N3    1 
ATOM   539 C  C4    . C   D 2 5 ? 12.459  5.986   6.675   1.00 10.61 ? 12  C   D C4    1 
ATOM   540 N  N4    . C   D 2 5 ? 12.543  5.061   5.710   1.00 11.10 ? 12  C   D N4    1 
ATOM   541 C  C5    . C   D 2 5 ? 12.505  7.374   6.351   1.00 12.12 ? 12  C   D C5    1 
ATOM   542 C  C6    . C   D 2 5 ? 12.422  8.252   7.364   1.00 10.44 ? 12  C   D C6    1 
ATOM   543 P  P     . U   D 2 6 ? 16.619  10.605  10.552  1.00 19.04 ? 13  U   D P     1 
ATOM   544 O  OP1   . U   D 2 6 ? 17.355  11.381  11.559  1.00 28.15 ? 13  U   D OP1   1 
ATOM   545 O  OP2   . U   D 2 6 ? 16.838  10.824  9.102   1.00 20.29 ? 13  U   D OP2   1 
ATOM   546 O  "O5'" . U   D 2 6 ? 16.911  9.052   10.760  1.00 16.45 ? 13  U   D "O5'" 1 
ATOM   547 C  "C5'" . U   D 2 6 ? 16.802  8.441   12.046  1.00 20.61 ? 13  U   D "C5'" 1 
ATOM   548 C  "C4'" . U   D 2 6 ? 16.855  6.948   11.879  1.00 22.80 ? 13  U   D "C4'" 1 
ATOM   549 O  "O4'" . U   D 2 6 ? 15.802  6.586   10.954  1.00 24.44 ? 13  U   D "O4'" 1 
ATOM   550 C  "C3'" . U   D 2 6 ? 18.107  6.373   11.244  1.00 29.42 ? 13  U   D "C3'" 1 
ATOM   551 O  "O3'" . U   D 2 6 ? 19.027  6.021   12.278  1.00 29.86 ? 13  U   D "O3'" 1 
ATOM   552 C  "C2'" . U   D 2 6 ? 17.593  5.052   10.656  1.00 25.34 ? 13  U   D "C2'" 1 
ATOM   553 O  "O2'" . U   D 2 6 ? 17.513  3.884   11.490  1.00 40.26 ? 13  U   D "O2'" 1 
ATOM   554 C  "C1'" . U   D 2 6 ? 16.165  5.420   10.262  1.00 25.16 ? 13  U   D "C1'" 1 
ATOM   555 N  N1    . U   D 2 6 ? 16.049  5.645   8.825   1.00 18.61 ? 13  U   D N1    1 
ATOM   556 C  C2    . U   D 2 6 ? 15.883  4.511   8.061   1.00 18.75 ? 13  U   D C2    1 
ATOM   557 O  O2    . U   D 2 6 ? 15.870  3.396   8.539   1.00 27.68 ? 13  U   D O2    1 
ATOM   558 N  N3    . U   D 2 6 ? 15.784  4.730   6.714   1.00 21.88 ? 13  U   D N3    1 
ATOM   559 C  C4    . U   D 2 6 ? 15.816  5.936   6.061   1.00 19.02 ? 13  U   D C4    1 
ATOM   560 O  O4    . U   D 2 6 ? 15.698  5.959   4.839   1.00 29.87 ? 13  U   D O4    1 
ATOM   561 C  C5    . U   D 2 6 ? 15.995  7.072   6.912   1.00 21.51 ? 13  U   D C5    1 
ATOM   562 C  C6    . U   D 2 6 ? 16.095  6.894   8.239   1.00 17.60 ? 13  U   D C6    1 
ATOM   563 P  P     . A   D 2 7 ? 20.520  6.635   12.342  1.00 29.38 ? 14  A   D P     1 
ATOM   564 O  OP1   . A   D 2 7 ? 20.433  8.027   12.862  1.00 45.74 ? 14  A   D OP1   1 
ATOM   565 O  OP2   . A   D 2 7 ? 21.211  6.368   11.048  1.00 30.20 ? 14  A   D OP2   1 
ATOM   566 O  "O5'" . A   D 2 7 ? 21.119  5.762   13.532  1.00 27.72 ? 14  A   D "O5'" 1 
ATOM   567 C  "C5'" . A   D 2 7 ? 20.402  5.644   14.783  1.00 24.01 ? 14  A   D "C5'" 1 
ATOM   568 C  "C4'" . A   D 2 7 ? 20.559  4.242   15.316  1.00 22.19 ? 14  A   D "C4'" 1 
ATOM   569 O  "O4'" . A   D 2 7 ? 19.993  3.310   14.343  1.00 23.24 ? 14  A   D "O4'" 1 
ATOM   570 C  "C3'" . A   D 2 7 ? 21.989  3.733   15.524  1.00 27.64 ? 14  A   D "C3'" 1 
ATOM   571 O  "O3'" . A   D 2 7 ? 22.652  4.181   16.725  1.00 35.03 ? 14  A   D "O3'" 1 
ATOM   572 C  "C2'" . A   D 2 7 ? 21.773  2.221   15.494  1.00 19.20 ? 14  A   D "C2'" 1 
ATOM   573 O  "O2'" . A   D 2 7 ? 21.244  1.707   16.715  1.00 23.28 ? 14  A   D "O2'" 1 
ATOM   574 C  "C1'" . A   D 2 7 ? 20.730  2.095   14.368  1.00 19.73 ? 14  A   D "C1'" 1 
ATOM   575 N  N9    . A   D 2 7 ? 21.318  1.866   13.043  1.00 20.20 ? 14  A   D N9    1 
ATOM   576 C  C8    . A   D 2 7 ? 21.707  2.743   12.061  1.00 28.82 ? 14  A   D C8    1 
ATOM   577 N  N7    . A   D 2 7 ? 22.201  2.156   10.995  1.00 24.33 ? 14  A   D N7    1 
ATOM   578 C  C5    . A   D 2 7 ? 22.141  0.803   11.304  1.00 17.87 ? 14  A   D C5    1 
ATOM   579 C  C6    . A   D 2 7 ? 22.500  -0.356  10.585  1.00 18.13 ? 14  A   D C6    1 
ATOM   580 N  N6    . A   D 2 7 ? 23.038  -0.341  9.364   1.00 17.61 ? 14  A   D N6    1 
ATOM   581 N  N1    . A   D 2 7 ? 22.332  -1.548  11.194  1.00 15.36 ? 14  A   D N1    1 
ATOM   582 C  C2    . A   D 2 7 ? 21.756  -1.571  12.401  1.00 15.46 ? 14  A   D C2    1 
ATOM   583 N  N3    . A   D 2 7 ? 21.377  -0.562  13.173  1.00 13.61 ? 14  A   D N3    1 
ATOM   584 C  C4    . A   D 2 7 ? 21.593  0.613   12.557  1.00 17.21 ? 14  A   D C4    1 
HETATM 585 CO CO    . CO  E 3 . ? 0.282   -13.864 -0.033  1.00 34.57 ? 101 CO  A CO    1 
HETATM 586 O  O     . HOH F 4 . ? -2.763  1.984   -15.825 1.00 29.73 ? 201 HOH A O     1 
HETATM 587 O  O     . HOH F 4 . ? -4.937  -3.238  -3.656  1.00 30.28 ? 202 HOH A O     1 
HETATM 588 O  O     . HOH F 4 . ? -6.714  -2.862  -13.233 1.00 37.38 ? 203 HOH A O     1 
HETATM 589 O  O     . HOH F 4 . ? -10.939 -17.483 4.108   1.00 16.40 ? 204 HOH A O     1 
HETATM 590 O  O     . HOH F 4 . ? -9.043  -7.533  0.240   1.00 30.71 ? 205 HOH A O     1 
HETATM 591 O  O     . HOH F 4 . ? 0.846   -10.460 -3.953  1.00 30.66 ? 206 HOH A O     1 
HETATM 592 O  O     . HOH F 4 . ? -1.178  8.876   -8.380  1.00 36.34 ? 207 HOH A O     1 
HETATM 593 O  O     . HOH F 4 . ? -0.697  -4.942  -8.287  1.00 31.08 ? 208 HOH A O     1 
HETATM 594 O  O     . HOH F 4 . ? -5.147  -13.450 4.312   1.00 27.23 ? 209 HOH A O     1 
HETATM 595 O  O     . HOH F 4 . ? -8.429  -8.612  -10.527 1.00 36.08 ? 210 HOH A O     1 
HETATM 596 O  O     . HOH F 4 . ? -2.379  -10.753 1.850   1.00 34.39 ? 211 HOH A O     1 
HETATM 597 O  O     . HOH F 4 . ? -13.630 -7.982  -2.809  1.00 16.14 ? 212 HOH A O     1 
HETATM 598 O  O     . HOH F 4 . ? -3.582  -14.998 -4.442  1.00 28.80 ? 213 HOH A O     1 
HETATM 599 O  O     . HOH F 4 . ? -5.319  -8.212  -0.794  1.00 32.60 ? 214 HOH A O     1 
HETATM 600 O  O     . HOH F 4 . ? -16.497 -9.057  -2.747  1.00 25.42 ? 215 HOH A O     1 
HETATM 601 O  O     . HOH F 4 . ? 0.775   -1.697  -9.953  1.00 44.37 ? 216 HOH A O     1 
HETATM 602 O  O     . HOH F 4 . ? -1.640  -3.400  -5.363  1.00 28.83 ? 217 HOH A O     1 
HETATM 603 O  O     . HOH F 4 . ? 0.401   -0.840  -6.500  1.00 36.75 ? 218 HOH A O     1 
HETATM 604 O  O     . HOH F 4 . ? -14.742 -11.238 6.023   1.00 32.88 ? 219 HOH A O     1 
HETATM 605 O  O     . HOH F 4 . ? -6.672  -5.776  -1.348  1.00 30.77 ? 220 HOH A O     1 
HETATM 606 O  O     . HOH F 4 . ? -9.172  -12.625 -7.786  1.00 30.41 ? 221 HOH A O     1 
HETATM 607 O  O     . HOH F 4 . ? -15.670 -11.040 3.676   1.00 37.05 ? 222 HOH A O     1 
HETATM 608 O  O     . HOH F 4 . ? -0.890  -12.619 -0.636  1.00 38.82 ? 223 HOH A O     1 
HETATM 609 O  O     . HOH F 4 . ? -17.372 -9.728  -5.024  1.00 40.60 ? 224 HOH A O     1 
HETATM 610 O  O     . HOH F 4 . ? -11.517 -8.735  4.958   1.00 36.01 ? 225 HOH A O     1 
HETATM 611 O  O     . HOH F 4 . ? -17.153 -12.218 6.021   1.00 19.06 ? 226 HOH A O     1 
HETATM 612 O  O     . HOH F 4 . ? -16.206 -15.510 9.005   1.00 12.67 ? 227 HOH A O     1 
HETATM 613 O  O     . HOH F 4 . ? 1.825   -12.917 -1.495  1.00 30.09 ? 228 HOH A O     1 
HETATM 614 O  O     . HOH F 4 . ? -4.917  -7.702  5.116   1.00 26.77 ? 229 HOH A O     1 
HETATM 615 O  O     . HOH F 4 . ? 0.096   -14.958 -1.476  1.00 31.35 ? 230 HOH A O     1 
HETATM 616 O  O     . HOH F 4 . ? 1.678   -15.166 1.040   1.00 37.84 ? 231 HOH A O     1 
HETATM 617 O  O     . HOH G 4 . ? -19.430 -12.300 -4.638  1.00 31.48 ? 101 HOH B O     1 
HETATM 618 O  O     . HOH G 4 . ? -10.083 -2.447  -3.187  1.00 27.12 ? 102 HOH B O     1 
HETATM 619 O  O     . HOH G 4 . ? -13.666 -13.674 -6.260  1.00 20.23 ? 103 HOH B O     1 
HETATM 620 O  O     . HOH G 4 . ? -18.351 -3.842  -11.996 1.00 36.49 ? 104 HOH B O     1 
HETATM 621 O  O     . HOH G 4 . ? -3.195  -0.081  -2.451  1.00 37.14 ? 105 HOH B O     1 
HETATM 622 O  O     . HOH G 4 . ? -10.274 -0.116  -3.975  1.00 26.59 ? 106 HOH B O     1 
HETATM 623 O  O     . HOH G 4 . ? -11.820 2.708   -6.066  1.00 22.04 ? 107 HOH B O     1 
HETATM 624 O  O     . HOH G 4 . ? -14.525 7.976   -10.366 1.00 19.75 ? 108 HOH B O     1 
HETATM 625 O  O     . HOH G 4 . ? -13.263 -2.793  -4.519  1.00 34.38 ? 109 HOH B O     1 
HETATM 626 O  O     . HOH G 4 . ? -8.946  3.009   -3.593  1.00 29.72 ? 110 HOH B O     1 
HETATM 627 O  O     . HOH G 4 . ? -20.055 -18.842 -10.591 1.00 46.55 ? 111 HOH B O     1 
HETATM 628 O  O     . HOH G 4 . ? -9.365  -2.595  -12.363 1.00 27.02 ? 112 HOH B O     1 
HETATM 629 O  O     . HOH G 4 . ? -8.318  -5.727  -12.359 1.00 25.66 ? 113 HOH B O     1 
HETATM 630 O  O     . HOH G 4 . ? -17.037 5.826   -8.277  1.00 28.35 ? 114 HOH B O     1 
HETATM 631 O  O     . HOH G 4 . ? -8.641  2.541   -1.065  1.00 35.73 ? 115 HOH B O     1 
HETATM 632 O  O     . HOH G 4 . ? -20.487 -13.007 -6.783  1.00 41.38 ? 116 HOH B O     1 
HETATM 633 O  O     . HOH G 4 . ? -7.553  0.801   -3.218  1.00 36.39 ? 117 HOH B O     1 
HETATM 634 O  O     . HOH G 4 . ? -17.037 -17.000 -12.203 1.00 40.54 ? 118 HOH B O     1 
HETATM 635 O  O     . HOH G 4 . ? -13.939 1.099   -5.691  1.00 37.57 ? 119 HOH B O     1 
HETATM 636 O  O     . HOH G 4 . ? -15.573 5.010   -4.688  1.00 24.36 ? 120 HOH B O     1 
HETATM 637 O  O     . HOH G 4 . ? -5.128  1.724   1.612   1.00 46.59 ? 121 HOH B O     1 
HETATM 638 O  O     . HOH G 4 . ? -20.532 -2.146  -11.437 1.00 20.45 ? 122 HOH B O     1 
HETATM 639 O  O     . HOH G 4 . ? -16.036 6.765   -5.944  1.00 17.15 ? 123 HOH B O     1 
HETATM 640 O  O     . HOH G 4 . ? -4.696  -0.292  -0.577  1.00 27.87 ? 124 HOH B O     1 
HETATM 641 O  O     . HOH H 4 . ? 1.139   12.529  5.414   1.00 16.17 ? 101 HOH C O     1 
HETATM 642 O  O     . HOH H 4 . ? 19.037  -8.486  3.838   1.00 29.12 ? 102 HOH C O     1 
HETATM 643 O  O     . HOH H 4 . ? 5.881   2.316   5.324   1.00 32.98 ? 103 HOH C O     1 
HETATM 644 O  O     . HOH H 4 . ? 2.062   4.465   9.967   1.00 22.48 ? 104 HOH C O     1 
HETATM 645 O  O     . HOH H 4 . ? 14.007  -9.058  6.044   1.00 26.34 ? 105 HOH C O     1 
HETATM 646 O  O     . HOH H 4 . ? 9.306   -3.490  14.412  1.00 24.61 ? 106 HOH C O     1 
HETATM 647 O  O     . HOH H 4 . ? 16.055  2.048   5.712   1.00 27.43 ? 107 HOH C O     1 
HETATM 648 O  O     . HOH H 4 . ? 9.105   -6.108  4.793   1.00 37.04 ? 108 HOH C O     1 
HETATM 649 O  O     . HOH H 4 . ? -1.249  5.697   6.610   1.00 31.83 ? 109 HOH C O     1 
HETATM 650 O  O     . HOH H 4 . ? -0.130  3.395   4.043   1.00 35.80 ? 110 HOH C O     1 
HETATM 651 O  O     . HOH H 4 . ? 14.963  1.356   12.008  1.00 16.97 ? 111 HOH C O     1 
HETATM 652 O  O     . HOH H 4 . ? 3.639   9.558   14.538  1.00 17.00 ? 112 HOH C O     1 
HETATM 653 O  O     . HOH H 4 . ? 5.055   1.250   8.839   1.00 34.75 ? 113 HOH C O     1 
HETATM 654 O  O     . HOH H 4 . ? 12.794  -9.403  8.319   1.00 29.10 ? 114 HOH C O     1 
HETATM 655 O  O     . HOH H 4 . ? 2.559   2.018   5.286   1.00 38.62 ? 115 HOH C O     1 
HETATM 656 O  O     . HOH H 4 . ? -0.086  3.142   15.416  1.00 26.32 ? 116 HOH C O     1 
HETATM 657 O  O     . HOH H 4 . ? -0.317  3.893   8.619   1.00 30.38 ? 117 HOH C O     1 
HETATM 658 O  O     . HOH I 4 . ? 15.391  7.798   3.213   1.00 40.74 ? 101 HOH D O     1 
HETATM 659 O  O     . HOH I 4 . ? 0.257   9.357   -6.214  1.00 32.19 ? 102 HOH D O     1 
HETATM 660 O  O     . HOH I 4 . ? 7.148   7.692   -1.447  1.00 34.71 ? 103 HOH D O     1 
HETATM 661 O  O     . HOH I 4 . ? 2.350   12.044  -0.889  1.00 29.52 ? 104 HOH D O     1 
HETATM 662 O  O     . HOH I 4 . ? 12.802  9.708   3.883   1.00 32.28 ? 105 HOH D O     1 
HETATM 663 O  O     . HOH I 4 . ? 10.765  15.155  8.362   1.00 34.76 ? 106 HOH D O     1 
HETATM 664 O  O     . HOH I 4 . ? 14.783  12.797  2.639   1.00 32.07 ? 107 HOH D O     1 
HETATM 665 O  O     . HOH I 4 . ? 1.868   12.605  1.934   1.00 23.45 ? 108 HOH D O     1 
HETATM 666 O  O     . HOH I 4 . ? 3.040   7.843   -10.189 1.00 40.49 ? 109 HOH D O     1 
HETATM 667 O  O     . HOH I 4 . ? 13.723  6.064   12.914  1.00 24.71 ? 110 HOH D O     1 
HETATM 668 O  O     . HOH I 4 . ? 15.209  3.833   13.283  1.00 31.68 ? 111 HOH D O     1 
HETATM 669 O  O     . HOH I 4 . ? 11.127  13.323  -3.151  1.00 43.03 ? 112 HOH D O     1 
HETATM 670 O  O     . HOH I 4 . ? 12.564  9.952   1.283   1.00 34.47 ? 113 HOH D O     1 
HETATM 671 O  O     . HOH I 4 . ? 4.966   2.275   -0.758  1.00 26.19 ? 114 HOH D O     1 
HETATM 672 O  O     . HOH I 4 . ? 10.959  6.358   0.153   1.00 26.21 ? 115 HOH D O     1 
# 
loop_
_atom_site_anisotrop.id 
_atom_site_anisotrop.type_symbol 
_atom_site_anisotrop.pdbx_label_atom_id 
_atom_site_anisotrop.pdbx_label_alt_id 
_atom_site_anisotrop.pdbx_label_comp_id 
_atom_site_anisotrop.pdbx_label_asym_id 
_atom_site_anisotrop.pdbx_label_seq_id 
_atom_site_anisotrop.pdbx_PDB_ins_code 
_atom_site_anisotrop.U[1][1] 
_atom_site_anisotrop.U[2][2] 
_atom_site_anisotrop.U[3][3] 
_atom_site_anisotrop.U[1][2] 
_atom_site_anisotrop.U[1][3] 
_atom_site_anisotrop.U[2][3] 
_atom_site_anisotrop.pdbx_auth_seq_id 
_atom_site_anisotrop.pdbx_auth_comp_id 
_atom_site_anisotrop.pdbx_auth_asym_id 
_atom_site_anisotrop.pdbx_auth_atom_id 
1   O  "O5'" . U   A 1 ? 0.1702 0.1274 0.1448 0.0035  -0.0495 -0.0063 1   U   A "O5'" 
2   C  "C5'" . U   A 1 ? 0.1114 0.1312 0.1625 0.0058  -0.0239 0.0058  1   U   A "C5'" 
3   C  "C4'" . U   A 1 ? 0.1067 0.1206 0.1587 -0.0169 -0.0081 0.0081  1   U   A "C4'" 
4   O  "O4'" . U   A 1 ? 0.1485 0.1120 0.1501 -0.0227 -0.0141 0.0042  1   U   A "O4'" 
5   C  "C3'" . U   A 1 ? 0.1711 0.1388 0.1066 0.0047  0.0249  -0.0022 1   U   A "C3'" 
6   O  "O3'" . U   A 1 ? 0.1597 0.1660 0.1367 0.0077  0.0060  -0.0321 1   U   A "O3'" 
7   C  "C2'" . U   A 1 ? 0.1568 0.1821 0.0876 -0.0118 -0.0344 -0.0728 1   U   A "C2'" 
8   O  "O2'" . U   A 1 ? 0.1852 0.2777 0.1770 0.0143  0.0302  -0.0723 1   U   A "O2'" 
9   C  "C1'" . U   A 1 ? 0.1563 0.2020 0.1607 0.0048  -0.0282 -0.0069 1   U   A "C1'" 
10  N  N1    . U   A 1 ? 0.0777 0.1682 0.1630 -0.0086 -0.0094 0.0240  1   U   A N1    
11  C  C2    . U   A 1 ? 0.1042 0.1247 0.1737 -0.0341 0.0364  0.0394  1   U   A C2    
12  O  O2    . U   A 1 ? 0.1985 0.2189 0.2315 0.0316  0.0020  -0.0321 1   U   A O2    
13  N  N3    . U   A 1 ? 0.1150 0.2132 0.1732 -0.0135 0.0380  0.0382  1   U   A N3    
14  C  C4    . U   A 1 ? 0.1704 0.1689 0.1832 0.0072  -0.0089 0.0473  1   U   A C4    
15  O  O4    . U   A 1 ? 0.2024 0.2400 0.1996 -0.0782 -0.0702 0.0824  1   U   A O4    
16  C  C5    . U   A 1 ? 0.1489 0.1307 0.1776 -0.0210 -0.0197 0.0349  1   U   A C5    
17  C  C6    . U   A 1 ? 0.1617 0.1416 0.1770 -0.0233 -0.0190 0.0168  1   U   A C6    
18  P  P     . A   A 2 ? 0.1731 0.2019 0.1367 -0.0161 0.0002  -0.0121 2   A   A P     
19  O  OP1   . A   A 2 ? 0.2094 0.1970 0.1385 -0.0075 -0.0347 0.0129  2   A   A OP1   
20  O  OP2   . A   A 2 ? 0.2108 0.2113 0.2095 -0.0119 0.0278  -0.0673 2   A   A OP2   
21  O  "O5'" . A   A 2 ? 0.1673 0.1596 0.1181 -0.0052 -0.0268 -0.0219 2   A   A "O5'" 
22  C  "C5'" . A   A 2 ? 0.1790 0.1495 0.1305 0.0006  0.0005  -0.0381 2   A   A "C5'" 
23  C  "C4'" . A   A 2 ? 0.1404 0.1666 0.1133 -0.0127 -0.0345 -0.0194 2   A   A "C4'" 
24  O  "O4'" . A   A 2 ? 0.1622 0.1683 0.0926 -0.0131 -0.0096 -0.0117 2   A   A "O4'" 
25  C  "C3'" . A   A 2 ? 0.1963 0.1766 0.1764 -0.0382 -0.0221 -0.0260 2   A   A "C3'" 
26  O  "O3'" . A   A 2 ? 0.2087 0.2311 0.2244 -0.0768 -0.0492 -0.0328 2   A   A "O3'" 
27  C  "C2'" . A   A 2 ? 0.1835 0.1901 0.1639 0.0037  -0.0261 0.0054  2   A   A "C2'" 
28  O  "O2'" . A   A 2 ? 0.1712 0.2096 0.1475 -0.0065 0.0154  -0.0048 2   A   A "O2'" 
29  C  "C1'" . A   A 2 ? 0.0898 0.2196 0.1113 -0.0012 -0.0204 -0.0062 2   A   A "C1'" 
30  N  N9    . A   A 2 ? 0.1219 0.1652 0.1000 0.0078  -0.0185 -0.0018 2   A   A N9    
31  C  C8    . A   A 2 ? 0.0833 0.1298 0.1354 0.0508  0.0102  0.0122  2   A   A C8    
32  N  N7    . A   A 2 ? 0.1195 0.1505 0.0977 -0.0020 0.0010  0.0025  2   A   A N7    
33  C  C5    . A   A 2 ? 0.1365 0.1622 0.1068 0.0215  -0.0085 0.0161  2   A   A C5    
34  C  C6    . A   A 2 ? 0.0989 0.1161 0.1343 -0.0118 -0.0164 0.0085  2   A   A C6    
35  N  N6    . A   A 2 ? 0.1284 0.1523 0.1227 0.0432  0.0092  -0.0142 2   A   A N6    
36  N  N1    . A   A 2 ? 0.1064 0.1308 0.1615 -0.0002 -0.0407 0.0010  2   A   A N1    
37  C  C2    . A   A 2 ? 0.1598 0.1036 0.1299 -0.0032 0.0142  -0.0207 2   A   A C2    
38  N  N3    . A   A 2 ? 0.1983 0.1342 0.1358 -0.0123 -0.0078 -0.0063 2   A   A N3    
39  C  C4    . A   A 2 ? 0.1428 0.1365 0.1213 -0.0070 -0.0033 0.0015  2   A   A C4    
40  P  P     . G   A 3 ? 0.1790 0.1991 0.1805 0.0179  -0.0332 -0.0186 3   G   A P     
41  O  OP1   . G   A 3 ? 0.1732 0.3012 0.2505 0.0018  -0.0925 -0.0025 3   G   A OP1   
42  O  OP2   . G   A 3 ? 0.2554 0.1513 0.2446 -0.0108 -0.0299 -0.0271 3   G   A OP2   
43  O  "O5'" . G   A 3 ? 0.1580 0.2141 0.1617 0.0063  -0.0171 -0.0057 3   G   A "O5'" 
44  C  "C5'" . G   A 3 ? 0.1753 0.2172 0.1922 0.0324  -0.0829 -0.0121 3   G   A "C5'" 
45  C  "C4'" . G   A 3 ? 0.1514 0.1595 0.1665 0.0074  0.0024  0.0344  3   G   A "C4'" 
46  O  "O4'" . G   A 3 ? 0.1507 0.1860 0.1298 0.0304  0.0123  0.0541  3   G   A "O4'" 
47  C  "C3'" . G   A 3 ? 0.1135 0.1434 0.1709 0.0301  0.0162  0.0252  3   G   A "C3'" 
48  O  "O3'" . G   A 3 ? 0.1408 0.2044 0.2778 0.0948  0.0326  0.0684  3   G   A "O3'" 
49  C  "C2'" . G   A 3 ? 0.1988 0.1649 0.1260 0.0209  0.0215  0.0217  3   G   A "C2'" 
50  O  "O2'" . G   A 3 ? 0.1570 0.1849 0.1102 0.0373  0.0041  0.0211  3   G   A "O2'" 
51  C  "C1'" . G   A 3 ? 0.1913 0.1377 0.1459 0.0303  0.0069  0.0529  3   G   A "C1'" 
52  N  N9    . G   A 3 ? 0.1636 0.1671 0.1286 0.0542  0.0306  0.0579  3   G   A N9    
53  C  C8    . G   A 3 ? 0.1413 0.1619 0.1458 -0.0228 0.0039  0.0232  3   G   A C8    
54  N  N7    . G   A 3 ? 0.1487 0.1877 0.1118 0.0029  0.0057  0.0319  3   G   A N7    
55  C  C5    . G   A 3 ? 0.1226 0.1286 0.1044 -0.0134 0.0202  0.0272  3   G   A C5    
56  C  C6    . G   A 3 ? 0.1640 0.1323 0.1486 0.0292  -0.0124 -0.0080 3   G   A C6    
57  O  O6    . G   A 3 ? 0.2312 0.1516 0.1243 0.0676  -0.0032 0.0180  3   G   A O6    
58  N  N1    . G   A 3 ? 0.1918 0.1472 0.1237 0.0165  -0.0186 0.0367  3   G   A N1    
59  C  C2    . G   A 3 ? 0.2032 0.1674 0.1351 0.0407  -0.0405 0.0138  3   G   A C2    
60  N  N2    . G   A 3 ? 0.1644 0.1337 0.1259 0.0227  0.0020  0.0161  3   G   A N2    
61  N  N3    . G   A 3 ? 0.1535 0.1319 0.1152 0.0436  0.0378  0.0151  3   G   A N3    
62  C  C4    . G   A 3 ? 0.1294 0.1201 0.1112 0.0013  0.0132  0.0414  3   G   A C4    
63  P  P     . C   A 4 ? 0.1784 0.2853 0.3181 0.0026  0.0065  0.0398  4   C   A P     
64  O  OP1   . C   A 4 ? 0.1649 0.3909 0.2939 0.0318  0.0512  0.0351  4   C   A OP1   
65  O  OP2   . C   A 4 ? 0.3024 0.2865 0.3061 -0.0876 0.0049  -0.0081 4   C   A OP2   
66  O  "O5'" . C   A 4 ? 0.1110 0.2500 0.2735 0.0058  0.0563  0.0211  4   C   A "O5'" 
67  C  "C5'" . C   A 4 ? 0.2674 0.1934 0.3542 0.0221  0.0900  -0.0011 4   C   A "C5'" 
68  C  "C4'" . C   A 4 ? 0.2436 0.2971 0.3153 0.0008  0.0982  -0.0119 4   C   A "C4'" 
69  O  "O4'" . C   A 4 ? 0.2849 0.1681 0.2948 0.0832  0.1125  0.0711  4   C   A "O4'" 
70  C  "C3'" . C   A 4 ? 0.2269 0.2912 0.3275 0.0575  0.0217  0.0577  4   C   A "C3'" 
71  O  "O3'" . C   A 4 ? 0.3760 0.2810 0.3389 0.1085  0.1101  0.0641  4   C   A "O3'" 
72  C  "C2'" . C   A 4 ? 0.2834 0.2243 0.2201 0.0769  0.0409  0.0675  4   C   A "C2'" 
73  O  "O2'" . C   A 4 ? 0.3516 0.2901 0.2002 0.0450  0.0963  0.0502  4   C   A "O2'" 
74  C  "C1'" . C   A 4 ? 0.2830 0.1709 0.3001 0.1049  0.0823  0.0435  4   C   A "C1'" 
75  N  N1    . C   A 4 ? 0.1889 0.1677 0.2147 0.0170  0.0875  0.0591  4   C   A N1    
76  C  C2    . C   A 4 ? 0.2347 0.1614 0.2124 0.0171  0.0385  0.0356  4   C   A C2    
77  O  O2    . C   A 4 ? 0.2088 0.2057 0.2161 0.0310  0.0326  0.0677  4   C   A O2    
78  N  N3    . C   A 4 ? 0.1614 0.1715 0.1976 -0.0102 0.0395  0.0344  4   C   A N3    
79  C  C4    . C   A 4 ? 0.1537 0.2042 0.1937 -0.0012 0.0498  0.0454  4   C   A C4    
80  N  N4    . C   A 4 ? 0.2387 0.1604 0.1898 0.0242  0.0195  0.0762  4   C   A N4    
81  C  C5    . C   A 4 ? 0.1784 0.2059 0.2549 0.0304  0.0474  0.0333  4   C   A C5    
82  C  C6    . C   A 4 ? 0.2222 0.2150 0.1904 -0.0026 0.0899  0.0461  4   C   A C6    
83  P  P     . U   A 5 ? 0.2349 0.3505 0.3035 0.1019  0.0807  0.0560  5   U   A P     
84  O  OP1   . U   A 5 ? 0.2031 0.3218 0.5079 0.0696  0.1466  0.0808  5   U   A OP1   
85  O  OP2   . U   A 5 ? 0.2429 0.3159 0.2810 0.0448  0.0831  0.0907  5   U   A OP2   
86  O  "O5'" . U   A 5 ? 0.3280 0.3267 0.3581 0.1276  0.0892  0.0975  5   U   A "O5'" 
87  C  "C5'" . U   A 5 ? 0.2033 0.2830 0.3613 0.0051  0.1418  0.0526  5   U   A "C5'" 
88  C  "C4'" . U   A 5 ? 0.2939 0.3226 0.3235 0.0382  0.0861  0.0214  5   U   A "C4'" 
89  O  "O4'" . U   A 5 ? 0.4047 0.2521 0.3339 0.0419  0.2032  0.0029  5   U   A "O4'" 
90  C  "C3'" . U   A 5 ? 0.3193 0.3434 0.2634 0.0135  0.1193  0.0644  5   U   A "C3'" 
91  O  "O3'" . U   A 5 ? 0.3546 0.3425 0.2445 0.0358  0.1364  -0.0143 5   U   A "O3'" 
92  C  "C2'" . U   A 5 ? 0.3094 0.2256 0.2242 -0.0743 -0.0271 -0.0001 5   U   A "C2'" 
93  O  "O2'" . U   A 5 ? 0.3005 0.3341 0.1862 0.0009  0.0811  -0.0209 5   U   A "O2'" 
94  C  "C1'" . U   A 5 ? 0.2550 0.2593 0.2089 0.0377  0.0320  -0.0324 5   U   A "C1'" 
95  N  N1    . U   A 5 ? 0.2808 0.2066 0.1632 0.0280  0.0953  0.0503  5   U   A N1    
96  C  C2    . U   A 5 ? 0.1772 0.2324 0.1995 0.0212  0.0304  0.0360  5   U   A C2    
97  O  O2    . U   A 5 ? 0.2742 0.1734 0.1742 0.0376  0.0537  0.0466  5   U   A O2    
98  N  N3    . U   A 5 ? 0.0929 0.1960 0.1703 0.0266  0.0078  0.0281  5   U   A N3    
99  C  C4    . U   A 5 ? 0.1824 0.2139 0.1841 0.0105  -0.0516 0.0149  5   U   A C4    
100 O  O4    . U   A 5 ? 0.2154 0.1936 0.2351 0.0203  0.0539  0.0125  5   U   A O4    
101 C  C5    . U   A 5 ? 0.1833 0.2276 0.1520 0.0216  0.0026  0.0245  5   U   A C5    
102 C  C6    . U   A 5 ? 0.2671 0.1599 0.1890 0.0147  0.0335  0.0179  5   U   A C6    
103 P  P     . C   A 6 ? 0.2685 0.3168 0.3044 0.0428  0.1127  0.0437  6   C   A P     
104 O  OP1   . C   A 6 ? 0.3279 0.3474 0.3570 0.0122  0.1656  0.0657  6   C   A OP1   
105 O  OP2   . C   A 6 ? 0.3616 0.5915 0.4317 0.1893  -0.0564 0.0577  6   C   A OP2   
106 O  "O5'" . C   A 6 ? 0.2489 0.3230 0.3140 0.0452  0.1086  0.0685  6   C   A "O5'" 
107 C  "C5'" . C   A 6 ? 0.2183 0.2467 0.2311 -0.0190 0.1401  0.0066  6   C   A "C5'" 
108 C  "C4'" . C   A 6 ? 0.2550 0.2395 0.2701 0.0142  0.0336  0.0397  6   C   A "C4'" 
109 O  "O4'" . C   A 6 ? 0.3091 0.2234 0.2236 -0.0366 0.0476  -0.0059 6   C   A "O4'" 
110 C  "C3'" . C   A 6 ? 0.2376 0.2332 0.2320 0.0133  0.0189  0.0662  6   C   A "C3'" 
111 O  "O3'" . C   A 6 ? 0.2366 0.3024 0.1830 -0.0037 0.0059  0.0640  6   C   A "O3'" 
112 C  "C2'" . C   A 6 ? 0.2024 0.2070 0.1802 -0.0274 -0.0045 0.0384  6   C   A "C2'" 
113 O  "O2'" . C   A 6 ? 0.1898 0.2426 0.1431 -0.0163 -0.0033 0.0081  6   C   A "O2'" 
114 C  "C1'" . C   A 6 ? 0.1032 0.2807 0.1398 -0.0333 0.0388  -0.0051 6   C   A "C1'" 
115 N  N1    . C   A 6 ? 0.1861 0.1736 0.1580 0.0223  -0.0004 0.0077  6   C   A N1    
116 C  C2    . C   A 6 ? 0.0649 0.2009 0.1428 -0.0075 0.0291  0.0221  6   C   A C2    
117 O  O2    . C   A 6 ? 0.1368 0.1996 0.1025 -0.0064 0.0024  0.0280  6   C   A O2    
118 N  N3    . C   A 6 ? 0.1017 0.2475 0.1377 -0.0391 0.0423  0.0198  6   C   A N3    
119 C  C4    . C   A 6 ? 0.1916 0.2237 0.1593 -0.0155 -0.0006 -0.0147 6   C   A C4    
120 N  N4    . C   A 6 ? 0.1524 0.2834 0.1754 0.0454  0.0220  0.0272  6   C   A N4    
121 C  C5    . C   A 6 ? 0.1392 0.2085 0.1851 0.0045  -0.0194 0.0035  6   C   A C5    
122 C  C6    . C   A 6 ? 0.2360 0.1690 0.1824 0.0340  0.0131  0.0239  6   C   A C6    
123 P  P     . C   A 7 ? 0.2157 0.3724 0.2634 -0.0189 0.0255  0.0433  7   C   A P     
124 O  OP1   . C   A 7 ? 0.2302 0.4594 0.2249 0.0078  0.0692  -0.0034 7   C   A OP1   
125 O  OP2   . C   A 7 ? 0.2205 0.4014 0.2711 0.0457  0.0490  0.0791  7   C   A OP2   
126 O  "O5'" . C   A 7 ? 0.2159 0.3187 0.2640 -0.1086 -0.0560 -0.0193 7   C   A "O5'" 
127 C  "C5'" . C   A 7 ? 0.3315 0.3367 0.4232 -0.0153 0.0525  0.0692  7   C   A "C5'" 
128 C  "C4'" . C   A 7 ? 0.2749 0.4091 0.3251 -0.1085 -0.0346 0.0086  7   C   A "C4'" 
129 O  "O4'" . C   A 7 ? 0.2574 0.3291 0.2059 -0.0850 -0.0468 -0.0716 7   C   A "O4'" 
130 C  "C3'" . C   A 7 ? 0.2209 0.2596 0.2876 -0.0783 -0.0163 0.0603  7   C   A "C3'" 
131 O  "O3'" . C   A 7 ? 0.3696 0.4141 0.3236 -0.2059 0.0604  0.0340  7   C   A "O3'" 
132 C  "C2'" . C   A 7 ? 0.3994 0.2157 0.2938 -0.0785 -0.0338 -0.0182 7   C   A "C2'" 
133 O  "O2'" . C   A 7 ? 0.5722 0.2487 0.2790 -0.0661 -0.1347 -0.0070 7   C   A "O2'" 
134 C  "C1'" . C   A 7 ? 0.2095 0.2970 0.1557 0.0002  -0.0172 -0.0266 7   C   A "C1'" 
135 N  N1    . C   A 7 ? 0.1656 0.2129 0.1777 -0.0699 0.0096  -0.0374 7   C   A N1    
136 C  C2    . C   A 7 ? 0.2169 0.2585 0.1538 -0.0847 -0.0175 -0.0263 7   C   A C2    
137 O  O2    . C   A 7 ? 0.1971 0.2566 0.2546 -0.0653 -0.0465 -0.0063 7   C   A O2    
138 N  N3    . C   A 7 ? 0.1690 0.2562 0.1865 -0.0523 -0.0129 0.0058  7   C   A N3    
139 C  C4    . C   A 7 ? 0.1114 0.2778 0.1817 -0.0302 -0.0472 -0.0120 7   C   A C4    
140 N  N4    . C   A 7 ? 0.1169 0.2760 0.2091 -0.0235 -0.0009 0.0173  7   C   A N4    
141 C  C5    . C   A 7 ? 0.1145 0.2894 0.2116 0.0320  0.0147  0.0055  7   C   A C5    
142 C  C6    . C   A 7 ? 0.2206 0.2103 0.2045 -0.0372 -0.0789 -0.0339 7   C   A C6    
143 O  "O5'" . G   B 1 ? 0.2923 0.5328 0.5624 -0.1123 -0.1713 -0.0265 8   G   B "O5'" 
144 C  "C5'" . G   B 1 ? 0.2201 0.5576 0.3115 -0.0528 0.1188  -0.0257 8   G   B "C5'" 
145 C  "C4'" . G   B 1 ? 0.1746 0.4694 0.2802 -0.0971 -0.0244 -0.1132 8   G   B "C4'" 
146 O  "O4'" . G   B 1 ? 0.1671 0.5649 0.1920 -0.0525 -0.0288 -0.0155 8   G   B "O4'" 
147 C  "C3'" . G   B 1 ? 0.2477 0.4502 0.2263 -0.0356 -0.0964 -0.0311 8   G   B "C3'" 
148 O  "O3'" . G   B 1 ? 0.2519 0.5626 0.3819 -0.0323 -0.1001 -0.1814 8   G   B "O3'" 
149 C  "C2'" . G   B 1 ? 0.2315 0.2936 0.1965 -0.0363 -0.0862 -0.1164 8   G   B "C2'" 
150 O  "O2'" . G   B 1 ? 0.2617 0.2832 0.2003 -0.0226 -0.0928 -0.0552 8   G   B "O2'" 
151 C  "C1'" . G   B 1 ? 0.1918 0.1809 0.2068 -0.1497 -0.0361 0.0926  8   G   B "C1'" 
152 N  N9    . G   B 1 ? 0.1334 0.3580 0.2275 -0.0153 -0.0710 -0.0347 8   G   B N9    
153 C  C8    . G   B 1 ? 0.1863 0.3209 0.2282 -0.0203 -0.0690 -0.0310 8   G   B C8    
154 N  N7    . G   B 1 ? 0.1618 0.2928 0.2267 -0.1348 -0.0001 -0.0271 8   G   B N7    
155 C  C5    . G   B 1 ? 0.1167 0.3288 0.2125 -0.0454 0.0175  -0.0362 8   G   B C5    
156 C  C6    . G   B 1 ? 0.0774 0.2504 0.2188 -0.1021 0.0315  -0.0142 8   G   B C6    
157 O  O6    . G   B 1 ? 0.1716 0.2622 0.2122 -0.0421 -0.0452 0.0040  8   G   B O6    
158 N  N1    . G   B 1 ? 0.1107 0.3080 0.1824 -0.0594 0.0007  -0.0193 8   G   B N1    
159 C  C2    . G   B 1 ? 0.1444 0.2724 0.1661 -0.0911 -0.0236 -0.0225 8   G   B C2    
160 N  N2    . G   B 1 ? 0.1431 0.2718 0.1836 -0.0248 0.0303  -0.0080 8   G   B N2    
161 N  N3    . G   B 1 ? 0.1452 0.3064 0.1826 -0.0448 0.0331  -0.0198 8   G   B N3    
162 C  C4    . G   B 1 ? 0.1141 0.2986 0.1986 -0.1133 -0.0799 -0.0121 8   G   B C4    
163 P  P     . G   B 2 ? 0.2138 0.4636 0.2643 -0.0331 -0.0536 -0.0819 9   G   B P     
164 O  OP1   . G   B 2 ? 0.1985 0.7857 0.3210 0.0602  -0.0667 -0.1381 9   G   B OP1   
165 O  OP2   . G   B 2 ? 0.1534 0.4245 0.2473 -0.0535 -0.0583 -0.0600 9   G   B OP2   
166 O  "O5'" . G   B 2 ? 0.1472 0.4267 0.2613 -0.0481 -0.0253 -0.0169 9   G   B "O5'" 
167 C  "C5'" . G   B 2 ? 0.2301 0.3689 0.2398 0.0112  -0.0008 -0.0948 9   G   B "C5'" 
168 C  "C4'" . G   B 2 ? 0.2094 0.3440 0.2301 -0.0048 -0.0028 -0.0488 9   G   B "C4'" 
169 O  "O4'" . G   B 2 ? 0.2115 0.3368 0.1608 0.0109  -0.0761 -0.1380 9   G   B "O4'" 
170 C  "C3'" . G   B 2 ? 0.2089 0.3882 0.2712 0.0772  -0.0045 -0.1399 9   G   B "C3'" 
171 O  "O3'" . G   B 2 ? 0.2040 0.4134 0.2313 0.0422  -0.0565 -0.1796 9   G   B "O3'" 
172 C  "C2'" . G   B 2 ? 0.1755 0.2925 0.1506 -0.0288 -0.0789 -0.0741 9   G   B "C2'" 
173 O  "O2'" . G   B 2 ? 0.2292 0.2737 0.2904 -0.0120 -0.0976 -0.0589 9   G   B "O2'" 
174 C  "C1'" . G   B 2 ? 0.1329 0.2846 0.1435 -0.0180 -0.0415 -0.0985 9   G   B "C1'" 
175 N  N9    . G   B 2 ? 0.1029 0.2817 0.1211 -0.0344 -0.0484 -0.0525 9   G   B N9    
176 C  C8    . G   B 2 ? 0.0930 0.2188 0.1731 -0.0556 -0.0249 -0.0080 9   G   B C8    
177 N  N7    . G   B 2 ? 0.1022 0.2527 0.1501 -0.0356 -0.0352 -0.0604 9   G   B N7    
178 C  C5    . G   B 2 ? 0.1071 0.2642 0.1442 -0.0597 -0.0365 -0.0393 9   G   B C5    
179 C  C6    . G   B 2 ? 0.0867 0.2505 0.1828 -0.0198 -0.0206 -0.0050 9   G   B C6    
180 O  O6    . G   B 2 ? 0.1561 0.2560 0.1483 -0.0233 0.0110  0.0152  9   G   B O6    
181 N  N1    . G   B 2 ? 0.0999 0.2091 0.1508 0.0107  0.0047  -0.0601 9   G   B N1    
182 C  C2    . G   B 2 ? 0.1245 0.2599 0.1799 0.0299  -0.0494 -0.0441 9   G   B C2    
183 N  N2    . G   B 2 ? 0.1861 0.2427 0.1856 -0.0271 -0.0194 0.0200  9   G   B N2    
184 N  N3    . G   B 2 ? 0.1679 0.2631 0.1796 0.0069  -0.0391 -0.0624 9   G   B N3    
185 C  C4    . G   B 2 ? 0.0614 0.2281 0.1799 -0.0388 -0.0411 -0.0520 9   G   B C4    
186 P  P     . A   B 3 ? 0.2009 0.3351 0.1760 0.0329  -0.0478 -0.0901 10  A   B P     
187 O  OP1   . A   B 3 ? 0.2103 0.4166 0.2501 0.0882  -0.0461 -0.1415 10  A   B OP1   
188 O  OP2   . A   B 3 ? 0.1920 0.3653 0.1992 -0.0470 -0.0575 -0.0790 10  A   B OP2   
189 O  "O5'" . A   B 3 ? 0.1548 0.2101 0.1589 0.0240  -0.0572 -0.0538 10  A   B "O5'" 
190 C  "C5'" . A   B 3 ? 0.1317 0.1890 0.1437 0.0135  -0.0474 -0.0692 10  A   B "C5'" 
191 C  "C4'" . A   B 3 ? 0.1750 0.1638 0.1470 0.0042  -0.0048 -0.0475 10  A   B "C4'" 
192 O  "O4'" . A   B 3 ? 0.1549 0.2186 0.1534 -0.0064 -0.0407 -0.0420 10  A   B "O4'" 
193 C  "C3'" . A   B 3 ? 0.1383 0.1577 0.1515 -0.0009 0.0006  0.0129  10  A   B "C3'" 
194 O  "O3'" . A   B 3 ? 0.1651 0.1454 0.1155 -0.0055 -0.0301 -0.0174 10  A   B "O3'" 
195 C  "C2'" . A   B 3 ? 0.1004 0.1420 0.1511 -0.0214 -0.0293 -0.0021 10  A   B "C2'" 
196 O  "O2'" . A   B 3 ? 0.1645 0.1976 0.0991 0.0060  0.0070  -0.0262 10  A   B "O2'" 
197 C  "C1'" . A   B 3 ? 0.0786 0.1577 0.2041 -0.0287 -0.0136 -0.0058 10  A   B "C1'" 
198 N  N9    . A   B 3 ? 0.1328 0.2027 0.1471 0.0052  -0.0156 -0.0223 10  A   B N9    
199 C  C8    . A   B 3 ? 0.1010 0.1693 0.1526 -0.0162 -0.0026 -0.0333 10  A   B C8    
200 N  N7    . A   B 3 ? 0.1519 0.2002 0.1220 -0.0105 -0.0250 -0.0139 10  A   B N7    
201 C  C5    . A   B 3 ? 0.0589 0.1733 0.1643 -0.0277 -0.0352 -0.0335 10  A   B C5    
202 C  C6    . A   B 3 ? 0.1376 0.1720 0.1370 -0.0106 0.0007  0.0357  10  A   B C6    
203 N  N6    . A   B 3 ? 0.1331 0.2035 0.1242 0.0123  -0.0226 0.0274  10  A   B N6    
204 N  N1    . A   B 3 ? 0.1002 0.2091 0.1427 0.0020  -0.0057 0.0194  10  A   B N1    
205 C  C2    . A   B 3 ? 0.1012 0.1613 0.1116 -0.0007 0.0149  -0.0236 10  A   B C2    
206 N  N3    . A   B 3 ? 0.1457 0.1651 0.1644 0.0219  0.0084  0.0051  10  A   B N3    
207 C  C4    . A   B 3 ? 0.1204 0.1833 0.1675 -0.0239 0.0087  -0.0054 10  A   B C4    
208 P  P     . G   B 4 ? 0.1448 0.1720 0.1234 0.0103  -0.0105 -0.0162 11  G   B P     
209 O  OP1   . G   B 4 ? 0.1594 0.1790 0.1500 0.0344  -0.0192 -0.0481 11  G   B OP1   
210 O  OP2   . G   B 4 ? 0.1835 0.1743 0.1353 -0.0096 -0.0386 0.0266  11  G   B OP2   
211 O  "O5'" . G   B 4 ? 0.1295 0.1182 0.1602 -0.0017 -0.0308 0.0079  11  G   B "O5'" 
212 C  "C5'" . G   B 4 ? 0.1275 0.1106 0.1360 0.0039  0.0008  -0.0014 11  G   B "C5'" 
213 C  "C4'" . G   B 4 ? 0.1375 0.1087 0.0978 -0.0087 -0.0210 -0.0129 11  G   B "C4'" 
214 O  "O4'" . G   B 4 ? 0.1302 0.1119 0.1675 -0.0213 -0.0212 0.0065  11  G   B "O4'" 
215 C  "C3'" . G   B 4 ? 0.1432 0.1214 0.1438 -0.0242 -0.0135 0.0251  11  G   B "C3'" 
216 O  "O3'" . G   B 4 ? 0.1573 0.1882 0.1814 -0.0229 -0.0342 -0.0099 11  G   B "O3'" 
217 C  "C2'" . G   B 4 ? 0.1371 0.1801 0.1283 -0.0287 -0.0080 0.0136  11  G   B "C2'" 
218 O  "O2'" . G   B 4 ? 0.2128 0.1251 0.1312 0.0137  -0.0194 0.0058  11  G   B "O2'" 
219 C  "C1'" . G   B 4 ? 0.1035 0.1165 0.1265 -0.0100 0.0068  0.0352  11  G   B "C1'" 
220 N  N9    . G   B 4 ? 0.1369 0.1460 0.1081 -0.0215 -0.0161 0.0000  11  G   B N9    
221 C  C8    . G   B 4 ? 0.1734 0.1392 0.1683 0.0568  -0.0149 -0.0269 11  G   B C8    
222 N  N7    . G   B 4 ? 0.0936 0.1624 0.1471 0.0057  0.0049  -0.0031 11  G   B N7    
223 C  C5    . G   B 4 ? 0.1066 0.1458 0.1180 -0.0008 0.0102  0.0028  11  G   B C5    
224 C  C6    . G   B 4 ? 0.1706 0.1752 0.1217 0.0028  0.0105  0.0328  11  G   B C6    
225 O  O6    . G   B 4 ? 0.1374 0.1813 0.1327 0.0138  0.0064  0.0655  11  G   B O6    
226 N  N1    . G   B 4 ? 0.1330 0.1634 0.1438 0.0021  0.0211  0.0389  11  G   B N1    
227 C  C2    . G   B 4 ? 0.1181 0.1606 0.1457 0.0082  0.0165  0.0441  11  G   B C2    
228 N  N2    . G   B 4 ? 0.1331 0.1830 0.1963 0.0494  0.0611  0.0560  11  G   B N2    
229 N  N3    . G   B 4 ? 0.1854 0.1436 0.1214 0.0132  0.0238  0.0450  11  G   B N3    
230 C  C4    . G   B 4 ? 0.1155 0.1247 0.1220 -0.0479 0.0033  0.0192  11  G   B C4    
231 P  P     . C   B 5 ? 0.1721 0.1925 0.1923 -0.0106 -0.0164 0.0098  12  C   B P     
232 O  OP1   . C   B 5 ? 0.1849 0.1373 0.3153 -0.0176 -0.0837 0.0271  12  C   B OP1   
233 O  OP2   . C   B 5 ? 0.1900 0.1693 0.1956 -0.0432 0.0339  -0.0072 12  C   B OP2   
234 O  "O5'" . C   B 5 ? 0.1834 0.1383 0.1669 -0.0197 -0.0367 0.0152  12  C   B "O5'" 
235 C  "C5'" . C   B 5 ? 0.2494 0.1499 0.1480 -0.0011 -0.0420 0.0290  12  C   B "C5'" 
236 C  "C4'" . C   B 5 ? 0.2468 0.1357 0.1627 -0.0095 -0.0421 -0.0258 12  C   B "C4'" 
237 O  "O4'" . C   B 5 ? 0.2086 0.1289 0.2229 0.0254  -0.0537 0.0300  12  C   B "O4'" 
238 C  "C3'" . C   B 5 ? 0.1722 0.2284 0.1701 -0.0251 0.0415  -0.0136 12  C   B "C3'" 
239 O  "O3'" . C   B 5 ? 0.3045 0.2520 0.1870 -0.0420 -0.0740 0.0716  12  C   B "O3'" 
240 C  "C2'" . C   B 5 ? 0.2282 0.2222 0.1552 -0.0257 0.0284  0.0096  12  C   B "C2'" 
241 O  "O2'" . C   B 5 ? 0.3461 0.1920 0.1846 -0.0097 0.0636  0.0025  12  C   B "O2'" 
242 C  "C1'" . C   B 5 ? 0.1792 0.1384 0.1067 0.0587  -0.0034 -0.0088 12  C   B "C1'" 
243 N  N1    . C   B 5 ? 0.1831 0.1493 0.0963 -0.0091 -0.0325 0.0125  12  C   B N1    
244 C  C2    . C   B 5 ? 0.2006 0.1690 0.1396 0.0420  -0.0140 0.0102  12  C   B C2    
245 O  O2    . C   B 5 ? 0.2769 0.1674 0.1034 0.0368  0.0056  0.0109  12  C   B O2    
246 N  N3    . C   B 5 ? 0.1851 0.1431 0.1209 -0.0075 0.0012  0.0427  12  C   B N3    
247 C  C4    . C   B 5 ? 0.1423 0.1766 0.1122 0.0089  0.0037  0.0410  12  C   B C4    
248 N  N4    . C   B 5 ? 0.2073 0.1546 0.1076 0.0765  0.0058  0.0316  12  C   B N4    
249 C  C5    . C   B 5 ? 0.1969 0.0926 0.1412 0.0320  -0.0197 -0.0119 12  C   B C5    
250 C  C6    . C   B 5 ? 0.2140 0.1323 0.1193 0.0161  -0.0398 0.0305  12  C   B C6    
251 P  P     . U   B 6 ? 0.2622 0.2251 0.1757 -0.0116 -0.0763 0.0331  13  U   B P     
252 O  OP1   . U   B 6 ? 0.3795 0.2335 0.2230 -0.0821 -0.1540 0.0648  13  U   B OP1   
253 O  OP2   . U   B 6 ? 0.2102 0.2603 0.2573 0.0102  -0.0559 0.0525  13  U   B OP2   
254 O  "O5'" . U   B 6 ? 0.2510 0.2233 0.1728 0.0112  -0.0414 0.0525  13  U   B "O5'" 
255 C  "C5'" . U   B 6 ? 0.2253 0.2025 0.1523 -0.0695 -0.1047 -0.0687 13  U   B "C5'" 
256 C  "C4'" . U   B 6 ? 0.2786 0.2370 0.2340 -0.0161 -0.0846 -0.0036 13  U   B "C4'" 
257 O  "O4'" . U   B 6 ? 0.3365 0.2243 0.1700 -0.0558 -0.0997 0.0701  13  U   B "O4'" 
258 C  "C3'" . U   B 6 ? 0.3512 0.3117 0.2194 -0.0640 -0.1081 0.0359  13  U   B "C3'" 
259 O  "O3'" . U   B 6 ? 0.3690 0.2849 0.2409 -0.0500 -0.0671 -0.0025 13  U   B "O3'" 
260 C  "C2'" . U   B 6 ? 0.2174 0.2870 0.1540 0.0121  -0.0225 -0.0408 13  U   B "C2'" 
261 O  "O2'" . U   B 6 ? 0.5183 0.2120 0.1924 0.0651  -0.0696 0.0281  13  U   B "O2'" 
262 C  "C1'" . U   B 6 ? 0.3670 0.2207 0.1344 -0.0071 -0.0141 -0.0206 13  U   B "C1'" 
263 N  N1    . U   B 6 ? 0.2684 0.1653 0.1271 0.0183  -0.0448 0.0260  13  U   B N1    
264 C  C2    . U   B 6 ? 0.2602 0.1954 0.1603 0.0721  -0.0854 0.0093  13  U   B C2    
265 O  O2    . U   B 6 ? 0.1992 0.1554 0.1105 0.0273  -0.0322 0.0326  13  U   B O2    
266 N  N3    . U   B 6 ? 0.2661 0.1665 0.1503 0.0064  -0.0061 0.0250  13  U   B N3    
267 C  C4    . U   B 6 ? 0.2125 0.2162 0.2258 0.0052  -0.0485 0.0135  13  U   B C4    
268 O  O4    . U   B 6 ? 0.3244 0.2205 0.2327 0.0632  -0.0296 0.0385  13  U   B O4    
269 C  C5    . U   B 6 ? 0.1553 0.1713 0.2269 0.0447  -0.0445 0.0967  13  U   B C5    
270 C  C6    . U   B 6 ? 0.1583 0.1554 0.2829 -0.0059 -0.0030 0.0644  13  U   B C6    
271 P  P     . A   B 7 ? 0.4115 0.2256 0.2589 -0.0189 -0.0682 0.0119  14  A   B P     
272 O  OP1   . A   B 7 ? 0.6117 0.2500 0.2024 -0.0566 -0.0877 0.0399  14  A   B OP1   
273 O  OP2   . A   B 7 ? 0.3210 0.2407 0.2846 0.0033  -0.0452 0.0933  14  A   B OP2   
274 O  "O5'" . A   B 7 ? 0.3907 0.2200 0.3105 0.0206  -0.0451 0.0256  14  A   B "O5'" 
275 C  "C5'" . A   B 7 ? 0.3460 0.2214 0.1730 0.0150  -0.0560 0.0694  14  A   B "C5'" 
276 C  "C4'" . A   B 7 ? 0.2774 0.1879 0.1385 0.0126  -0.0306 0.0337  14  A   B "C4'" 
277 O  "O4'" . A   B 7 ? 0.2119 0.2147 0.1514 -0.0342 0.0182  -0.0176 14  A   B "O4'" 
278 C  "C3'" . A   B 7 ? 0.2403 0.1856 0.1721 -0.0006 -0.1082 0.0207  14  A   B "C3'" 
279 O  "O3'" . A   B 7 ? 0.3017 0.2037 0.2175 -0.0073 -0.0906 -0.0271 14  A   B "O3'" 
280 C  "C2'" . A   B 7 ? 0.1793 0.1816 0.1762 0.0038  -0.0176 0.0616  14  A   B "C2'" 
281 O  "O2'" . A   B 7 ? 0.2626 0.1672 0.1513 -0.0160 0.0129  0.0188  14  A   B "O2'" 
282 C  "C1'" . A   B 7 ? 0.1502 0.2144 0.1353 0.0376  0.0080  -0.0039 14  A   B "C1'" 
283 N  N9    . A   B 7 ? 0.1285 0.1355 0.1378 -0.0003 -0.0063 -0.0010 14  A   B N9    
284 C  C8    . A   B 7 ? 0.1705 0.1380 0.1731 0.0232  0.0301  0.0369  14  A   B C8    
285 N  N7    . A   B 7 ? 0.1575 0.2245 0.1639 -0.0569 0.0019  -0.0015 14  A   B N7    
286 C  C5    . A   B 7 ? 0.1691 0.1300 0.1412 -0.0283 0.0054  -0.0594 14  A   B C5    
287 C  C6    . A   B 7 ? 0.1607 0.1082 0.1430 -0.0499 0.0026  -0.0183 14  A   B C6    
288 N  N6    . A   B 7 ? 0.2460 0.2222 0.1578 -0.0019 0.0308  -0.0642 14  A   B N6    
289 N  N1    . A   B 7 ? 0.1872 0.1418 0.1617 -0.0046 -0.0060 -0.0250 14  A   B N1    
290 C  C2    . A   B 7 ? 0.1214 0.1328 0.1298 -0.0222 -0.0201 -0.0095 14  A   B C2    
291 N  N3    . A   B 7 ? 0.1341 0.1288 0.1393 -0.0021 -0.0101 -0.0141 14  A   B N3    
292 C  C4    . A   B 7 ? 0.1020 0.1407 0.1375 -0.0049 -0.0316 -0.0267 14  A   B C4    
293 O  "O5'" . U   C 1 ? 0.3328 0.2683 0.2160 -0.0825 0.0694  0.0048  1   U   C "O5'" 
294 C  "C5'" . U   C 1 ? 0.2445 0.2105 0.2289 -0.0499 0.0470  0.0381  1   U   C "C5'" 
295 C  "C4'" . U   C 1 ? 0.2561 0.2453 0.2276 -0.0379 0.0171  0.0335  1   U   C "C4'" 
296 O  "O4'" . U   C 1 ? 0.2588 0.2336 0.1307 -0.0307 -0.0577 -0.0212 1   U   C "O4'" 
297 C  "C3'" . U   C 1 ? 0.2442 0.3313 0.1552 0.0446  -0.0173 -0.0871 1   U   C "C3'" 
298 O  "O3'" . U   C 1 ? 0.1921 0.3436 0.1196 0.0072  0.0151  -0.0454 1   U   C "O3'" 
299 C  "C2'" . U   C 1 ? 0.1755 0.3818 0.0798 -0.0649 -0.0549 -0.0826 1   U   C "C2'" 
300 O  "O2'" . U   C 1 ? 0.2604 0.3623 0.3067 -0.0805 0.1047  -0.0692 1   U   C "O2'" 
301 C  "C1'" . U   C 1 ? 0.2385 0.3425 0.1417 0.0011  -0.0018 0.0041  1   U   C "C1'" 
302 N  N1    . U   C 1 ? 0.2506 0.3149 0.2080 0.0251  -0.0067 0.0278  1   U   C N1    
303 C  C2    . U   C 1 ? 0.2823 0.3008 0.2248 -0.0190 0.0168  0.0214  1   U   C C2    
304 O  O2    . U   C 1 ? 0.4726 0.4715 0.1770 -0.0217 0.0418  0.1258  1   U   C O2    
305 N  N3    . U   C 1 ? 0.2286 0.2544 0.2600 0.0003  -0.0392 0.0565  1   U   C N3    
306 C  C4    . U   C 1 ? 0.1619 0.2808 0.2824 -0.0265 -0.0708 0.0172  1   U   C C4    
307 O  O4    . U   C 1 ? 0.2434 0.2626 0.5161 0.0101  0.0002  0.0452  1   U   C O4    
308 C  C5    . U   C 1 ? 0.2552 0.2938 0.2398 0.0373  -0.0466 0.0127  1   U   C C5    
309 C  C6    . U   C 1 ? 0.1762 0.2993 0.2120 -0.0562 -0.0169 0.0106  1   U   C C6    
310 P  P     . A   C 2 ? 0.2540 0.3579 0.1911 0.0339  -0.0728 -0.0566 2   A   C P     
311 O  OP1   . A   C 2 ? 0.3888 0.3638 0.2540 0.1061  -0.1760 -0.1012 2   A   C OP1   
312 O  OP2   . A   C 2 ? 0.2395 0.4124 0.2048 -0.0049 0.0100  -0.0328 2   A   C OP2   
313 O  "O5'" . A   C 2 ? 0.2639 0.2897 0.1887 -0.0405 -0.0177 0.0049  2   A   C "O5'" 
314 C  "C5'" . A   C 2 ? 0.2451 0.2308 0.2407 -0.0129 -0.0235 -0.0272 2   A   C "C5'" 
315 C  "C4'" . A   C 2 ? 0.2140 0.2150 0.2170 0.0262  -0.0613 -0.0648 2   A   C "C4'" 
316 O  "O4'" . A   C 2 ? 0.2333 0.1745 0.1894 0.0244  -0.0385 -0.0479 2   A   C "O4'" 
317 C  "C3'" . A   C 2 ? 0.2287 0.0940 0.1488 -0.0637 -0.0179 0.0378  2   A   C "C3'" 
318 O  "O3'" . A   C 2 ? 0.2899 0.2413 0.2417 -0.0581 -0.0946 -0.0493 2   A   C "O3'" 
319 C  "C2'" . A   C 2 ? 0.1980 0.2227 0.1103 -0.0351 -0.0627 -0.0329 2   A   C "C2'" 
320 O  "O2'" . A   C 2 ? 0.1545 0.2290 0.2196 -0.0063 -0.0377 -0.0551 2   A   C "O2'" 
321 C  "C1'" . A   C 2 ? 0.1791 0.1795 0.1054 -0.0289 -0.0514 -0.0413 2   A   C "C1'" 
322 N  N9    . A   C 2 ? 0.1676 0.1703 0.1416 -0.0284 0.0124  -0.0418 2   A   C N9    
323 C  C8    . A   C 2 ? 0.1944 0.2142 0.1161 -0.0450 0.0211  -0.0108 2   A   C C8    
324 N  N7    . A   C 2 ? 0.1180 0.2073 0.1210 -0.0529 -0.0273 -0.0013 2   A   C N7    
325 C  C5    . A   C 2 ? 0.1773 0.1752 0.1092 0.0047  0.0198  -0.0264 2   A   C C5    
326 C  C6    . A   C 2 ? 0.1081 0.1793 0.1683 -0.0279 0.0154  -0.0020 2   A   C C6    
327 N  N6    . A   C 2 ? 0.1392 0.1889 0.1752 -0.0276 -0.0065 0.0037  2   A   C N6    
328 N  N1    . A   C 2 ? 0.2862 0.2238 0.1603 -0.0371 -0.0345 -0.0125 2   A   C N1    
329 C  C2    . A   C 2 ? 0.2181 0.1877 0.1817 0.0062  -0.0309 -0.0042 2   A   C C2    
330 N  N3    . A   C 2 ? 0.1892 0.1811 0.1051 -0.0175 -0.0847 -0.0287 2   A   C N3    
331 C  C4    . A   C 2 ? 0.1552 0.1692 0.1122 0.0053  -0.0174 -0.0244 2   A   C C4    
332 P  P     . G   C 3 ? 0.2214 0.2082 0.1693 -0.0171 -0.0256 -0.0126 3   G   C P     
333 O  OP1   . G   C 3 ? 0.2643 0.2615 0.2128 -0.0805 0.0150  -0.0457 3   G   C OP1   
334 O  OP2   . G   C 3 ? 0.2277 0.2978 0.1375 -0.0362 -0.0878 -0.0003 3   G   C OP2   
335 O  "O5'" . G   C 3 ? 0.2650 0.1110 0.1693 -0.0388 -0.0113 -0.0010 3   G   C "O5'" 
336 C  "C5'" . G   C 3 ? 0.1274 0.1603 0.1534 0.0046  0.0308  -0.0185 3   G   C "C5'" 
337 C  "C4'" . G   C 3 ? 0.1763 0.1677 0.1302 0.0153  0.0072  -0.0157 3   G   C "C4'" 
338 O  "O4'" . G   C 3 ? 0.1498 0.1294 0.1261 0.0397  -0.0290 -0.0087 3   G   C "O4'" 
339 C  "C3'" . G   C 3 ? 0.2398 0.1343 0.1567 0.0263  -0.0451 -0.0537 3   G   C "C3'" 
340 O  "O3'" . G   C 3 ? 0.2020 0.1539 0.2525 0.0279  -0.0587 -0.0529 3   G   C "O3'" 
341 C  "C2'" . G   C 3 ? 0.1683 0.1243 0.1023 0.0247  -0.0147 -0.0258 3   G   C "C2'" 
342 O  "O2'" . G   C 3 ? 0.1630 0.1921 0.0940 0.0225  -0.0267 -0.0554 3   G   C "O2'" 
343 C  "C1'" . G   C 3 ? 0.1413 0.1236 0.1773 0.0225  -0.0302 0.0087  3   G   C "C1'" 
344 N  N9    . G   C 3 ? 0.1781 0.1360 0.1516 0.0421  -0.0226 -0.0025 3   G   C N9    
345 C  C8    . G   C 3 ? 0.1563 0.1418 0.1462 0.0044  0.0014  -0.0056 3   G   C C8    
346 N  N7    . G   C 3 ? 0.2252 0.1751 0.1060 0.0335  -0.0095 -0.0079 3   G   C N7    
347 C  C5    . G   C 3 ? 0.1617 0.1521 0.1062 0.0205  -0.0200 0.0034  3   G   C C5    
348 C  C6    . G   C 3 ? 0.1209 0.1486 0.1407 0.0032  -0.0358 -0.0016 3   G   C C6    
349 O  O6    . G   C 3 ? 0.2409 0.1918 0.1212 -0.0002 -0.0132 -0.0185 3   G   C O6    
350 N  N1    . G   C 3 ? 0.1552 0.1364 0.1328 0.0045  -0.0098 0.0081  3   G   C N1    
351 C  C2    . G   C 3 ? 0.1062 0.1349 0.1310 -0.0264 0.0046  0.0034  3   G   C C2    
352 N  N2    . G   C 3 ? 0.1318 0.1113 0.1375 0.0053  0.0029  0.0166  3   G   C N2    
353 N  N3    . G   C 3 ? 0.1243 0.1221 0.1391 0.0035  -0.0309 0.0012  3   G   C N3    
354 C  C4    . G   C 3 ? 0.1249 0.1402 0.1113 0.0309  -0.0120 0.0151  3   G   C C4    
355 P  P     . C   C 4 ? 0.1761 0.1844 0.2974 -0.0090 -0.0673 -0.0128 4   C   C P     
356 O  OP1   . C   C 4 ? 0.2425 0.2892 0.4497 -0.0773 0.0269  -0.0831 4   C   C OP1   
357 O  OP2   . C   C 4 ? 0.1884 0.2844 0.2582 0.0324  -0.0783 -0.0681 4   C   C OP2   
358 O  "O5'" . C   C 4 ? 0.2159 0.1975 0.2360 -0.0546 -0.0279 0.0060  4   C   C "O5'" 
359 C  "C5'" . C   C 4 ? 0.1598 0.1902 0.2560 0.0194  -0.0219 -0.0169 4   C   C "C5'" 
360 C  "C4'" . C   C 4 ? 0.1768 0.1828 0.1836 0.0292  0.0054  0.0465  4   C   C "C4'" 
361 O  "O4'" . C   C 4 ? 0.1529 0.1157 0.2468 0.0318  0.0320  0.0409  4   C   C "O4'" 
362 C  "C3'" . C   C 4 ? 0.1883 0.1144 0.2125 0.0220  0.0356  0.0418  4   C   C "C3'" 
363 O  "O3'" . C   C 4 ? 0.1792 0.1722 0.2370 0.0498  0.0405  0.0480  4   C   C "O3'" 
364 C  "C2'" . C   C 4 ? 0.1511 0.1310 0.1601 0.0202  0.0273  0.0247  4   C   C "C2'" 
365 O  "O2'" . C   C 4 ? 0.1687 0.2342 0.2095 0.0072  0.0130  -0.0375 4   C   C "O2'" 
366 C  "C1'" . C   C 4 ? 0.1362 0.1102 0.1777 0.0223  -0.0015 0.0170  4   C   C "C1'" 
367 N  N1    . C   C 4 ? 0.1837 0.1167 0.1714 0.0073  -0.0020 0.0031  4   C   C N1    
368 C  C2    . C   C 4 ? 0.1002 0.1540 0.1659 0.0150  0.0085  0.0284  4   C   C C2    
369 O  O2    . C   C 4 ? 0.1236 0.1256 0.1923 0.0170  -0.0111 0.0457  4   C   C O2    
370 N  N3    . C   C 4 ? 0.1498 0.1455 0.1532 -0.0098 -0.0364 -0.0098 4   C   C N3    
371 C  C4    . C   C 4 ? 0.1123 0.1837 0.1777 -0.0309 -0.0417 -0.0396 4   C   C C4    
372 N  N4    . C   C 4 ? 0.1963 0.1817 0.1766 -0.0288 -0.0658 -0.0041 4   C   C N4    
373 C  C5    . C   C 4 ? 0.1477 0.1641 0.1967 0.0357  -0.0138 -0.0108 4   C   C C5    
374 C  C6    . C   C 4 ? 0.1740 0.1167 0.2160 -0.0106 0.0022  -0.0076 4   C   C C6    
375 P  P     . U   C 5 ? 0.1719 0.1922 0.2434 0.0248  0.0166  0.0417  5   U   C P     
376 O  OP1   . U   C 5 ? 0.2635 0.2377 0.2961 0.0369  0.0947  0.0788  5   U   C OP1   
377 O  OP2   . U   C 5 ? 0.2164 0.2123 0.3002 -0.0434 0.0226  -0.0514 5   U   C OP2   
378 O  "O5'" . U   C 5 ? 0.1160 0.1890 0.2379 0.0162  0.0156  0.0278  5   U   C "O5'" 
379 C  "C5'" . U   C 5 ? 0.1912 0.1497 0.2093 0.0180  -0.0168 0.0629  5   U   C "C5'" 
380 C  "C4'" . U   C 5 ? 0.1766 0.1326 0.1902 0.0225  0.0065  0.0353  5   U   C "C4'" 
381 O  "O4'" . U   C 5 ? 0.1337 0.1724 0.1516 0.0107  -0.0309 0.0459  5   U   C "O4'" 
382 C  "C3'" . U   C 5 ? 0.1642 0.1799 0.1700 0.0116  0.0149  0.0610  5   U   C "C3'" 
383 O  "O3'" . U   C 5 ? 0.1427 0.1561 0.1783 -0.0043 0.0005  0.0055  5   U   C "O3'" 
384 C  "C2'" . U   C 5 ? 0.1271 0.1576 0.1423 0.0006  -0.0038 0.0394  5   U   C "C2'" 
385 O  "O2'" . U   C 5 ? 0.1784 0.1692 0.1887 0.0144  -0.0484 0.0203  5   U   C "O2'" 
386 C  "C1'" . U   C 5 ? 0.1403 0.1109 0.1211 -0.0044 0.0007  0.0325  5   U   C "C1'" 
387 N  N1    . U   C 5 ? 0.0937 0.1254 0.1427 -0.0005 0.0072  0.0204  5   U   C N1    
388 C  C2    . U   C 5 ? 0.0582 0.1414 0.1286 -0.0286 0.0127  0.0086  5   U   C C2    
389 O  O2    . U   C 5 ? 0.1111 0.1403 0.1428 -0.0006 0.0056  0.0041  5   U   C O2    
390 N  N3    . U   C 5 ? 0.1074 0.1405 0.1465 -0.0007 -0.0193 -0.0094 5   U   C N3    
391 C  C4    . U   C 5 ? 0.0974 0.1383 0.1824 -0.0390 -0.0318 0.0048  5   U   C C4    
392 O  O4    . U   C 5 ? 0.1132 0.1641 0.2055 -0.0173 -0.0235 -0.0076 5   U   C O4    
393 C  C5    . U   C 5 ? 0.0706 0.1419 0.1728 0.0303  -0.0232 0.0060  5   U   C C5    
394 C  C6    . U   C 5 ? 0.1229 0.1238 0.1947 -0.0360 0.0141  -0.0006 5   U   C C6    
395 P  P     . C   C 6 ? 0.1645 0.1830 0.1735 -0.0064 -0.0193 0.0104  6   C   C P     
396 O  OP1   . C   C 6 ? 0.2515 0.2422 0.1644 -0.0004 0.0308  0.0415  6   C   C OP1   
397 O  OP2   . C   C 6 ? 0.1938 0.1618 0.3351 -0.0381 0.0183  0.0407  6   C   C OP2   
398 O  "O5'" . C   C 6 ? 0.1991 0.1851 0.1608 -0.0136 -0.0265 0.0066  6   C   C "O5'" 
399 C  "C5'" . C   C 6 ? 0.1697 0.1976 0.1122 -0.0352 0.0105  0.0066  6   C   C "C5'" 
400 C  "C4'" . C   C 6 ? 0.1617 0.1412 0.1245 0.0032  -0.0397 -0.0013 6   C   C "C4'" 
401 O  "O4'" . C   C 6 ? 0.1604 0.1922 0.1192 -0.0418 -0.0520 -0.0015 6   C   C "O4'" 
402 C  "C3'" . C   C 6 ? 0.1602 0.1885 0.1082 0.0111  -0.0245 -0.0040 6   C   C "C3'" 
403 O  "O3'" . C   C 6 ? 0.1438 0.1605 0.1533 -0.0075 -0.0367 -0.0295 6   C   C "O3'" 
404 C  "C2'" . C   C 6 ? 0.1248 0.1832 0.1415 -0.0009 -0.0191 -0.0116 6   C   C "C2'" 
405 O  "O2'" . C   C 6 ? 0.1806 0.1913 0.0907 -0.0086 -0.0234 -0.0285 6   C   C "O2'" 
406 C  "C1'" . C   C 6 ? 0.1303 0.1608 0.1188 -0.0011 -0.0096 -0.0083 6   C   C "C1'" 
407 N  N1    . C   C 6 ? 0.0975 0.1798 0.1183 0.0015  -0.0347 -0.0251 6   C   C N1    
408 C  C2    . C   C 6 ? 0.0675 0.1793 0.1367 -0.0349 -0.0238 -0.0007 6   C   C C2    
409 O  O2    . C   C 6 ? 0.1279 0.1942 0.1122 -0.0312 -0.0284 -0.0030 6   C   C O2    
410 N  N3    . C   C 6 ? 0.1383 0.1729 0.1967 -0.0679 -0.0333 -0.0254 6   C   C N3    
411 C  C4    . C   C 6 ? 0.1290 0.1809 0.1682 -0.0520 -0.0584 -0.0255 6   C   C C4    
412 N  N4    . C   C 6 ? 0.1581 0.2189 0.2538 -0.0199 -0.0064 -0.0653 6   C   C N4    
413 C  C5    . C   C 6 ? 0.1287 0.1747 0.1577 -0.0409 -0.0710 -0.0302 6   C   C C5    
414 C  C6    . C   C 6 ? 0.1368 0.1701 0.1783 -0.0515 -0.0193 -0.0258 6   C   C C6    
415 P  P     . C   C 7 ? 0.1352 0.2097 0.2154 -0.0191 -0.0477 -0.0207 7   C   C P     
416 O  OP1   . C   C 7 ? 0.1399 0.2980 0.2444 0.0072  -0.0472 -0.0409 7   C   C OP1   
417 O  OP2   . C   C 7 ? 0.1609 0.2154 0.2691 -0.0622 -0.0912 -0.0102 7   C   C OP2   
418 O  "O5'" . C   C 7 ? 0.1442 0.2616 0.1974 0.0135  -0.0643 -0.0126 7   C   C "O5'" 
419 C  "C5'" . C   C 7 ? 0.1557 0.2588 0.2071 0.0150  0.0025  -0.0124 7   C   C "C5'" 
420 C  "C4'" . C   C 7 ? 0.2189 0.2475 0.2117 0.0018  -0.0043 -0.0328 7   C   C "C4'" 
421 O  "O4'" . C   C 7 ? 0.2123 0.3064 0.1337 0.0270  -0.0595 -0.0342 7   C   C "O4'" 
422 C  "C3'" . C   C 7 ? 0.1548 0.3015 0.2263 0.0582  -0.0266 -0.0533 7   C   C "C3'" 
423 O  "O3'" . C   C 7 ? 0.1733 0.4151 0.2230 0.1056  -0.0789 -0.0371 7   C   C "O3'" 
424 C  "C2'" . C   C 7 ? 0.1579 0.2383 0.2002 0.0236  -0.0493 -0.0290 7   C   C "C2'" 
425 O  "O2'" . C   C 7 ? 0.2478 0.2839 0.2900 0.0144  -0.0525 0.0290  7   C   C "O2'" 
426 C  "C1'" . C   C 7 ? 0.1376 0.2623 0.1233 0.0049  -0.0154 -0.0304 7   C   C "C1'" 
427 N  N1    . C   C 7 ? 0.1100 0.2752 0.1661 0.0149  -0.0196 -0.0461 7   C   C N1    
428 C  C2    . C   C 7 ? 0.0697 0.2276 0.1425 -0.0330 -0.0218 -0.0211 7   C   C C2    
429 O  O2    . C   C 7 ? 0.1725 0.2882 0.1193 -0.0012 0.0015  -0.0222 7   C   C O2    
430 N  N3    . C   C 7 ? 0.1526 0.2189 0.2045 -0.0485 -0.0588 -0.0166 7   C   C N3    
431 C  C4    . C   C 7 ? 0.1205 0.2303 0.1559 -0.0346 -0.0626 -0.0288 7   C   C C4    
432 N  N4    . C   C 7 ? 0.1508 0.2741 0.2403 -0.0105 -0.0575 -0.0368 7   C   C N4    
433 C  C5    . C   C 7 ? 0.1126 0.2604 0.1789 -0.0440 -0.0868 -0.0757 7   C   C C5    
434 C  C6    . C   C 7 ? 0.1760 0.2667 0.1320 -0.0191 -0.0698 -0.0683 7   C   C C6    
435 O  "O5'" . G   D 1 ? 0.3128 0.4252 0.4055 -0.0069 0.1103  -0.0973 8   G   D "O5'" 
436 C  "C5'" . G   D 1 ? 0.2933 0.4330 0.4336 0.0072  -0.0426 -0.0573 8   G   D "C5'" 
437 C  "C4'" . G   D 1 ? 0.2413 0.4478 0.3400 -0.0500 -0.0812 -0.1285 8   G   D "C4'" 
438 O  "O4'" . G   D 1 ? 0.2977 0.5080 0.2989 -0.1196 -0.0558 -0.1973 8   G   D "O4'" 
439 C  "C3'" . G   D 1 ? 0.2943 0.3425 0.1990 -0.0772 -0.0204 -0.0580 8   G   D "C3'" 
440 O  "O3'" . G   D 1 ? 0.3729 0.4433 0.1905 -0.1862 -0.0515 -0.0533 8   G   D "O3'" 
441 C  "C2'" . G   D 1 ? 0.2929 0.4135 0.2057 -0.0680 0.0335  -0.0579 8   G   D "C2'" 
442 O  "O2'" . G   D 1 ? 0.3769 0.4512 0.3516 -0.0944 -0.1959 -0.0135 8   G   D "O2'" 
443 C  "C1'" . G   D 1 ? 0.3137 0.2830 0.2560 -0.0361 -0.0771 -0.0479 8   G   D "C1'" 
444 N  N9    . G   D 1 ? 0.2699 0.3121 0.2254 -0.0423 0.0166  -0.0553 8   G   D N9    
445 C  C8    . G   D 1 ? 0.2039 0.2714 0.3001 -0.0660 -0.0421 -0.1070 8   G   D C8    
446 N  N7    . G   D 1 ? 0.0820 0.4051 0.3377 -0.0093 0.0404  -0.0521 8   G   D N7    
447 C  C5    . G   D 1 ? 0.1637 0.3668 0.2331 -0.0339 -0.0462 -0.0570 8   G   D C5    
448 C  C6    . G   D 1 ? 0.0818 0.2759 0.2229 -0.0760 -0.0123 -0.0162 8   G   D C6    
449 O  O6    . G   D 1 ? 0.1385 0.3210 0.2175 -0.0774 -0.0176 -0.0232 8   G   D O6    
450 N  N1    . G   D 1 ? 0.1204 0.2862 0.1757 -0.0650 -0.0019 -0.0240 8   G   D N1    
451 C  C2    . G   D 1 ? 0.1419 0.2869 0.1866 -0.0767 -0.0293 -0.0339 8   G   D C2    
452 N  N2    . G   D 1 ? 0.1337 0.3228 0.1719 -0.0389 0.0139  -0.0459 8   G   D N2    
453 N  N3    . G   D 1 ? 0.1755 0.3054 0.1793 -0.0489 -0.0610 -0.0674 8   G   D N3    
454 C  C4    . G   D 1 ? 0.1282 0.3183 0.2396 -0.0417 -0.0140 -0.0650 8   G   D C4    
455 P  P     . G   D 2 ? 0.1958 0.4171 0.3493 -0.0384 -0.0114 -0.0608 9   G   D P     
456 O  OP1   . G   D 2 ? 0.2182 0.7257 0.3148 -0.0119 0.0340  -0.0732 9   G   D OP1   
457 O  OP2   . G   D 2 ? 0.1468 0.4403 0.3252 -0.0041 -0.0489 0.0003  9   G   D OP2   
458 O  "O5'" . G   D 2 ? 0.2310 0.5305 0.2452 -0.0926 -0.0195 -0.1146 9   G   D "O5'" 
459 C  "C5'" . G   D 2 ? 0.3142 0.5714 0.2615 -0.0606 0.0541  -0.0499 9   G   D "C5'" 
460 C  "C4'" . G   D 2 ? 0.3901 0.4620 0.2745 -0.0876 0.0205  -0.0777 9   G   D "C4'" 
461 O  "O4'" . G   D 2 ? 0.3338 0.4637 0.0776 -0.0641 -0.0639 -0.0519 9   G   D "O4'" 
462 C  "C3'" . G   D 2 ? 0.3240 0.4731 0.2265 -0.0537 0.0657  -0.0338 9   G   D "C3'" 
463 O  "O3'" . G   D 2 ? 0.2436 0.4010 0.1795 0.0113  0.0079  -0.0358 9   G   D "O3'" 
464 C  "C2'" . G   D 2 ? 0.2315 0.3162 0.2147 -0.0445 -0.0194 -0.0629 9   G   D "C2'" 
465 O  "O2'" . G   D 2 ? 0.2300 0.3398 0.2879 0.0082  -0.0188 -0.0531 9   G   D "O2'" 
466 C  "C1'" . G   D 2 ? 0.1767 0.3065 0.0969 -0.0195 0.0043  -0.0635 9   G   D "C1'" 
467 N  N9    . G   D 2 ? 0.2048 0.2967 0.1103 -0.0445 -0.0460 -0.0713 9   G   D N9    
468 C  C8    . G   D 2 ? 0.1474 0.3090 0.1584 -0.0566 -0.0030 -0.0753 9   G   D C8    
469 N  N7    . G   D 2 ? 0.0683 0.3020 0.2036 -0.0681 -0.0096 -0.0369 9   G   D N7    
470 C  C5    . G   D 2 ? 0.1239 0.2662 0.2191 -0.0160 -0.0034 -0.0244 9   G   D C5    
471 C  C6    . G   D 2 ? 0.1051 0.2768 0.2321 -0.0083 -0.0119 -0.0135 9   G   D C6    
472 O  O6    . G   D 2 ? 0.1695 0.2485 0.1971 -0.0270 -0.0521 -0.0454 9   G   D O6    
473 N  N1    . G   D 2 ? 0.1359 0.2263 0.2208 -0.0571 -0.0699 -0.0366 9   G   D N1    
474 C  C2    . G   D 2 ? 0.0793 0.2290 0.1691 -0.0422 -0.0214 -0.0237 9   G   D C2    
475 N  N2    . G   D 2 ? 0.1533 0.2742 0.0920 -0.0290 -0.0257 -0.0148 9   G   D N2    
476 N  N3    . G   D 2 ? 0.1377 0.3014 0.1518 -0.0129 -0.0405 -0.0273 9   G   D N3    
477 C  C4    . G   D 2 ? 0.0741 0.2863 0.1150 -0.0295 -0.0209 -0.0102 9   G   D C4    
478 P  P     . A   D 3 ? 0.2570 0.3548 0.2044 -0.0231 0.0282  -0.0597 10  A   D P     
479 O  OP1   . A   D 3 ? 0.3894 0.5189 0.1932 -0.0973 0.1263  -0.0526 10  A   D OP1   
480 O  OP2   . A   D 3 ? 0.1790 0.3064 0.2385 -0.0302 0.0481  -0.1051 10  A   D OP2   
481 O  "O5'" . A   D 3 ? 0.1749 0.3146 0.1881 -0.0274 0.0172  -0.0473 10  A   D "O5'" 
482 C  "C5'" . A   D 3 ? 0.1726 0.2713 0.1659 -0.0671 0.0358  -0.0124 10  A   D "C5'" 
483 C  "C4'" . A   D 3 ? 0.2337 0.2514 0.1832 -0.0098 0.0565  -0.0231 10  A   D "C4'" 
484 O  "O4'" . A   D 3 ? 0.1801 0.2796 0.1343 -0.0249 -0.0443 0.0071  10  A   D "O4'" 
485 C  "C3'" . A   D 3 ? 0.2627 0.2323 0.2199 0.0066  0.0288  -0.0352 10  A   D "C3'" 
486 O  "O3'" . A   D 3 ? 0.3258 0.3104 0.1229 -0.0490 0.0345  -0.0060 10  A   D "O3'" 
487 C  "C2'" . A   D 3 ? 0.1823 0.1947 0.2135 0.0059  -0.0078 -0.0004 10  A   D "C2'" 
488 O  "O2'" . A   D 3 ? 0.2862 0.1623 0.1776 -0.0263 0.0166  0.0066  10  A   D "O2'" 
489 C  "C1'" . A   D 3 ? 0.1776 0.2191 0.1267 -0.0043 0.0182  -0.0039 10  A   D "C1'" 
490 N  N9    . A   D 3 ? 0.1159 0.2065 0.1104 -0.0225 -0.0002 -0.0063 10  A   D N9    
491 C  C8    . A   D 3 ? 0.1350 0.1961 0.1019 -0.0099 -0.0384 -0.0164 10  A   D C8    
492 N  N7    . A   D 3 ? 0.1087 0.1910 0.1355 -0.0342 -0.0022 -0.0144 10  A   D N7    
493 C  C5    . A   D 3 ? 0.0710 0.1779 0.1175 -0.0281 -0.0419 -0.0204 10  A   D C5    
494 C  C6    . A   D 3 ? 0.1137 0.1583 0.1145 0.0128  -0.0102 -0.0307 10  A   D C6    
495 N  N6    . A   D 3 ? 0.1153 0.1483 0.1500 -0.0278 -0.0143 -0.0324 10  A   D N6    
496 N  N1    . A   D 3 ? 0.1227 0.1355 0.1059 -0.0044 -0.0066 -0.0237 10  A   D N1    
497 C  C2    . A   D 3 ? 0.1292 0.1273 0.1249 -0.0148 -0.0129 -0.0022 10  A   D C2    
498 N  N3    . A   D 3 ? 0.1389 0.1461 0.1101 0.0114  0.0085  0.0052  10  A   D N3    
499 C  C4    . A   D 3 ? 0.0890 0.1891 0.1141 0.0045  -0.0105 -0.0090 10  A   D C4    
500 P  P     . G   D 4 ? 0.2751 0.4207 0.2133 -0.1516 0.0449  0.0092  11  G   D P     
501 O  OP1   . G   D 4 ? 0.4385 0.4376 0.2500 -0.2120 0.1080  0.0853  11  G   D OP1   
502 O  OP2   . G   D 4 ? 0.1538 0.6137 0.3902 0.0406  0.0355  -0.1150 11  G   D OP2   
503 O  "O5'" . G   D 4 ? 0.3186 0.3988 0.2073 -0.1890 0.0390  0.0179  11  G   D "O5'" 
504 C  "C5'" . G   D 4 ? 0.4101 0.2361 0.3120 -0.2083 0.0397  0.0400  11  G   D "C5'" 
505 C  "C4'" . G   D 4 ? 0.1610 0.1714 0.2979 -0.0421 -0.0192 0.0825  11  G   D "C4'" 
506 O  "O4'" . G   D 4 ? 0.1378 0.1989 0.2230 -0.0404 -0.0416 0.0836  11  G   D "O4'" 
507 C  "C3'" . G   D 4 ? 0.1408 0.1588 0.2074 -0.0151 0.0268  0.0538  11  G   D "C3'" 
508 O  "O3'" . G   D 4 ? 0.1694 0.1693 0.2286 -0.0079 -0.0143 0.0476  11  G   D "O3'" 
509 C  "C2'" . G   D 4 ? 0.1169 0.1924 0.1296 -0.0121 -0.0017 0.0168  11  G   D "C2'" 
510 O  "O2'" . G   D 4 ? 0.1386 0.1423 0.2193 0.0093  -0.0074 0.0110  11  G   D "O2'" 
511 C  "C1'" . G   D 4 ? 0.0673 0.2198 0.1374 -0.0229 0.0208  0.0510  11  G   D "C1'" 
512 N  N9    . G   D 4 ? 0.1224 0.2218 0.1590 0.0080  -0.0323 0.0358  11  G   D N9    
513 C  C8    . G   D 4 ? 0.0876 0.1691 0.1697 -0.0186 -0.0042 0.0288  11  G   D C8    
514 N  N7    . G   D 4 ? 0.1306 0.1905 0.1593 0.0020  -0.0274 0.0249  11  G   D N7    
515 C  C5    . G   D 4 ? 0.0968 0.1661 0.1427 -0.0692 -0.0268 -0.0043 11  G   D C5    
516 C  C6    . G   D 4 ? 0.0959 0.1602 0.1326 0.0017  -0.0367 -0.0092 11  G   D C6    
517 O  O6    . G   D 4 ? 0.1580 0.1741 0.1761 -0.0010 -0.0042 -0.0288 11  G   D O6    
518 N  N1    . G   D 4 ? 0.1109 0.1176 0.1376 -0.0329 -0.0215 -0.0044 11  G   D N1    
519 C  C2    . G   D 4 ? 0.0687 0.1095 0.1399 -0.0542 -0.0298 -0.0025 11  G   D C2    
520 N  N2    . G   D 4 ? 0.1254 0.0884 0.1479 -0.0255 -0.0149 0.0167  11  G   D N2    
521 N  N3    . G   D 4 ? 0.1215 0.1344 0.1442 -0.0011 0.0060  0.0406  11  G   D N3    
522 C  C4    . G   D 4 ? 0.0756 0.1752 0.1337 -0.0463 -0.0507 -0.0057 11  G   D C4    
523 P  P     . C   D 5 ? 0.1489 0.1959 0.2226 -0.0271 -0.0188 0.0130  12  C   D P     
524 O  OP1   . C   D 5 ? 0.2307 0.2145 0.3016 -0.0476 -0.0609 -0.0038 12  C   D OP1   
525 O  OP2   . C   D 5 ? 0.1367 0.2442 0.2425 -0.0173 -0.0196 0.0091  12  C   D OP2   
526 O  "O5'" . C   D 5 ? 0.1382 0.1390 0.1880 -0.0228 -0.0035 -0.0067 12  C   D "O5'" 
527 C  "C5'" . C   D 5 ? 0.1337 0.0926 0.1764 -0.0616 -0.0213 -0.0147 12  C   D "C5'" 
528 C  "C4'" . C   D 5 ? 0.1259 0.1371 0.1355 -0.0200 0.0135  -0.0053 12  C   D "C4'" 
529 O  "O4'" . C   D 5 ? 0.1438 0.1037 0.1949 -0.0186 -0.0135 0.0163  12  C   D "O4'" 
530 C  "C3'" . C   D 5 ? 0.2037 0.0926 0.2071 0.0110  -0.0167 -0.0106 12  C   D "C3'" 
531 O  "O3'" . C   D 5 ? 0.1983 0.1099 0.3289 -0.0497 -0.0104 -0.0216 12  C   D "O3'" 
532 C  "C2'" . C   D 5 ? 0.0984 0.1659 0.1533 -0.0247 -0.0274 -0.0168 12  C   D "C2'" 
533 O  "O2'" . C   D 5 ? 0.2463 0.1969 0.1747 -0.0093 0.0161  -0.0030 12  C   D "O2'" 
534 C  "C1'" . C   D 5 ? 0.0982 0.0877 0.1555 -0.0640 -0.0246 0.0198  12  C   D "C1'" 
535 N  N1    . C   D 5 ? 0.1145 0.1158 0.1650 -0.0183 -0.0270 0.0071  12  C   D N1    
536 C  C2    . C   D 5 ? 0.1058 0.1202 0.1524 -0.0067 -0.0486 0.0195  12  C   D C2    
537 O  O2    . C   D 5 ? 0.1410 0.0880 0.1447 0.0004  -0.0027 0.0004  12  C   D O2    
538 N  N3    . C   D 5 ? 0.1469 0.1243 0.1313 0.0013  0.0126  0.0340  12  C   D N3    
539 C  C4    . C   D 5 ? 0.1123 0.1797 0.1110 0.0132  -0.0095 -0.0003 12  C   D C4    
540 N  N4    . C   D 5 ? 0.1444 0.1447 0.1325 -0.0032 0.0225  -0.0002 12  C   D N4    
541 C  C5    . C   D 5 ? 0.1191 0.1888 0.1525 -0.0175 0.0197  0.0050  12  C   D C5    
542 C  C6    . C   D 5 ? 0.0794 0.1396 0.1777 -0.0099 -0.0024 0.0144  12  C   D C6    
543 P  P     . U   D 6 ? 0.1863 0.1874 0.3496 -0.0374 -0.0607 -0.0025 13  U   D P     
544 O  OP1   . U   D 6 ? 0.3526 0.2400 0.4769 -0.0031 -0.1733 -0.0577 13  U   D OP1   
545 O  OP2   . U   D 6 ? 0.1783 0.2826 0.3097 -0.0407 -0.0833 0.0361  13  U   D OP2   
546 O  "O5'" . U   D 6 ? 0.1400 0.1818 0.3030 -0.0376 -0.0826 -0.0321 13  U   D "O5'" 
547 C  "C5'" . U   D 6 ? 0.1713 0.3153 0.2966 -0.1067 -0.1761 0.0172  13  U   D "C5'" 
548 C  "C4'" . U   D 6 ? 0.1793 0.3068 0.3801 0.0222  -0.1053 0.0556  13  U   D "C4'" 
549 O  "O4'" . U   D 6 ? 0.3021 0.2477 0.3789 0.0397  -0.1698 0.0287  13  U   D "O4'" 
550 C  "C3'" . U   D 6 ? 0.2406 0.3711 0.5060 0.1212  -0.1040 0.0579  13  U   D "C3'" 
551 O  "O3'" . U   D 6 ? 0.2946 0.3732 0.4665 0.0023  -0.1510 0.0612  13  U   D "O3'" 
552 C  "C2'" . U   D 6 ? 0.1624 0.4643 0.3361 0.1445  0.1049  -0.0593 13  U   D "C2'" 
553 O  "O2'" . U   D 6 ? 0.4450 0.3643 0.7203 0.0873  -0.0919 0.0484  13  U   D "O2'" 
554 C  "C1'" . U   D 6 ? 0.2501 0.3887 0.3171 0.1017  -0.0596 0.0129  13  U   D "C1'" 
555 N  N1    . U   D 6 ? 0.2168 0.1902 0.3000 0.0398  -0.0722 0.0181  13  U   D N1    
556 C  C2    . U   D 6 ? 0.1927 0.2221 0.2973 0.0141  0.0507  -0.0280 13  U   D C2    
557 O  O2    . U   D 6 ? 0.3645 0.2324 0.4548 0.1188  -0.0344 0.0203  13  U   D O2    
558 N  N3    . U   D 6 ? 0.1946 0.3105 0.3261 0.0222  -0.0140 0.0063  13  U   D N3    
559 C  C4    . U   D 6 ? 0.1227 0.3395 0.2602 0.0242  0.0700  0.0256  13  U   D C4    
560 O  O4    . U   D 6 ? 0.2897 0.5793 0.2655 -0.0163 0.0702  0.0750  13  U   D O4    
561 C  C5    . U   D 6 ? 0.1980 0.3446 0.2744 -0.0109 -0.0022 0.0448  13  U   D C5    
562 C  C6    . U   D 6 ? 0.1887 0.2092 0.2704 -0.0424 -0.0092 0.0217  13  U   D C6    
563 P  P     . A   D 7 ? 0.3218 0.2905 0.5039 -0.0036 -0.0152 0.0556  14  A   D P     
564 O  OP1   . A   D 7 ? 0.5907 0.2788 0.8684 -0.1291 0.1453  -0.0045 14  A   D OP1   
565 O  OP2   . A   D 7 ? 0.4319 0.2471 0.4684 -0.0128 -0.0271 0.1046  14  A   D OP2   
566 O  "O5'" . A   D 7 ? 0.2249 0.3553 0.4730 -0.0001 -0.1040 0.0285  14  A   D "O5'" 
567 C  "C5'" . A   D 7 ? 0.1816 0.2884 0.4419 0.0342  -0.1031 0.0473  14  A   D "C5'" 
568 C  "C4'" . A   D 7 ? 0.3035 0.2519 0.2876 -0.0251 -0.0456 -0.0213 14  A   D "C4'" 
569 O  "O4'" . A   D 7 ? 0.1786 0.3414 0.3628 -0.0182 -0.0284 -0.0897 14  A   D "O4'" 
570 C  "C3'" . A   D 7 ? 0.3620 0.2039 0.4841 -0.0174 -0.1548 -0.0503 14  A   D "C3'" 
571 O  "O3'" . A   D 7 ? 0.5077 0.4197 0.4033 0.1869  -0.2242 -0.0482 14  A   D "O3'" 
572 C  "C2'" . A   D 7 ? 0.2414 0.2170 0.2710 -0.0555 -0.1069 -0.0292 14  A   D "C2'" 
573 O  "O2'" . A   D 7 ? 0.3508 0.3139 0.2198 0.0262  -0.0283 -0.0569 14  A   D "O2'" 
574 C  "C1'" . A   D 7 ? 0.1660 0.3260 0.2574 -0.0599 -0.0575 -0.0942 14  A   D "C1'" 
575 N  N9    . A   D 7 ? 0.2789 0.2516 0.2368 -0.0588 -0.0336 -0.0539 14  A   D N9    
576 C  C8    . A   D 7 ? 0.4564 0.3424 0.2960 -0.0130 0.0768  0.0069  14  A   D C8    
577 N  N7    . A   D 7 ? 0.4203 0.2111 0.2927 -0.0781 0.0558  0.0116  14  A   D N7    
578 C  C5    . A   D 7 ? 0.2106 0.2162 0.2519 -0.0014 -0.0474 0.0658  14  A   D C5    
579 C  C6    . A   D 7 ? 0.2343 0.2639 0.1906 -0.0652 -0.0416 0.0357  14  A   D C6    
580 N  N6    . A   D 7 ? 0.1762 0.3119 0.1807 -0.0290 -0.0651 -0.0102 14  A   D N6    
581 N  N1    . A   D 7 ? 0.1743 0.2348 0.1742 -0.0252 -0.0668 0.0339  14  A   D N1    
582 C  C2    . A   D 7 ? 0.2831 0.0883 0.2158 0.0077  0.0042  0.0828  14  A   D C2    
583 N  N3    . A   D 7 ? 0.1041 0.2202 0.1928 -0.0208 -0.0084 0.0093  14  A   D N3    
584 C  C4    . A   D 7 ? 0.2345 0.2138 0.2055 -0.0478 -0.0985 0.0010  14  A   D C4    
585 CO CO    . CO  E . ? 0.2023 0.5486 0.5625 0.0435  -0.0109 0.0251  101 CO  A CO    
586 O  O     . HOH F . ? 0.3097 0.6010 0.2188 0.0027  0.0104  -0.0177 201 HOH A O     
587 O  O     . HOH F . ? 0.4522 0.4867 0.2114 -0.0369 -0.0941 0.1079  202 HOH A O     
588 O  O     . HOH F . ? 0.5649 0.5233 0.3318 -0.0722 -0.1982 0.0284  203 HOH A O     
589 O  O     . HOH F . ? 0.2283 0.1828 0.2117 -0.0732 -0.0250 0.0217  204 HOH A O     
590 O  O     . HOH F . ? 0.5420 0.3013 0.3230 -0.1731 0.0965  -0.1207 205 HOH A O     
591 O  O     . HOH F . ? 0.3615 0.4024 0.4006 0.0081  -0.0113 0.0871  206 HOH A O     
592 O  O     . HOH F . ? 0.6060 0.3892 0.3852 -0.0143 -0.0673 -0.0789 207 HOH A O     
593 O  O     . HOH F . ? 0.2799 0.4553 0.4454 0.1196  0.1444  0.1028  208 HOH A O     
594 O  O     . HOH F . ? 0.5288 0.2371 0.2686 0.0932  -0.0410 -0.0057 209 HOH A O     
595 O  O     . HOH F . ? 0.7335 0.3799 0.2572 0.0084  0.0858  0.0483  210 HOH A O     
596 O  O     . HOH F . ? 0.2150 0.6683 0.4234 0.0590  0.0879  0.0761  211 HOH A O     
597 O  O     . HOH F . ? 0.2797 0.1437 0.1896 0.0339  -0.0188 -0.0113 212 HOH A O     
598 O  O     . HOH F . ? 0.3110 0.3449 0.4381 0.1607  0.0947  -0.0027 213 HOH A O     
599 O  O     . HOH F . ? 0.3426 0.2783 0.6176 0.0735  0.0655  0.0667  214 HOH A O     
600 O  O     . HOH F . ? 0.2765 0.3049 0.3842 0.0273  -0.0078 0.1640  215 HOH A O     
601 O  O     . HOH F . ? 0.2904 0.8042 0.5912 -0.0261 0.1930  0.1792  216 HOH A O     
602 O  O     . HOH F . ? 0.3826 0.3285 0.3840 0.0643  -0.1140 0.0667  217 HOH A O     
603 O  O     . HOH F . ? 0.2394 0.4750 0.6818 0.0807  0.0059  -0.1396 218 HOH A O     
604 O  O     . HOH F . ? 0.4523 0.4307 0.3661 0.0938  0.0152  0.0988  219 HOH A O     
605 O  O     . HOH F . ? 0.5103 0.3576 0.3010 -0.0199 -0.1147 0.0787  220 HOH A O     
606 O  O     . HOH F . ? 0.4681 0.2935 0.3937 0.1379  -0.0961 -0.1091 221 HOH A O     
607 O  O     . HOH F . ? 0.3723 0.4142 0.6212 0.0574  -0.1740 -0.1937 222 HOH A O     
608 O  O     . HOH F . ? 0.4546 0.4453 0.5748 0.2029  -0.0748 0.1392  223 HOH A O     
609 O  O     . HOH F . ? 0.3066 0.7580 0.4780 -0.1615 -0.0941 0.2025  224 HOH A O     
610 O  O     . HOH F . ? 0.7186 0.3636 0.2857 0.2115  -0.0188 -0.0784 225 HOH A O     
611 O  O     . HOH F . ? 0.2500 0.2320 0.2420 0.0289  -0.0499 -0.0276 226 HOH A O     
612 O  O     . HOH F . ? 0.1384 0.2990 0.0439 0.0113  -0.0150 0.0658  227 HOH A O     
613 O  O     . HOH F . ? 0.3549 0.3932 0.3952 -0.0869 -0.0988 0.1285  228 HOH A O     
614 O  O     . HOH F . ? 0.4204 0.3572 0.2392 -0.0704 -0.0713 -0.0810 229 HOH A O     
615 O  O     . HOH F . ? 0.3915 0.3119 0.4877 0.0977  0.2080  -0.1634 230 HOH A O     
616 O  O     . HOH F . ? 0.2330 0.8063 0.3982 0.0264  -0.1126 0.1916  231 HOH A O     
617 O  O     . HOH G . ? 0.4228 0.3348 0.4384 0.1055  -0.0402 0.0979  101 HOH B O     
618 O  O     . HOH G . ? 0.3971 0.3917 0.2413 0.1880  0.0086  -0.0793 102 HOH B O     
619 O  O     . HOH G . ? 0.3327 0.2683 0.1675 0.0204  -0.0462 -0.0020 103 HOH B O     
620 O  O     . HOH G . ? 0.6151 0.4247 0.3467 -0.0114 -0.1954 0.0026  104 HOH B O     
621 O  O     . HOH G . ? 0.5436 0.5580 0.3094 -0.0223 0.0262  0.0443  105 HOH B O     
622 O  O     . HOH G . ? 0.3898 0.3617 0.2587 -0.0969 0.0255  -0.0774 106 HOH B O     
623 O  O     . HOH G . ? 0.2302 0.4137 0.1933 0.0413  -0.0310 0.0570  107 HOH B O     
624 O  O     . HOH G . ? 0.3776 0.1699 0.2027 -0.0040 0.0112  0.0426  108 HOH B O     
625 O  O     . HOH G . ? 0.5632 0.3565 0.3861 0.2380  0.1463  -0.0131 109 HOH B O     
626 O  O     . HOH G . ? 0.3043 0.5529 0.2717 0.0044  -0.0699 -0.1501 110 HOH B O     
627 O  O     . HOH G . ? 0.4085 0.6264 0.7338 0.0668  -0.0832 0.3184  111 HOH B O     
628 O  O     . HOH G . ? 0.4748 0.2085 0.3432 0.0476  0.1445  -0.0125 112 HOH B O     
629 O  O     . HOH G . ? 0.4479 0.2892 0.2376 0.0899  0.0048  -0.0078 113 HOH B O     
630 O  O     . HOH G . ? 0.3167 0.4048 0.3554 0.0840  0.1709  0.0155  114 HOH B O     
631 O  O     . HOH G . ? 0.3628 0.5969 0.3979 -0.1602 -0.1181 -0.0003 115 HOH B O     
632 O  O     . HOH G . ? 0.3474 0.5844 0.6402 -0.2242 -0.1529 0.2667  116 HOH B O     
633 O  O     . HOH G . ? 0.5040 0.5433 0.3351 -0.1956 0.2807  -0.1157 117 HOH B O     
634 O  O     . HOH G . ? 0.6227 0.3565 0.5609 -0.1868 -0.0314 0.0738  118 HOH B O     
635 O  O     . HOH G . ? 0.3415 0.7082 0.3776 0.0751  0.0709  -0.1947 119 HOH B O     
636 O  O     . HOH G . ? 0.4085 0.3681 0.1490 -0.2840 0.0553  -0.0980 120 HOH B O     
637 O  O     . HOH G . ? 0.4382 0.7236 0.6084 -0.0218 0.0100  0.0090  121 HOH B O     
638 O  O     . HOH G . ? 0.0572 0.2398 0.4798 -0.0001 0.0011  0.0612  122 HOH B O     
639 O  O     . HOH G . ? 0.0857 0.4060 0.1596 -0.0217 0.0075  -0.2040 123 HOH B O     
640 O  O     . HOH G . ? 0.3450 0.5536 0.1600 -0.0308 -0.0625 -0.0069 124 HOH B O     
641 O  O     . HOH H . ? 0.1957 0.2531 0.1655 -0.0018 -0.0363 0.0445  101 HOH C O     
642 O  O     . HOH H . ? 0.3279 0.5395 0.2390 -0.0480 -0.0378 -0.0687 102 HOH C O     
643 O  O     . HOH H . ? 0.2742 0.3313 0.6473 -0.0386 -0.0385 -0.1256 103 HOH C O     
644 O  O     . HOH H . ? 0.3322 0.2493 0.2724 -0.0764 0.0378  -0.0641 104 HOH C O     
645 O  O     . HOH H . ? 0.4818 0.3149 0.2040 -0.0621 -0.1012 -0.0260 105 HOH C O     
646 O  O     . HOH H . ? 0.2871 0.3632 0.2846 -0.0792 -0.0534 0.0791  106 HOH C O     
647 O  O     . HOH H . ? 0.5707 0.2634 0.2080 -0.1011 -0.0340 0.0937  107 HOH C O     
648 O  O     . HOH H . ? 0.4269 0.4300 0.5503 0.1205  -0.0876 -0.0276 108 HOH C O     
649 O  O     . HOH H . ? 0.4441 0.2971 0.4683 -0.0493 0.0623  -0.1177 109 HOH C O     
650 O  O     . HOH H . ? 0.3436 0.5461 0.4704 -0.0423 -0.0201 0.0552  110 HOH C O     
651 O  O     . HOH H . ? 0.2349 0.2364 0.1732 0.0358  -0.0205 -0.0054 111 HOH C O     
652 O  O     . HOH H . ? 0.2848 0.1850 0.1761 0.0064  0.0234  -0.0295 112 HOH C O     
653 O  O     . HOH H . ? 0.4176 0.3160 0.5867 0.0262  -0.2892 0.0091  113 HOH C O     
654 O  O     . HOH H . ? 0.6573 0.2920 0.1562 0.0073  -0.0115 0.0055  114 HOH C O     
655 O  O     . HOH H . ? 0.6429 0.3379 0.4861 0.0429  0.0133  0.0471  115 HOH C O     
656 O  O     . HOH H . ? 0.1977 0.3782 0.4240 0.0927  -0.0019 0.1440  116 HOH C O     
657 O  O     . HOH H . ? 0.4164 0.4569 0.2810 -0.1246 -0.1271 -0.0161 117 HOH C O     
658 O  O     . HOH I . ? 0.4804 0.4691 0.5983 0.0484  0.0841  0.0433  101 HOH D O     
659 O  O     . HOH I . ? 0.4671 0.3172 0.4386 -0.0385 -0.1725 -0.0098 102 HOH D O     
660 O  O     . HOH I . ? 0.2971 0.6117 0.4100 -0.0869 0.0171  -0.2310 103 HOH D O     
661 O  O     . HOH I . ? 0.2436 0.6774 0.2006 0.0459  0.0081  -0.0415 104 HOH D O     
662 O  O     . HOH I . ? 0.5287 0.2939 0.4038 -0.0089 0.0264  0.0439  105 HOH D O     
663 O  O     . HOH I . ? 0.2559 0.2206 0.8441 0.0273  -0.1068 0.0093  106 HOH D O     
664 O  O     . HOH I . ? 0.4192 0.4592 0.3401 0.1061  -0.0765 0.0123  107 HOH D O     
665 O  O     . HOH I . ? 0.2909 0.3255 0.2744 -0.0090 -0.0328 0.0797  108 HOH D O     
666 O  O     . HOH I . ? 0.7616 0.3673 0.4095 0.1320  0.0000  0.0951  109 HOH D O     
667 O  O     . HOH I . ? 0.1702 0.4176 0.3508 0.0267  0.0031  0.1001  110 HOH D O     
668 O  O     . HOH I . ? 0.5592 0.3053 0.3391 0.0479  -0.2230 -0.0275 111 HOH D O     
669 O  O     . HOH I . ? 0.5750 0.4833 0.5764 0.0400  -0.1501 -0.3031 112 HOH D O     
670 O  O     . HOH I . ? 0.3935 0.4062 0.5099 0.0963  -0.1672 -0.0446 113 HOH D O     
671 O  O     . HOH I . ? 0.2859 0.4018 0.3073 -0.0005 -0.0390 -0.0805 114 HOH D O     
672 O  O     . HOH I . ? 0.3342 0.3849 0.2768 -0.0095 -0.1344 -0.0286 115 HOH D O     
# 
loop_
_pdbx_poly_seq_scheme.asym_id 
_pdbx_poly_seq_scheme.entity_id 
_pdbx_poly_seq_scheme.seq_id 
_pdbx_poly_seq_scheme.mon_id 
_pdbx_poly_seq_scheme.ndb_seq_num 
_pdbx_poly_seq_scheme.pdb_seq_num 
_pdbx_poly_seq_scheme.auth_seq_num 
_pdbx_poly_seq_scheme.pdb_mon_id 
_pdbx_poly_seq_scheme.auth_mon_id 
_pdbx_poly_seq_scheme.pdb_strand_id 
_pdbx_poly_seq_scheme.pdb_ins_code 
_pdbx_poly_seq_scheme.hetero 
A 1 1 U 1 1  1  U U A . n 
A 1 2 A 2 2  2  A A A . n 
A 1 3 G 3 3  3  G G A . n 
A 1 4 C 4 4  4  C C A . n 
A 1 5 U 5 5  5  U U A . n 
A 1 6 C 6 6  6  C C A . n 
A 1 7 C 7 7  7  C C A . n 
B 2 1 G 1 8  8  G G B . n 
B 2 2 G 2 9  9  G G B . n 
B 2 3 A 3 10 10 A A B . n 
B 2 4 G 4 11 11 G G B . n 
B 2 5 C 5 12 12 C C B . n 
B 2 6 U 6 13 13 U U B . n 
B 2 7 A 7 14 14 A A B . n 
C 1 1 U 1 1  1  U U C . n 
C 1 2 A 2 2  2  A A C . n 
C 1 3 G 3 3  3  G G C . n 
C 1 4 C 4 4  4  C C C . n 
C 1 5 U 5 5  5  U U C . n 
C 1 6 C 6 6  6  C C C . n 
C 1 7 C 7 7  7  C C C . n 
D 2 1 G 1 8  8  G G D . n 
D 2 2 G 2 9  9  G G D . n 
D 2 3 A 3 10 10 A A D . n 
D 2 4 G 4 11 11 G G D . n 
D 2 5 C 5 12 12 C C D . n 
D 2 6 U 6 13 13 U U D . n 
D 2 7 A 7 14 14 A A D . n 
# 
loop_
_pdbx_nonpoly_scheme.asym_id 
_pdbx_nonpoly_scheme.entity_id 
_pdbx_nonpoly_scheme.mon_id 
_pdbx_nonpoly_scheme.ndb_seq_num 
_pdbx_nonpoly_scheme.pdb_seq_num 
_pdbx_nonpoly_scheme.auth_seq_num 
_pdbx_nonpoly_scheme.pdb_mon_id 
_pdbx_nonpoly_scheme.auth_mon_id 
_pdbx_nonpoly_scheme.pdb_strand_id 
_pdbx_nonpoly_scheme.pdb_ins_code 
E 3 CO  1  101 21  CO  CO  A . 
F 4 HOH 1  201 108 HOH HOH A . 
F 4 HOH 2  202 115 HOH HOH A . 
F 4 HOH 3  203 122 HOH HOH A . 
F 4 HOH 4  204 102 HOH HOH A . 
F 4 HOH 5  205 104 HOH HOH A . 
F 4 HOH 6  206 105 HOH HOH A . 
F 4 HOH 7  207 130 HOH HOH A . 
F 4 HOH 8  208 117 HOH HOH A . 
F 4 HOH 9  209 107 HOH HOH A . 
F 4 HOH 10 210 118 HOH HOH A . 
F 4 HOH 11 211 123 HOH HOH A . 
F 4 HOH 12 212 101 HOH HOH A . 
F 4 HOH 13 213 103 HOH HOH A . 
F 4 HOH 14 214 109 HOH HOH A . 
F 4 HOH 15 215 112 HOH HOH A . 
F 4 HOH 16 216 125 HOH HOH A . 
F 4 HOH 17 217 106 HOH HOH A . 
F 4 HOH 18 218 124 HOH HOH A . 
F 4 HOH 19 219 111 HOH HOH A . 
F 4 HOH 20 220 110 HOH HOH A . 
F 4 HOH 21 221 121 HOH HOH A . 
F 4 HOH 22 222 119 HOH HOH A . 
F 4 HOH 23 223 129 HOH HOH A . 
F 4 HOH 24 224 118 HOH HOH A . 
F 4 HOH 25 225 116 HOH HOH A . 
F 4 HOH 26 226 114 HOH HOH A . 
F 4 HOH 27 227 127 HOH HOH A . 
F 4 HOH 28 228 113 HOH HOH A . 
F 4 HOH 29 229 128 HOH HOH A . 
F 4 HOH 30 230 126 HOH HOH A . 
F 4 HOH 31 231 120 HOH HOH A . 
G 4 HOH 1  101 105 HOH HOH B . 
G 4 HOH 2  102 113 HOH HOH B . 
G 4 HOH 3  103 101 HOH HOH B . 
G 4 HOH 4  104 120 HOH HOH B . 
G 4 HOH 5  105 124 HOH HOH B . 
G 4 HOH 6  106 109 HOH HOH B . 
G 4 HOH 7  107 102 HOH HOH B . 
G 4 HOH 8  108 103 HOH HOH B . 
G 4 HOH 9  109 110 HOH HOH B . 
G 4 HOH 10 110 111 HOH HOH B . 
G 4 HOH 11 111 108 HOH HOH B . 
G 4 HOH 12 112 107 HOH HOH B . 
G 4 HOH 13 113 104 HOH HOH B . 
G 4 HOH 14 114 106 HOH HOH B . 
G 4 HOH 15 115 115 HOH HOH B . 
G 4 HOH 16 116 116 HOH HOH B . 
G 4 HOH 17 117 117 HOH HOH B . 
G 4 HOH 18 118 119 HOH HOH B . 
G 4 HOH 19 119 114 HOH HOH B . 
G 4 HOH 20 120 122 HOH HOH B . 
G 4 HOH 21 121 125 HOH HOH B . 
G 4 HOH 22 122 121 HOH HOH B . 
G 4 HOH 23 123 112 HOH HOH B . 
G 4 HOH 24 124 123 HOH HOH B . 
H 4 HOH 1  101 101 HOH HOH C . 
H 4 HOH 2  102 109 HOH HOH C . 
H 4 HOH 3  103 113 HOH HOH C . 
H 4 HOH 4  104 104 HOH HOH C . 
H 4 HOH 5  105 106 HOH HOH C . 
H 4 HOH 6  106 107 HOH HOH C . 
H 4 HOH 7  107 105 HOH HOH C . 
H 4 HOH 8  108 112 HOH HOH C . 
H 4 HOH 9  109 108 HOH HOH C . 
H 4 HOH 10 110 114 HOH HOH C . 
H 4 HOH 11 111 102 HOH HOH C . 
H 4 HOH 12 112 103 HOH HOH C . 
H 4 HOH 13 113 110 HOH HOH C . 
H 4 HOH 14 114 111 HOH HOH C . 
H 4 HOH 15 115 117 HOH HOH C . 
H 4 HOH 16 116 116 HOH HOH C . 
H 4 HOH 17 117 115 HOH HOH C . 
I 4 HOH 1  101 114 HOH HOH D . 
I 4 HOH 2  102 104 HOH HOH D . 
I 4 HOH 3  103 110 HOH HOH D . 
I 4 HOH 4  104 102 HOH HOH D . 
I 4 HOH 5  105 107 HOH HOH D . 
I 4 HOH 6  106 106 HOH HOH D . 
I 4 HOH 7  107 108 HOH HOH D . 
I 4 HOH 8  108 103 HOH HOH D . 
I 4 HOH 9  109 105 HOH HOH D . 
I 4 HOH 10 110 101 HOH HOH D . 
I 4 HOH 11 111 111 HOH HOH D . 
I 4 HOH 12 112 109 HOH HOH D . 
I 4 HOH 13 113 115 HOH HOH D . 
I 4 HOH 14 114 112 HOH HOH D . 
I 4 HOH 15 115 113 HOH HOH D . 
# 
loop_
_pdbx_struct_assembly.id 
_pdbx_struct_assembly.details 
_pdbx_struct_assembly.method_details 
_pdbx_struct_assembly.oligomeric_details 
_pdbx_struct_assembly.oligomeric_count 
1 author_and_software_defined_assembly PISA dimeric 2 
2 author_and_software_defined_assembly PISA dimeric 2 
# 
loop_
_pdbx_struct_assembly_gen.assembly_id 
_pdbx_struct_assembly_gen.oper_expression 
_pdbx_struct_assembly_gen.asym_id_list 
1 1 A,B,E,F,G 
2 1 C,D,H,I   
# 
loop_
_pdbx_struct_assembly_prop.biol_id 
_pdbx_struct_assembly_prop.type 
_pdbx_struct_assembly_prop.value 
_pdbx_struct_assembly_prop.details 
1 'ABSA (A^2)' 720  ? 
1 MORE         -5   ? 
1 'SSA (A^2)'  2800 ? 
2 'ABSA (A^2)' 800  ? 
2 MORE         -9   ? 
2 'SSA (A^2)'  2870 ? 
# 
_pdbx_struct_oper_list.id                   1 
_pdbx_struct_oper_list.type                 'identity operation' 
_pdbx_struct_oper_list.name                 1_555 
_pdbx_struct_oper_list.symmetry_operation   x,y,z 
_pdbx_struct_oper_list.matrix[1][1]         1.0000000000 
_pdbx_struct_oper_list.matrix[1][2]         0.0000000000 
_pdbx_struct_oper_list.matrix[1][3]         0.0000000000 
_pdbx_struct_oper_list.vector[1]            0.0000000000 
_pdbx_struct_oper_list.matrix[2][1]         0.0000000000 
_pdbx_struct_oper_list.matrix[2][2]         1.0000000000 
_pdbx_struct_oper_list.matrix[2][3]         0.0000000000 
_pdbx_struct_oper_list.vector[2]            0.0000000000 
_pdbx_struct_oper_list.matrix[3][1]         0.0000000000 
_pdbx_struct_oper_list.matrix[3][2]         0.0000000000 
_pdbx_struct_oper_list.matrix[3][3]         1.0000000000 
_pdbx_struct_oper_list.vector[3]            0.0000000000 
# 
loop_
_pdbx_struct_conn_angle.id 
_pdbx_struct_conn_angle.ptnr1_label_atom_id 
_pdbx_struct_conn_angle.ptnr1_label_alt_id 
_pdbx_struct_conn_angle.ptnr1_label_asym_id 
_pdbx_struct_conn_angle.ptnr1_label_comp_id 
_pdbx_struct_conn_angle.ptnr1_label_seq_id 
_pdbx_struct_conn_angle.ptnr1_auth_atom_id 
_pdbx_struct_conn_angle.ptnr1_auth_asym_id 
_pdbx_struct_conn_angle.ptnr1_auth_comp_id 
_pdbx_struct_conn_angle.ptnr1_auth_seq_id 
_pdbx_struct_conn_angle.ptnr1_PDB_ins_code 
_pdbx_struct_conn_angle.ptnr1_symmetry 
_pdbx_struct_conn_angle.ptnr2_label_atom_id 
_pdbx_struct_conn_angle.ptnr2_label_alt_id 
_pdbx_struct_conn_angle.ptnr2_label_asym_id 
_pdbx_struct_conn_angle.ptnr2_label_comp_id 
_pdbx_struct_conn_angle.ptnr2_label_seq_id 
_pdbx_struct_conn_angle.ptnr2_auth_atom_id 
_pdbx_struct_conn_angle.ptnr2_auth_asym_id 
_pdbx_struct_conn_angle.ptnr2_auth_comp_id 
_pdbx_struct_conn_angle.ptnr2_auth_seq_id 
_pdbx_struct_conn_angle.ptnr2_PDB_ins_code 
_pdbx_struct_conn_angle.ptnr2_symmetry 
_pdbx_struct_conn_angle.ptnr3_label_atom_id 
_pdbx_struct_conn_angle.ptnr3_label_alt_id 
_pdbx_struct_conn_angle.ptnr3_label_asym_id 
_pdbx_struct_conn_angle.ptnr3_label_comp_id 
_pdbx_struct_conn_angle.ptnr3_label_seq_id 
_pdbx_struct_conn_angle.ptnr3_auth_atom_id 
_pdbx_struct_conn_angle.ptnr3_auth_asym_id 
_pdbx_struct_conn_angle.ptnr3_auth_comp_id 
_pdbx_struct_conn_angle.ptnr3_auth_seq_id 
_pdbx_struct_conn_angle.ptnr3_PDB_ins_code 
_pdbx_struct_conn_angle.ptnr3_symmetry 
_pdbx_struct_conn_angle.value 
_pdbx_struct_conn_angle.value_esd 
1 O ? F HOH . ? A HOH 223 ? 1_555 CO ? E CO . ? A CO 101 ? 1_555 O ? F HOH . ? A HOH 228 ? 1_555 86.6  ? 
2 O ? F HOH . ? A HOH 223 ? 1_555 CO ? E CO . ? A CO 101 ? 1_555 O ? F HOH . ? A HOH 230 ? 1_555 94.8  ? 
3 O ? F HOH . ? A HOH 228 ? 1_555 CO ? E CO . ? A CO 101 ? 1_555 O ? F HOH . ? A HOH 230 ? 1_555 79.3  ? 
4 O ? F HOH . ? A HOH 223 ? 1_555 CO ? E CO . ? A CO 101 ? 1_555 O ? F HOH . ? A HOH 231 ? 1_555 169.5 ? 
5 O ? F HOH . ? A HOH 228 ? 1_555 CO ? E CO . ? A CO 101 ? 1_555 O ? F HOH . ? A HOH 231 ? 1_555 97.3  ? 
6 O ? F HOH . ? A HOH 230 ? 1_555 CO ? E CO . ? A CO 101 ? 1_555 O ? F HOH . ? A HOH 231 ? 1_555 95.5  ? 
# 
loop_
_pdbx_audit_revision_history.ordinal 
_pdbx_audit_revision_history.data_content_type 
_pdbx_audit_revision_history.major_revision 
_pdbx_audit_revision_history.minor_revision 
_pdbx_audit_revision_history.revision_date 
1 'Structure model' 1 0 2017-10-11 
2 'Structure model' 1 1 2023-10-04 
# 
_pdbx_audit_revision_details.ordinal             1 
_pdbx_audit_revision_details.revision_ordinal    1 
_pdbx_audit_revision_details.data_content_type   'Structure model' 
_pdbx_audit_revision_details.provider            repository 
_pdbx_audit_revision_details.type                'Initial release' 
_pdbx_audit_revision_details.description         ? 
_pdbx_audit_revision_details.details             ? 
# 
loop_
_pdbx_audit_revision_group.ordinal 
_pdbx_audit_revision_group.revision_ordinal 
_pdbx_audit_revision_group.data_content_type 
_pdbx_audit_revision_group.group 
1 2 'Structure model' 'Data collection'        
2 2 'Structure model' 'Database references'    
3 2 'Structure model' 'Derived calculations'   
4 2 'Structure model' 'Refinement description' 
# 
loop_
_pdbx_audit_revision_category.ordinal 
_pdbx_audit_revision_category.revision_ordinal 
_pdbx_audit_revision_category.data_content_type 
_pdbx_audit_revision_category.category 
1 2 'Structure model' chem_comp_atom                
2 2 'Structure model' chem_comp_bond                
3 2 'Structure model' database_2                    
4 2 'Structure model' pdbx_initial_refinement_model 
5 2 'Structure model' pdbx_struct_conn_angle        
6 2 'Structure model' struct_conn                   
# 
loop_
_pdbx_audit_revision_item.ordinal 
_pdbx_audit_revision_item.revision_ordinal 
_pdbx_audit_revision_item.data_content_type 
_pdbx_audit_revision_item.item 
1 2 'Structure model' '_database_2.pdbx_DOI'                      
2 2 'Structure model' '_database_2.pdbx_database_accession'       
3 2 'Structure model' '_pdbx_struct_conn_angle.ptnr1_auth_seq_id' 
4 2 'Structure model' '_pdbx_struct_conn_angle.ptnr3_auth_seq_id' 
5 2 'Structure model' '_pdbx_struct_conn_angle.value'             
6 2 'Structure model' '_struct_conn.pdbx_dist_value'              
7 2 'Structure model' '_struct_conn.ptnr2_auth_seq_id'            
# 
loop_
_software.citation_id 
_software.classification 
_software.compiler_name 
_software.compiler_version 
_software.contact_author 
_software.contact_author_email 
_software.date 
_software.description 
_software.dependencies 
_software.hardware 
_software.language 
_software.location 
_software.mods 
_software.name 
_software.os 
_software.os_version 
_software.type 
_software.version 
_software.pdbx_ordinal 
? refinement       ? ? ? ? ? ? ? ? ? ? ? REFMAC   ? ? ? 5.8.0103 1 
? 'data reduction' ? ? ? ? ? ? ? ? ? ? ? HKL-2000 ? ? ? .        2 
? 'data scaling'   ? ? ? ? ? ? ? ? ? ? ? HKL-2000 ? ? ? .        3 
? phasing          ? ? ? ? ? ? ? ? ? ? ? PHASER   ? ? ? .        4 
# 
_pdbx_validate_rmsd_bond.id                        1 
_pdbx_validate_rmsd_bond.PDB_model_num             1 
_pdbx_validate_rmsd_bond.auth_atom_id_1            "O5'" 
_pdbx_validate_rmsd_bond.auth_asym_id_1            D 
_pdbx_validate_rmsd_bond.auth_comp_id_1            G 
_pdbx_validate_rmsd_bond.auth_seq_id_1             11 
_pdbx_validate_rmsd_bond.PDB_ins_code_1            ? 
_pdbx_validate_rmsd_bond.label_alt_id_1            ? 
_pdbx_validate_rmsd_bond.auth_atom_id_2            "C5'" 
_pdbx_validate_rmsd_bond.auth_asym_id_2            D 
_pdbx_validate_rmsd_bond.auth_comp_id_2            G 
_pdbx_validate_rmsd_bond.auth_seq_id_2             11 
_pdbx_validate_rmsd_bond.PDB_ins_code_2            ? 
_pdbx_validate_rmsd_bond.label_alt_id_2            ? 
_pdbx_validate_rmsd_bond.bond_value                1.361 
_pdbx_validate_rmsd_bond.bond_target_value         1.420 
_pdbx_validate_rmsd_bond.bond_deviation            -0.059 
_pdbx_validate_rmsd_bond.bond_standard_deviation   0.009 
_pdbx_validate_rmsd_bond.linker_flag               N 
# 
loop_
_pdbx_validate_rmsd_angle.id 
_pdbx_validate_rmsd_angle.PDB_model_num 
_pdbx_validate_rmsd_angle.auth_atom_id_1 
_pdbx_validate_rmsd_angle.auth_asym_id_1 
_pdbx_validate_rmsd_angle.auth_comp_id_1 
_pdbx_validate_rmsd_angle.auth_seq_id_1 
_pdbx_validate_rmsd_angle.PDB_ins_code_1 
_pdbx_validate_rmsd_angle.label_alt_id_1 
_pdbx_validate_rmsd_angle.auth_atom_id_2 
_pdbx_validate_rmsd_angle.auth_asym_id_2 
_pdbx_validate_rmsd_angle.auth_comp_id_2 
_pdbx_validate_rmsd_angle.auth_seq_id_2 
_pdbx_validate_rmsd_angle.PDB_ins_code_2 
_pdbx_validate_rmsd_angle.label_alt_id_2 
_pdbx_validate_rmsd_angle.auth_atom_id_3 
_pdbx_validate_rmsd_angle.auth_asym_id_3 
_pdbx_validate_rmsd_angle.auth_comp_id_3 
_pdbx_validate_rmsd_angle.auth_seq_id_3 
_pdbx_validate_rmsd_angle.PDB_ins_code_3 
_pdbx_validate_rmsd_angle.label_alt_id_3 
_pdbx_validate_rmsd_angle.angle_value 
_pdbx_validate_rmsd_angle.angle_target_value 
_pdbx_validate_rmsd_angle.angle_deviation 
_pdbx_validate_rmsd_angle.angle_standard_deviation 
_pdbx_validate_rmsd_angle.linker_flag 
1 1 "O5'" C C 6  ? ? "C5'" C C 6  ? ? "C4'" C C 6  ? ? 103.70 109.40 -5.70 0.80 N 
2 1 "O5'" D G 11 ? ? P     D G 11 ? ? OP2   D G 11 ? ? 96.31  105.70 -9.39 0.90 N 
# 
_pdbx_distant_solvent_atoms.id                                1 
_pdbx_distant_solvent_atoms.PDB_model_num                     1 
_pdbx_distant_solvent_atoms.auth_atom_id                      O 
_pdbx_distant_solvent_atoms.label_alt_id                      ? 
_pdbx_distant_solvent_atoms.auth_asym_id                      A 
_pdbx_distant_solvent_atoms.auth_comp_id                      HOH 
_pdbx_distant_solvent_atoms.auth_seq_id                       231 
_pdbx_distant_solvent_atoms.PDB_ins_code                      ? 
_pdbx_distant_solvent_atoms.neighbor_macromolecule_distance   6.66 
_pdbx_distant_solvent_atoms.neighbor_ligand_distance          . 
# 
loop_
_chem_comp_atom.comp_id 
_chem_comp_atom.atom_id 
_chem_comp_atom.type_symbol 
_chem_comp_atom.pdbx_aromatic_flag 
_chem_comp_atom.pdbx_stereo_config 
_chem_comp_atom.pdbx_ordinal 
A   OP3    O  N N 1   
A   P      P  N N 2   
A   OP1    O  N N 3   
A   OP2    O  N N 4   
A   "O5'"  O  N N 5   
A   "C5'"  C  N N 6   
A   "C4'"  C  N R 7   
A   "O4'"  O  N N 8   
A   "C3'"  C  N S 9   
A   "O3'"  O  N N 10  
A   "C2'"  C  N R 11  
A   "O2'"  O  N N 12  
A   "C1'"  C  N R 13  
A   N9     N  Y N 14  
A   C8     C  Y N 15  
A   N7     N  Y N 16  
A   C5     C  Y N 17  
A   C6     C  Y N 18  
A   N6     N  N N 19  
A   N1     N  Y N 20  
A   C2     C  Y N 21  
A   N3     N  Y N 22  
A   C4     C  Y N 23  
A   HOP3   H  N N 24  
A   HOP2   H  N N 25  
A   "H5'"  H  N N 26  
A   "H5''" H  N N 27  
A   "H4'"  H  N N 28  
A   "H3'"  H  N N 29  
A   "HO3'" H  N N 30  
A   "H2'"  H  N N 31  
A   "HO2'" H  N N 32  
A   "H1'"  H  N N 33  
A   H8     H  N N 34  
A   H61    H  N N 35  
A   H62    H  N N 36  
A   H2     H  N N 37  
C   OP3    O  N N 38  
C   P      P  N N 39  
C   OP1    O  N N 40  
C   OP2    O  N N 41  
C   "O5'"  O  N N 42  
C   "C5'"  C  N N 43  
C   "C4'"  C  N R 44  
C   "O4'"  O  N N 45  
C   "C3'"  C  N S 46  
C   "O3'"  O  N N 47  
C   "C2'"  C  N R 48  
C   "O2'"  O  N N 49  
C   "C1'"  C  N R 50  
C   N1     N  N N 51  
C   C2     C  N N 52  
C   O2     O  N N 53  
C   N3     N  N N 54  
C   C4     C  N N 55  
C   N4     N  N N 56  
C   C5     C  N N 57  
C   C6     C  N N 58  
C   HOP3   H  N N 59  
C   HOP2   H  N N 60  
C   "H5'"  H  N N 61  
C   "H5''" H  N N 62  
C   "H4'"  H  N N 63  
C   "H3'"  H  N N 64  
C   "HO3'" H  N N 65  
C   "H2'"  H  N N 66  
C   "HO2'" H  N N 67  
C   "H1'"  H  N N 68  
C   H41    H  N N 69  
C   H42    H  N N 70  
C   H5     H  N N 71  
C   H6     H  N N 72  
CO  CO     CO N N 73  
G   OP3    O  N N 74  
G   P      P  N N 75  
G   OP1    O  N N 76  
G   OP2    O  N N 77  
G   "O5'"  O  N N 78  
G   "C5'"  C  N N 79  
G   "C4'"  C  N R 80  
G   "O4'"  O  N N 81  
G   "C3'"  C  N S 82  
G   "O3'"  O  N N 83  
G   "C2'"  C  N R 84  
G   "O2'"  O  N N 85  
G   "C1'"  C  N R 86  
G   N9     N  Y N 87  
G   C8     C  Y N 88  
G   N7     N  Y N 89  
G   C5     C  Y N 90  
G   C6     C  N N 91  
G   O6     O  N N 92  
G   N1     N  N N 93  
G   C2     C  N N 94  
G   N2     N  N N 95  
G   N3     N  N N 96  
G   C4     C  Y N 97  
G   HOP3   H  N N 98  
G   HOP2   H  N N 99  
G   "H5'"  H  N N 100 
G   "H5''" H  N N 101 
G   "H4'"  H  N N 102 
G   "H3'"  H  N N 103 
G   "HO3'" H  N N 104 
G   "H2'"  H  N N 105 
G   "HO2'" H  N N 106 
G   "H1'"  H  N N 107 
G   H8     H  N N 108 
G   H1     H  N N 109 
G   H21    H  N N 110 
G   H22    H  N N 111 
HOH O      O  N N 112 
HOH H1     H  N N 113 
HOH H2     H  N N 114 
U   OP3    O  N N 115 
U   P      P  N N 116 
U   OP1    O  N N 117 
U   OP2    O  N N 118 
U   "O5'"  O  N N 119 
U   "C5'"  C  N N 120 
U   "C4'"  C  N R 121 
U   "O4'"  O  N N 122 
U   "C3'"  C  N S 123 
U   "O3'"  O  N N 124 
U   "C2'"  C  N R 125 
U   "O2'"  O  N N 126 
U   "C1'"  C  N R 127 
U   N1     N  N N 128 
U   C2     C  N N 129 
U   O2     O  N N 130 
U   N3     N  N N 131 
U   C4     C  N N 132 
U   O4     O  N N 133 
U   C5     C  N N 134 
U   C6     C  N N 135 
U   HOP3   H  N N 136 
U   HOP2   H  N N 137 
U   "H5'"  H  N N 138 
U   "H5''" H  N N 139 
U   "H4'"  H  N N 140 
U   "H3'"  H  N N 141 
U   "HO3'" H  N N 142 
U   "H2'"  H  N N 143 
U   "HO2'" H  N N 144 
U   "H1'"  H  N N 145 
U   H3     H  N N 146 
U   H5     H  N N 147 
U   H6     H  N N 148 
# 
loop_
_chem_comp_bond.comp_id 
_chem_comp_bond.atom_id_1 
_chem_comp_bond.atom_id_2 
_chem_comp_bond.value_order 
_chem_comp_bond.pdbx_aromatic_flag 
_chem_comp_bond.pdbx_stereo_config 
_chem_comp_bond.pdbx_ordinal 
A   OP3   P      sing N N 1   
A   OP3   HOP3   sing N N 2   
A   P     OP1    doub N N 3   
A   P     OP2    sing N N 4   
A   P     "O5'"  sing N N 5   
A   OP2   HOP2   sing N N 6   
A   "O5'" "C5'"  sing N N 7   
A   "C5'" "C4'"  sing N N 8   
A   "C5'" "H5'"  sing N N 9   
A   "C5'" "H5''" sing N N 10  
A   "C4'" "O4'"  sing N N 11  
A   "C4'" "C3'"  sing N N 12  
A   "C4'" "H4'"  sing N N 13  
A   "O4'" "C1'"  sing N N 14  
A   "C3'" "O3'"  sing N N 15  
A   "C3'" "C2'"  sing N N 16  
A   "C3'" "H3'"  sing N N 17  
A   "O3'" "HO3'" sing N N 18  
A   "C2'" "O2'"  sing N N 19  
A   "C2'" "C1'"  sing N N 20  
A   "C2'" "H2'"  sing N N 21  
A   "O2'" "HO2'" sing N N 22  
A   "C1'" N9     sing N N 23  
A   "C1'" "H1'"  sing N N 24  
A   N9    C8     sing Y N 25  
A   N9    C4     sing Y N 26  
A   C8    N7     doub Y N 27  
A   C8    H8     sing N N 28  
A   N7    C5     sing Y N 29  
A   C5    C6     sing Y N 30  
A   C5    C4     doub Y N 31  
A   C6    N6     sing N N 32  
A   C6    N1     doub Y N 33  
A   N6    H61    sing N N 34  
A   N6    H62    sing N N 35  
A   N1    C2     sing Y N 36  
A   C2    N3     doub Y N 37  
A   C2    H2     sing N N 38  
A   N3    C4     sing Y N 39  
C   OP3   P      sing N N 40  
C   OP3   HOP3   sing N N 41  
C   P     OP1    doub N N 42  
C   P     OP2    sing N N 43  
C   P     "O5'"  sing N N 44  
C   OP2   HOP2   sing N N 45  
C   "O5'" "C5'"  sing N N 46  
C   "C5'" "C4'"  sing N N 47  
C   "C5'" "H5'"  sing N N 48  
C   "C5'" "H5''" sing N N 49  
C   "C4'" "O4'"  sing N N 50  
C   "C4'" "C3'"  sing N N 51  
C   "C4'" "H4'"  sing N N 52  
C   "O4'" "C1'"  sing N N 53  
C   "C3'" "O3'"  sing N N 54  
C   "C3'" "C2'"  sing N N 55  
C   "C3'" "H3'"  sing N N 56  
C   "O3'" "HO3'" sing N N 57  
C   "C2'" "O2'"  sing N N 58  
C   "C2'" "C1'"  sing N N 59  
C   "C2'" "H2'"  sing N N 60  
C   "O2'" "HO2'" sing N N 61  
C   "C1'" N1     sing N N 62  
C   "C1'" "H1'"  sing N N 63  
C   N1    C2     sing N N 64  
C   N1    C6     sing N N 65  
C   C2    O2     doub N N 66  
C   C2    N3     sing N N 67  
C   N3    C4     doub N N 68  
C   C4    N4     sing N N 69  
C   C4    C5     sing N N 70  
C   N4    H41    sing N N 71  
C   N4    H42    sing N N 72  
C   C5    C6     doub N N 73  
C   C5    H5     sing N N 74  
C   C6    H6     sing N N 75  
G   OP3   P      sing N N 76  
G   OP3   HOP3   sing N N 77  
G   P     OP1    doub N N 78  
G   P     OP2    sing N N 79  
G   P     "O5'"  sing N N 80  
G   OP2   HOP2   sing N N 81  
G   "O5'" "C5'"  sing N N 82  
G   "C5'" "C4'"  sing N N 83  
G   "C5'" "H5'"  sing N N 84  
G   "C5'" "H5''" sing N N 85  
G   "C4'" "O4'"  sing N N 86  
G   "C4'" "C3'"  sing N N 87  
G   "C4'" "H4'"  sing N N 88  
G   "O4'" "C1'"  sing N N 89  
G   "C3'" "O3'"  sing N N 90  
G   "C3'" "C2'"  sing N N 91  
G   "C3'" "H3'"  sing N N 92  
G   "O3'" "HO3'" sing N N 93  
G   "C2'" "O2'"  sing N N 94  
G   "C2'" "C1'"  sing N N 95  
G   "C2'" "H2'"  sing N N 96  
G   "O2'" "HO2'" sing N N 97  
G   "C1'" N9     sing N N 98  
G   "C1'" "H1'"  sing N N 99  
G   N9    C8     sing Y N 100 
G   N9    C4     sing Y N 101 
G   C8    N7     doub Y N 102 
G   C8    H8     sing N N 103 
G   N7    C5     sing Y N 104 
G   C5    C6     sing N N 105 
G   C5    C4     doub Y N 106 
G   C6    O6     doub N N 107 
G   C6    N1     sing N N 108 
G   N1    C2     sing N N 109 
G   N1    H1     sing N N 110 
G   C2    N2     sing N N 111 
G   C2    N3     doub N N 112 
G   N2    H21    sing N N 113 
G   N2    H22    sing N N 114 
G   N3    C4     sing N N 115 
HOH O     H1     sing N N 116 
HOH O     H2     sing N N 117 
U   OP3   P      sing N N 118 
U   OP3   HOP3   sing N N 119 
U   P     OP1    doub N N 120 
U   P     OP2    sing N N 121 
U   P     "O5'"  sing N N 122 
U   OP2   HOP2   sing N N 123 
U   "O5'" "C5'"  sing N N 124 
U   "C5'" "C4'"  sing N N 125 
U   "C5'" "H5'"  sing N N 126 
U   "C5'" "H5''" sing N N 127 
U   "C4'" "O4'"  sing N N 128 
U   "C4'" "C3'"  sing N N 129 
U   "C4'" "H4'"  sing N N 130 
U   "O4'" "C1'"  sing N N 131 
U   "C3'" "O3'"  sing N N 132 
U   "C3'" "C2'"  sing N N 133 
U   "C3'" "H3'"  sing N N 134 
U   "O3'" "HO3'" sing N N 135 
U   "C2'" "O2'"  sing N N 136 
U   "C2'" "C1'"  sing N N 137 
U   "C2'" "H2'"  sing N N 138 
U   "O2'" "HO2'" sing N N 139 
U   "C1'" N1     sing N N 140 
U   "C1'" "H1'"  sing N N 141 
U   N1    C2     sing N N 142 
U   N1    C6     sing N N 143 
U   C2    O2     doub N N 144 
U   C2    N3     sing N N 145 
U   N3    C4     sing N N 146 
U   N3    H3     sing N N 147 
U   C4    O4     doub N N 148 
U   C4    C5     sing N N 149 
U   C5    C6     doub N N 150 
U   C5    H5     sing N N 151 
U   C6    H6     sing N N 152 
# 
loop_
_ndb_struct_conf_na.entry_id 
_ndb_struct_conf_na.feature 
5TKO 'double helix'        
5TKO 'a-form double helix' 
# 
loop_
_ndb_struct_na_base_pair.model_number 
_ndb_struct_na_base_pair.i_label_asym_id 
_ndb_struct_na_base_pair.i_label_comp_id 
_ndb_struct_na_base_pair.i_label_seq_id 
_ndb_struct_na_base_pair.i_symmetry 
_ndb_struct_na_base_pair.j_label_asym_id 
_ndb_struct_na_base_pair.j_label_comp_id 
_ndb_struct_na_base_pair.j_label_seq_id 
_ndb_struct_na_base_pair.j_symmetry 
_ndb_struct_na_base_pair.shear 
_ndb_struct_na_base_pair.stretch 
_ndb_struct_na_base_pair.stagger 
_ndb_struct_na_base_pair.buckle 
_ndb_struct_na_base_pair.propeller 
_ndb_struct_na_base_pair.opening 
_ndb_struct_na_base_pair.pair_number 
_ndb_struct_na_base_pair.pair_name 
_ndb_struct_na_base_pair.i_auth_asym_id 
_ndb_struct_na_base_pair.i_auth_seq_id 
_ndb_struct_na_base_pair.i_PDB_ins_code 
_ndb_struct_na_base_pair.j_auth_asym_id 
_ndb_struct_na_base_pair.j_auth_seq_id 
_ndb_struct_na_base_pair.j_PDB_ins_code 
_ndb_struct_na_base_pair.hbond_type_28 
_ndb_struct_na_base_pair.hbond_type_12 
1 A A 2 1_555 B U 6 1_555 -2.205 2.063  0.356  3.054  -1.576  111.867  1  A_A2:U13_B A 2  ? B 13 ? ?  ? 
1 A G 3 1_555 B C 5 1_555 -0.128 -0.105 0.110  5.263  -5.885  -2.441   2  A_G3:C12_B A 3  ? B 12 ? 19 1 
1 A C 4 1_555 B G 4 1_555 0.198  -0.075 -0.083 8.890  -7.593  -0.906   3  A_C4:G11_B A 4  ? B 11 ? 19 1 
1 A U 5 1_555 B A 3 1_555 0.009  -0.112 -0.147 11.321 -7.238  1.677    4  A_U5:A10_B A 5  ? B 10 ? 20 1 
1 A C 6 1_555 B G 2 1_555 0.287  -0.087 -0.095 6.610  -14.311 2.759    5  A_C6:G9_B  A 6  ? B 9  ? 19 1 
1 A C 7 1_555 B G 1 1_555 0.312  -0.124 -0.049 5.557  -3.516  0.238    6  A_C7:G8_B  A 7  ? B 8  ? 19 1 
1 D G 1 1_555 C C 7 1_555 -0.363 -0.167 -0.079 -6.452 -0.947  -0.990   7  D_G8:C7_C  D 8  ? C 7  ? 19 1 
1 D G 2 1_555 C C 6 1_555 -0.298 -0.048 0.111  -4.136 -7.607  2.273    8  D_G9:C6_C  D 9  ? C 6  ? 19 1 
1 D A 3 1_555 C U 5 1_555 0.080  -0.088 0.115  4.018  -8.941  4.941    9  D_A10:U5_C D 10 ? C 5  ? 20 1 
1 D G 4 1_555 C C 4 1_555 -0.236 -0.067 -0.171 -8.442 -14.194 2.852    10 D_G11:C4_C D 11 ? C 4  ? 19 1 
1 D C 5 1_555 C G 3 1_555 0.175  -0.093 -0.088 -2.016 -4.602  -0.477   11 D_C12:G3_C D 12 ? C 3  ? 19 1 
1 D U 6 1_555 C A 2 1_555 2.229  -2.750 -0.598 5.795  2.788   -104.676 12 D_U13:A2_C D 13 ? C 2  ? ?  ? 
# 
loop_
_ndb_struct_na_base_pair_step.model_number 
_ndb_struct_na_base_pair_step.i_label_asym_id_1 
_ndb_struct_na_base_pair_step.i_label_comp_id_1 
_ndb_struct_na_base_pair_step.i_label_seq_id_1 
_ndb_struct_na_base_pair_step.i_symmetry_1 
_ndb_struct_na_base_pair_step.j_label_asym_id_1 
_ndb_struct_na_base_pair_step.j_label_comp_id_1 
_ndb_struct_na_base_pair_step.j_label_seq_id_1 
_ndb_struct_na_base_pair_step.j_symmetry_1 
_ndb_struct_na_base_pair_step.i_label_asym_id_2 
_ndb_struct_na_base_pair_step.i_label_comp_id_2 
_ndb_struct_na_base_pair_step.i_label_seq_id_2 
_ndb_struct_na_base_pair_step.i_symmetry_2 
_ndb_struct_na_base_pair_step.j_label_asym_id_2 
_ndb_struct_na_base_pair_step.j_label_comp_id_2 
_ndb_struct_na_base_pair_step.j_label_seq_id_2 
_ndb_struct_na_base_pair_step.j_symmetry_2 
_ndb_struct_na_base_pair_step.shift 
_ndb_struct_na_base_pair_step.slide 
_ndb_struct_na_base_pair_step.rise 
_ndb_struct_na_base_pair_step.tilt 
_ndb_struct_na_base_pair_step.roll 
_ndb_struct_na_base_pair_step.twist 
_ndb_struct_na_base_pair_step.x_displacement 
_ndb_struct_na_base_pair_step.y_displacement 
_ndb_struct_na_base_pair_step.helical_rise 
_ndb_struct_na_base_pair_step.inclination 
_ndb_struct_na_base_pair_step.tip 
_ndb_struct_na_base_pair_step.helical_twist 
_ndb_struct_na_base_pair_step.step_number 
_ndb_struct_na_base_pair_step.step_name 
_ndb_struct_na_base_pair_step.i_auth_asym_id_1 
_ndb_struct_na_base_pair_step.i_auth_seq_id_1 
_ndb_struct_na_base_pair_step.i_PDB_ins_code_1 
_ndb_struct_na_base_pair_step.j_auth_asym_id_1 
_ndb_struct_na_base_pair_step.j_auth_seq_id_1 
_ndb_struct_na_base_pair_step.j_PDB_ins_code_1 
_ndb_struct_na_base_pair_step.i_auth_asym_id_2 
_ndb_struct_na_base_pair_step.i_auth_seq_id_2 
_ndb_struct_na_base_pair_step.i_PDB_ins_code_2 
_ndb_struct_na_base_pair_step.j_auth_asym_id_2 
_ndb_struct_na_base_pair_step.j_auth_seq_id_2 
_ndb_struct_na_base_pair_step.j_PDB_ins_code_2 
1 A A 2 1_555 B U 6 1_555 A G 3 1_555 B C 5 1_555 -2.917 -1.620 -1.689 110.654 -131.389 -30.098 0.368  -1.836 0.178 68.021 57.287 
-172.059 1  AA_A2G3:C12U13_BB A 2  ? B 13 ? A 3  ? B 12 ? 
1 A G 3 1_555 B C 5 1_555 A C 4 1_555 B G 4 1_555 0.221  -1.976 3.273  0.190   1.309    31.975  -3.818 -0.367 3.192 2.375  -0.346 
32.002   2  AA_G3C4:G11C12_BB A 3  ? B 12 ? A 4  ? B 11 ? 
1 A C 4 1_555 B G 4 1_555 A U 5 1_555 B A 3 1_555 -0.897 -2.071 3.275  -3.596  5.398    23.731  -6.445 1.052  2.843 12.822 8.543  
24.589   3  AA_C4U5:A10G11_BB A 4  ? B 11 ? A 5  ? B 10 ? 
1 A U 5 1_555 B A 3 1_555 A C 6 1_555 B G 2 1_555 0.700  -1.788 3.293  0.198   6.367    36.642  -3.620 -1.072 2.956 10.034 -0.312 
37.173   4  AA_U5C6:G9A10_BB  A 5  ? B 10 ? A 6  ? B 9  ? 
1 A C 6 1_555 B G 2 1_555 A C 7 1_555 B G 1 1_555 -0.627 -1.963 3.275  -1.127  7.328    29.982  -5.021 0.973  2.750 13.899 2.138  
30.865   5  AA_C6C7:G8G9_BB   A 6  ? B 9  ? A 7  ? B 8  ? 
1 A C 7 1_555 B G 1 1_555 D G 1 1_555 C C 7 1_555 -0.183 -3.761 3.625  0.242   1.865    -18.568 10.434 -0.414 3.982 -5.760 0.746  
-18.663  6  AD_C7G8:C7G8_CB   A 7  ? B 8  ? D 8  ? C 7  ? 
1 D G 1 1_555 C C 7 1_555 D G 2 1_555 C C 6 1_555 0.605  -2.294 3.180  0.443   3.033    30.660  -4.875 -1.057 2.953 5.718  -0.835 
30.809   7  DD_G8G9:C6C7_CC   D 8  ? C 7  ? D 9  ? C 6  ? 
1 D G 2 1_555 C C 6 1_555 D A 3 1_555 C U 5 1_555 -0.554 -2.052 3.063  -0.587  4.128    26.048  -5.479 1.075  2.722 9.084  1.291  
26.374   8  DD_G9A10:U5C6_CC  D 9  ? C 6  ? D 10 ? C 5  ? 
1 D A 3 1_555 C U 5 1_555 D G 4 1_555 C C 4 1_555 0.892  -2.312 3.520  4.574   10.633   29.662  -6.127 -0.808 2.659 19.844 -8.537 
31.794   9  DD_A10G11:C4U5_CC D 10 ? C 5  ? D 11 ? C 4  ? 
1 D G 4 1_555 C C 4 1_555 D C 5 1_555 C G 3 1_555 -0.739 -2.397 3.152  -1.703  1.226    28.718  -5.081 1.122  3.086 2.468  3.428  
28.793   10 DD_G11C12:G3C4_CC D 11 ? C 4  ? D 12 ? C 3  ? 
1 D C 5 1_555 C G 3 1_555 D U 6 1_555 C A 2 1_555 0.352  -1.905 3.380  6.384   -0.302   97.377  -1.261 -0.124 3.397 -0.201 -4.246 
97.534   11 DD_C12U13:A2G3_CC D 12 ? C 3  ? D 13 ? C 2  ? 
# 
loop_
_pdbx_entity_nonpoly.entity_id 
_pdbx_entity_nonpoly.name 
_pdbx_entity_nonpoly.comp_id 
3 'COBALT (II) ION' CO  
4 water             HOH 
# 
_pdbx_initial_refinement_model.id               1 
_pdbx_initial_refinement_model.entity_id_list   ? 
_pdbx_initial_refinement_model.type             'experimental model' 
_pdbx_initial_refinement_model.source_name      PDB 
_pdbx_initial_refinement_model.accession_code   4U37 
_pdbx_initial_refinement_model.details          ? 
# 
